data_7C1C
#
_entry.id   7C1C
#
_cell.length_a   61.618
_cell.length_b   105.512
_cell.length_c   125.487
_cell.angle_alpha   90.000
_cell.angle_beta   94.960
_cell.angle_gamma   90.000
#
_symmetry.space_group_name_H-M   'P 1 21 1'
#
loop_
_entity.id
_entity.type
_entity.pdbx_description
1 polymer 'Fumarate hydratase class II'
2 non-polymer GLYCEROL
3 water water
#
_entity_poly.entity_id   1
_entity_poly.type   'polypeptide(L)'
_entity_poly.pdbx_seq_one_letter_code
;GAMTAFRIEKDTMGEVQVPADKYWAAQTERSRNNFKIGPAASMPHEIIEAFGYLKKAAAFANTDLGVLPAEKRDLIGQAC
DEILARKLDDQFPLVIWQTGSGTQSNMNLNEVIANRAHVINGGKLGEKSIIHPNDDVNKSQSSNDTYPTAMHIAAYKKVV
EATIPAVERLQKTLAAKAAEFKDVVKIGRTHLMDATPLTLGQEFSGYAAQLSFGLTAIKNTLPHLRQLALGGTAVGTGLN
TPKGYDVKVAEYIAKFTGLPFITAENKFEALATHDAIVETHGALKQVAMSLFKIANDIRLLASGPRSGIGEILIPENEPG
SSIMPGKVNPTQCEAMTMVAAQVLGNDTTISFAGSQGHFELNVFKPVMAANFLQSAQLIADVCISFDEHCATGIQPNTPR
IQHLLDSSLMLVTALNTHIGYENAAKIAKTAHKNGTTLREEAINLGLVSAEDFDKWVVPADMVGSLK
;
_entity_poly.pdbx_strand_id   A,B,C,D
#
loop_
_chem_comp.id
_chem_comp.type
_chem_comp.name
_chem_comp.formula
GOL non-polymer GLYCEROL 'C3 H8 O3'
#
# COMPACT_ATOMS: atom_id res chain seq x y z
N ALA A 5 -40.33 -14.22 16.78
CA ALA A 5 -40.83 -15.56 16.44
C ALA A 5 -40.02 -16.15 15.29
N PHE A 6 -40.11 -17.44 15.10
CA PHE A 6 -39.30 -18.20 14.13
C PHE A 6 -40.15 -19.23 13.45
N ARG A 7 -39.68 -19.65 12.28
CA ARG A 7 -40.20 -20.82 11.56
C ARG A 7 -39.00 -21.69 11.20
N ILE A 8 -39.20 -22.99 11.07
CA ILE A 8 -38.10 -23.89 10.68
C ILE A 8 -38.07 -23.93 9.15
N GLU A 9 -36.90 -23.68 8.59
CA GLU A 9 -36.57 -23.95 7.18
C GLU A 9 -35.42 -24.97 7.18
N LYS A 10 -35.25 -25.65 6.06
CA LYS A 10 -34.25 -26.74 5.96
C LYS A 10 -33.35 -26.49 4.76
N ASP A 11 -32.10 -26.89 4.88
CA ASP A 11 -31.19 -27.04 3.71
C ASP A 11 -30.65 -28.46 3.79
N THR A 12 -29.66 -28.76 2.96
CA THR A 12 -29.14 -30.15 2.91
C THR A 12 -28.36 -30.48 4.18
N MET A 13 -28.08 -29.52 5.06
CA MET A 13 -27.35 -29.77 6.31
C MET A 13 -28.30 -29.90 7.51
N GLY A 14 -29.54 -29.49 7.38
CA GLY A 14 -30.46 -29.62 8.53
C GLY A 14 -31.41 -28.48 8.68
N GLU A 15 -32.05 -28.44 9.84
CA GLU A 15 -33.12 -27.48 10.16
C GLU A 15 -32.53 -26.26 10.82
N VAL A 16 -33.12 -25.09 10.51
CA VAL A 16 -32.64 -23.77 10.96
C VAL A 16 -33.84 -22.91 11.35
N GLN A 17 -33.80 -22.28 12.52
CA GLN A 17 -34.85 -21.30 12.91
C GLN A 17 -34.66 -19.98 12.17
N VAL A 18 -35.63 -19.59 11.35
CA VAL A 18 -35.57 -18.35 10.53
C VAL A 18 -36.60 -17.38 11.09
N PRO A 19 -36.25 -16.08 11.21
CA PRO A 19 -37.23 -15.07 11.60
C PRO A 19 -38.50 -15.20 10.76
N ALA A 20 -39.61 -15.30 11.48
CA ALA A 20 -40.83 -15.92 10.96
C ALA A 20 -41.37 -15.13 9.77
N ASP A 21 -41.19 -13.80 9.76
CA ASP A 21 -41.83 -12.95 8.72
C ASP A 21 -40.86 -12.66 7.57
N LYS A 22 -39.61 -13.14 7.66
CA LYS A 22 -38.60 -12.85 6.63
C LYS A 22 -38.73 -13.83 5.46
N TYR A 23 -38.46 -13.34 4.25
CA TYR A 23 -38.56 -14.18 3.05
C TYR A 23 -37.28 -14.99 2.82
N TRP A 24 -36.21 -14.73 3.56
CA TRP A 24 -35.02 -15.60 3.41
C TRP A 24 -35.26 -16.96 4.07
N ALA A 25 -34.31 -17.89 3.93
CA ALA A 25 -34.52 -19.25 4.48
C ALA A 25 -33.23 -19.75 5.16
N ALA A 26 -32.98 -21.05 5.13
CA ALA A 26 -32.01 -21.67 6.06
C ALA A 26 -30.62 -21.12 5.79
N GLN A 27 -30.20 -21.07 4.52
CA GLN A 27 -28.77 -20.75 4.28
C GLN A 27 -28.51 -19.28 4.58
N THR A 28 -29.44 -18.37 4.26
CA THR A 28 -29.25 -16.96 4.63
C THR A 28 -29.15 -16.86 6.14
N GLU A 29 -30.03 -17.57 6.87
CA GLU A 29 -30.02 -17.45 8.33
C GLU A 29 -28.73 -18.06 8.92
N ARG A 30 -28.23 -19.15 8.39
CA ARG A 30 -26.92 -19.68 8.85
C ARG A 30 -25.87 -18.56 8.70
N SER A 31 -25.80 -17.95 7.51
CA SER A 31 -24.77 -16.90 7.25
C SER A 31 -24.94 -15.74 8.21
N ARG A 32 -26.18 -15.32 8.42
CA ARG A 32 -26.44 -14.18 9.31
C ARG A 32 -25.87 -14.48 10.70
N ASN A 33 -25.99 -15.72 11.15
CA ASN A 33 -25.55 -16.08 12.53
C ASN A 33 -24.08 -16.46 12.56
N ASN A 34 -23.53 -17.02 11.48
CA ASN A 34 -22.17 -17.58 11.50
C ASN A 34 -21.09 -16.52 11.18
N PHE A 35 -21.47 -15.34 10.65
CA PHE A 35 -20.51 -14.31 10.22
C PHE A 35 -20.93 -13.00 10.88
N LYS A 36 -20.83 -12.93 12.19
CA LYS A 36 -21.15 -11.69 12.95
C LYS A 36 -19.93 -10.78 12.90
N ILE A 37 -19.70 -10.20 11.72
CA ILE A 37 -18.43 -9.49 11.46
C ILE A 37 -18.77 -8.15 10.87
N GLY A 38 -18.50 -7.08 11.60
CA GLY A 38 -18.87 -5.72 11.20
C GLY A 38 -20.38 -5.54 11.32
N PRO A 39 -20.89 -4.40 10.84
CA PRO A 39 -22.32 -4.10 10.97
C PRO A 39 -23.18 -5.01 10.09
N ALA A 40 -24.41 -5.29 10.52
CA ALA A 40 -25.34 -6.12 9.71
C ALA A 40 -25.52 -5.53 8.33
N ALA A 41 -25.78 -6.42 7.37
CA ALA A 41 -26.31 -6.08 6.06
C ALA A 41 -25.29 -5.23 5.30
N SER A 42 -24.00 -5.48 5.50
CA SER A 42 -22.95 -4.63 4.89
C SER A 42 -22.74 -4.97 3.41
N MET A 43 -23.24 -6.11 2.94
CA MET A 43 -23.02 -6.42 1.50
C MET A 43 -23.61 -5.29 0.69
N PRO A 44 -22.87 -4.66 -0.26
CA PRO A 44 -23.40 -3.46 -0.90
C PRO A 44 -24.73 -3.64 -1.60
N HIS A 45 -25.62 -2.66 -1.41
CA HIS A 45 -26.93 -2.76 -2.09
C HIS A 45 -26.75 -2.80 -3.61
N GLU A 46 -25.70 -2.24 -4.18
CA GLU A 46 -25.48 -2.31 -5.65
C GLU A 46 -25.24 -3.75 -6.08
N ILE A 47 -24.66 -4.59 -5.24
CA ILE A 47 -24.51 -6.03 -5.59
C ILE A 47 -25.89 -6.68 -5.59
N ILE A 48 -26.71 -6.44 -4.55
CA ILE A 48 -28.09 -7.00 -4.51
C ILE A 48 -28.85 -6.58 -5.79
N GLU A 49 -28.77 -5.30 -6.16
CA GLU A 49 -29.46 -4.77 -7.37
C GLU A 49 -28.98 -5.53 -8.62
N ALA A 50 -27.66 -5.70 -8.76
CA ALA A 50 -27.06 -6.40 -9.91
C ALA A 50 -27.54 -7.84 -9.96
N PHE A 51 -27.68 -8.47 -8.79
CA PHE A 51 -28.28 -9.81 -8.65
C PHE A 51 -29.73 -9.83 -9.14
N GLY A 52 -30.49 -8.78 -8.86
CA GLY A 52 -31.88 -8.74 -9.34
C GLY A 52 -31.93 -8.74 -10.84
N TYR A 53 -31.04 -7.99 -11.45
CA TYR A 53 -30.94 -7.98 -12.94
C TYR A 53 -30.57 -9.36 -13.45
N LEU A 54 -29.54 -9.97 -12.90
CA LEU A 54 -28.96 -11.20 -13.52
C LEU A 54 -29.85 -12.40 -13.23
N LYS A 55 -30.53 -12.44 -12.08
CA LYS A 55 -31.44 -13.57 -11.77
C LYS A 55 -32.64 -13.51 -12.73
N LYS A 56 -33.12 -12.30 -13.01
CA LYS A 56 -34.26 -12.15 -13.95
C LYS A 56 -33.79 -12.58 -15.33
N ALA A 57 -32.59 -12.15 -15.73
CA ALA A 57 -32.02 -12.50 -17.04
C ALA A 57 -31.86 -14.02 -17.18
N ALA A 58 -31.36 -14.68 -16.13
CA ALA A 58 -31.15 -16.13 -16.16
C ALA A 58 -32.51 -16.85 -16.37
N ALA A 59 -33.56 -16.43 -15.67
CA ALA A 59 -34.87 -17.06 -15.80
C ALA A 59 -35.34 -16.86 -17.24
N PHE A 60 -35.17 -15.65 -17.77
CA PHE A 60 -35.66 -15.41 -19.16
C PHE A 60 -34.88 -16.28 -20.14
N ALA A 61 -33.56 -16.35 -20.00
CA ALA A 61 -32.74 -17.16 -20.90
C ALA A 61 -33.12 -18.63 -20.77
N ASN A 62 -33.29 -19.10 -19.54
CA ASN A 62 -33.64 -20.51 -19.28
C ASN A 62 -34.99 -20.86 -19.92
N THR A 63 -35.96 -19.94 -19.87
CA THR A 63 -37.27 -20.26 -20.48
C THR A 63 -37.11 -20.29 -22.02
N ASP A 64 -36.38 -19.34 -22.58
CA ASP A 64 -36.19 -19.34 -24.05
C ASP A 64 -35.51 -20.63 -24.47
N LEU A 65 -34.62 -21.20 -23.65
CA LEU A 65 -33.82 -22.37 -24.06
C LEU A 65 -34.48 -23.67 -23.55
N GLY A 66 -35.72 -23.57 -23.08
CA GLY A 66 -36.62 -24.71 -22.87
C GLY A 66 -36.36 -25.49 -21.59
N VAL A 67 -35.62 -24.92 -20.61
CA VAL A 67 -35.33 -25.68 -19.37
C VAL A 67 -36.06 -25.11 -18.15
N LEU A 68 -36.80 -24.00 -18.27
CA LEU A 68 -37.60 -23.40 -17.18
C LEU A 68 -38.99 -23.08 -17.73
N PRO A 69 -40.05 -23.53 -17.08
CA PRO A 69 -41.38 -23.13 -17.55
C PRO A 69 -41.63 -21.62 -17.44
N ALA A 70 -42.33 -21.04 -18.41
CA ALA A 70 -42.66 -19.61 -18.41
C ALA A 70 -43.37 -19.19 -17.13
N GLU A 71 -44.17 -20.07 -16.52
CA GLU A 71 -44.94 -19.68 -15.31
C GLU A 71 -43.95 -19.39 -14.17
N LYS A 72 -42.87 -20.15 -14.13
CA LYS A 72 -41.85 -19.94 -13.06
C LYS A 72 -41.00 -18.72 -13.41
N ARG A 73 -40.69 -18.51 -14.68
CA ARG A 73 -39.96 -17.30 -15.11
C ARG A 73 -40.74 -16.05 -14.64
N ASP A 74 -42.04 -16.05 -14.87
CA ASP A 74 -42.85 -14.84 -14.62
C ASP A 74 -42.82 -14.54 -13.12
N LEU A 75 -42.91 -15.56 -12.27
CA LEU A 75 -42.91 -15.31 -10.82
C LEU A 75 -41.53 -14.83 -10.35
N ILE A 76 -40.50 -15.47 -10.87
CA ILE A 76 -39.10 -15.04 -10.59
C ILE A 76 -38.92 -13.59 -11.00
N GLY A 77 -39.36 -13.21 -12.22
CA GLY A 77 -39.26 -11.83 -12.70
C GLY A 77 -40.00 -10.85 -11.82
N GLN A 78 -41.19 -11.23 -11.35
CA GLN A 78 -41.98 -10.31 -10.51
C GLN A 78 -41.20 -10.05 -9.21
N ALA A 79 -40.60 -11.10 -8.65
CA ALA A 79 -39.86 -10.93 -7.38
C ALA A 79 -38.58 -10.12 -7.63
N CYS A 80 -37.92 -10.37 -8.74
CA CYS A 80 -36.71 -9.58 -9.12
C CYS A 80 -37.07 -8.12 -9.34
N ASP A 81 -38.23 -7.84 -9.93
CA ASP A 81 -38.67 -6.44 -10.10
C ASP A 81 -38.88 -5.78 -8.74
N GLU A 82 -39.38 -6.52 -7.75
CA GLU A 82 -39.56 -5.93 -6.41
C GLU A 82 -38.19 -5.61 -5.82
N ILE A 83 -37.19 -6.49 -6.03
CA ILE A 83 -35.84 -6.19 -5.49
C ILE A 83 -35.31 -4.92 -6.16
N LEU A 84 -35.46 -4.81 -7.48
CA LEU A 84 -34.96 -3.67 -8.29
C LEU A 84 -35.69 -2.39 -7.86
N ALA A 85 -36.96 -2.49 -7.47
CA ALA A 85 -37.78 -1.34 -7.09
C ALA A 85 -37.58 -1.02 -5.59
N ARG A 86 -36.63 -1.68 -4.93
CA ARG A 86 -36.22 -1.38 -3.53
C ARG A 86 -37.38 -1.64 -2.56
N LYS A 87 -38.16 -2.68 -2.81
CA LYS A 87 -39.29 -3.07 -1.94
C LYS A 87 -38.88 -4.14 -0.93
N LEU A 88 -37.70 -4.77 -1.09
CA LEU A 88 -37.32 -5.95 -0.28
C LEU A 88 -35.95 -5.70 0.39
N ASP A 89 -35.60 -4.46 0.67
CA ASP A 89 -34.22 -4.19 1.15
C ASP A 89 -33.99 -4.89 2.49
N ASP A 90 -35.02 -5.01 3.32
CA ASP A 90 -34.93 -5.64 4.63
C ASP A 90 -34.83 -7.18 4.53
N GLN A 91 -34.71 -7.76 3.35
CA GLN A 91 -34.59 -9.23 3.14
C GLN A 91 -33.16 -9.66 2.89
N PHE A 92 -32.23 -8.72 3.00
CA PHE A 92 -30.79 -8.98 2.68
C PHE A 92 -29.93 -8.56 3.84
N PRO A 93 -29.74 -9.48 4.81
CA PRO A 93 -29.08 -9.15 6.06
C PRO A 93 -27.58 -9.47 6.14
N LEU A 94 -27.02 -10.03 5.08
CA LEU A 94 -25.65 -10.62 5.12
C LEU A 94 -24.57 -9.56 5.02
N VAL A 95 -23.41 -9.95 5.48
CA VAL A 95 -22.22 -9.09 5.51
C VAL A 95 -21.30 -9.35 4.31
N ILE A 96 -20.40 -8.41 4.08
CA ILE A 96 -19.25 -8.54 3.15
C ILE A 96 -18.49 -9.78 3.55
N TRP A 97 -18.17 -9.89 4.85
CA TRP A 97 -17.13 -10.77 5.44
C TRP A 97 -17.72 -12.17 5.64
N GLN A 98 -18.27 -12.70 4.57
CA GLN A 98 -18.88 -14.04 4.53
C GLN A 98 -17.91 -14.99 3.78
N THR A 99 -18.43 -16.06 3.24
CA THR A 99 -17.63 -16.89 2.31
C THR A 99 -17.11 -15.98 1.17
N GLY A 100 -15.89 -16.28 0.71
CA GLY A 100 -15.21 -15.43 -0.27
C GLY A 100 -15.74 -15.53 -1.66
N SER A 101 -16.64 -16.45 -1.95
CA SER A 101 -17.26 -16.53 -3.31
C SER A 101 -18.57 -15.75 -3.31
N GLY A 102 -19.11 -15.38 -2.17
CA GLY A 102 -20.46 -14.80 -2.11
C GLY A 102 -21.54 -15.84 -2.28
N THR A 103 -21.27 -17.12 -2.05
CA THR A 103 -22.32 -18.20 -2.09
C THR A 103 -23.53 -17.78 -1.24
N GLN A 104 -23.27 -17.28 -0.04
CA GLN A 104 -24.34 -17.02 0.96
C GLN A 104 -25.24 -15.91 0.43
N SER A 105 -24.68 -14.87 -0.17
CA SER A 105 -25.53 -13.83 -0.82
C SER A 105 -26.24 -14.36 -2.07
N ASN A 106 -25.60 -15.22 -2.86
CA ASN A 106 -26.31 -15.88 -3.98
C ASN A 106 -27.51 -16.63 -3.44
N MET A 107 -27.34 -17.41 -2.40
CA MET A 107 -28.43 -18.17 -1.79
C MET A 107 -29.45 -17.24 -1.12
N ASN A 108 -29.05 -16.08 -0.63
CA ASN A 108 -29.99 -15.06 -0.11
C ASN A 108 -30.93 -14.63 -1.23
N LEU A 109 -30.39 -14.35 -2.41
CA LEU A 109 -31.26 -14.02 -3.57
C LEU A 109 -32.15 -15.22 -3.83
N ASN A 110 -31.59 -16.43 -3.91
CA ASN A 110 -32.38 -17.62 -4.35
C ASN A 110 -33.55 -17.88 -3.41
N GLU A 111 -33.30 -17.81 -2.11
CA GLU A 111 -34.29 -18.09 -1.05
C GLU A 111 -35.35 -16.98 -1.07
N VAL A 112 -34.94 -15.72 -1.12
CA VAL A 112 -35.93 -14.61 -1.06
C VAL A 112 -36.81 -14.66 -2.31
N ILE A 113 -36.20 -14.82 -3.48
CA ILE A 113 -37.01 -14.89 -4.72
C ILE A 113 -37.95 -16.09 -4.61
N ALA A 114 -37.48 -17.25 -4.21
CA ALA A 114 -38.33 -18.46 -4.14
C ALA A 114 -39.52 -18.25 -3.20
N ASN A 115 -39.29 -17.70 -2.03
CA ASN A 115 -40.35 -17.53 -1.01
C ASN A 115 -41.25 -16.38 -1.41
N ARG A 116 -40.72 -15.24 -1.87
CA ARG A 116 -41.60 -14.13 -2.29
C ARG A 116 -42.44 -14.59 -3.47
N ALA A 117 -41.88 -15.32 -4.43
CA ALA A 117 -42.65 -15.83 -5.58
C ALA A 117 -43.78 -16.71 -5.08
N HIS A 118 -43.54 -17.60 -4.12
CA HIS A 118 -44.60 -18.47 -3.57
C HIS A 118 -45.77 -17.61 -3.03
N VAL A 119 -45.45 -16.59 -2.27
CA VAL A 119 -46.45 -15.68 -1.64
C VAL A 119 -47.17 -14.90 -2.73
N ILE A 120 -46.47 -14.39 -3.72
CA ILE A 120 -47.11 -13.66 -4.83
C ILE A 120 -48.13 -14.58 -5.50
N ASN A 121 -47.82 -15.87 -5.60
CA ASN A 121 -48.64 -16.89 -6.31
C ASN A 121 -49.82 -17.35 -5.44
N GLY A 122 -49.93 -16.84 -4.21
CA GLY A 122 -51.07 -17.09 -3.32
C GLY A 122 -50.76 -18.09 -2.22
N GLY A 123 -49.48 -18.46 -2.08
CA GLY A 123 -49.05 -19.38 -1.00
C GLY A 123 -48.73 -18.66 0.30
N LYS A 124 -48.33 -19.42 1.30
CA LYS A 124 -48.06 -18.90 2.66
C LYS A 124 -46.60 -19.14 2.95
N LEU A 125 -45.98 -18.11 3.47
CA LEU A 125 -44.56 -18.13 3.77
C LEU A 125 -44.35 -19.24 4.80
N GLY A 126 -43.39 -20.12 4.56
CA GLY A 126 -43.16 -21.24 5.47
C GLY A 126 -43.65 -22.55 4.85
N GLU A 127 -44.49 -22.49 3.82
CA GLU A 127 -44.80 -23.70 3.01
C GLU A 127 -43.65 -23.97 2.05
N LYS A 128 -43.56 -25.19 1.54
CA LYS A 128 -42.62 -25.51 0.44
C LYS A 128 -42.98 -24.63 -0.77
N SER A 129 -42.05 -23.83 -1.27
CA SER A 129 -42.31 -22.94 -2.42
C SER A 129 -42.58 -23.73 -3.68
N ILE A 130 -43.47 -23.24 -4.52
CA ILE A 130 -43.65 -23.74 -5.90
C ILE A 130 -42.35 -23.57 -6.72
N ILE A 131 -41.47 -22.64 -6.30
CA ILE A 131 -40.18 -22.37 -6.99
C ILE A 131 -39.06 -22.84 -6.07
N HIS A 132 -38.19 -23.72 -6.53
CA HIS A 132 -37.06 -24.24 -5.71
C HIS A 132 -35.87 -23.28 -5.82
N PRO A 133 -35.27 -22.84 -4.70
CA PRO A 133 -34.15 -21.91 -4.71
C PRO A 133 -32.96 -22.37 -5.55
N ASN A 134 -32.63 -23.66 -5.49
CA ASN A 134 -31.50 -24.21 -6.28
C ASN A 134 -31.97 -24.64 -7.67
N ASP A 135 -32.98 -25.50 -7.77
CA ASP A 135 -33.30 -26.13 -9.08
C ASP A 135 -33.94 -25.12 -10.03
N ASP A 136 -34.62 -24.09 -9.52
CA ASP A 136 -35.38 -23.13 -10.37
C ASP A 136 -34.69 -21.78 -10.37
N VAL A 137 -34.63 -21.07 -9.23
CA VAL A 137 -34.11 -19.70 -9.25
C VAL A 137 -32.62 -19.73 -9.62
N ASN A 138 -31.89 -20.78 -9.26
CA ASN A 138 -30.45 -20.90 -9.52
C ASN A 138 -30.19 -21.85 -10.69
N LYS A 139 -31.22 -22.15 -11.49
CA LYS A 139 -31.05 -23.07 -12.65
C LYS A 139 -29.97 -22.51 -13.58
N SER A 140 -29.04 -23.37 -14.00
CA SER A 140 -28.00 -23.01 -14.98
C SER A 140 -26.94 -22.07 -14.36
N GLN A 141 -26.83 -21.99 -13.02
CA GLN A 141 -25.97 -20.97 -12.38
C GLN A 141 -25.13 -21.58 -11.28
N SER A 142 -24.07 -20.86 -10.88
CA SER A 142 -23.26 -21.05 -9.67
C SER A 142 -23.19 -19.71 -8.96
N SER A 143 -22.78 -19.71 -7.67
CA SER A 143 -22.30 -18.46 -7.06
C SER A 143 -21.09 -17.96 -7.86
N ASN A 144 -20.35 -18.91 -8.42
CA ASN A 144 -19.01 -18.60 -8.94
C ASN A 144 -19.06 -17.79 -10.23
N ASP A 145 -20.15 -17.86 -10.96
CA ASP A 145 -20.35 -17.01 -12.13
C ASP A 145 -21.38 -15.90 -11.81
N THR A 146 -22.36 -16.12 -10.95
CA THR A 146 -23.34 -15.05 -10.62
C THR A 146 -22.63 -13.92 -9.85
N TYR A 147 -21.84 -14.23 -8.83
CA TYR A 147 -21.27 -13.14 -8.01
C TYR A 147 -20.32 -12.29 -8.83
N PRO A 148 -19.39 -12.83 -9.63
CA PRO A 148 -18.60 -11.98 -10.53
C PRO A 148 -19.45 -11.20 -11.54
N THR A 149 -20.55 -11.79 -11.98
CA THR A 149 -21.48 -11.06 -12.87
C THR A 149 -22.07 -9.84 -12.11
N ALA A 150 -22.56 -10.05 -10.89
CA ALA A 150 -23.11 -8.95 -10.07
C ALA A 150 -22.02 -7.87 -9.89
N MET A 151 -20.79 -8.31 -9.61
CA MET A 151 -19.66 -7.38 -9.42
C MET A 151 -19.52 -6.52 -10.66
N HIS A 152 -19.48 -7.11 -11.83
CA HIS A 152 -19.21 -6.30 -13.04
C HIS A 152 -20.42 -5.44 -13.42
N ILE A 153 -21.64 -5.94 -13.21
CA ILE A 153 -22.82 -5.08 -13.49
C ILE A 153 -22.73 -3.88 -12.56
N ALA A 154 -22.55 -4.13 -11.26
CA ALA A 154 -22.54 -3.01 -10.29
C ALA A 154 -21.39 -2.03 -10.58
N ALA A 155 -20.21 -2.59 -10.83
CA ALA A 155 -19.00 -1.77 -11.03
C ALA A 155 -19.18 -0.93 -12.29
N TYR A 156 -19.59 -1.56 -13.38
CA TYR A 156 -19.75 -0.86 -14.68
C TYR A 156 -20.80 0.24 -14.57
N LYS A 157 -21.96 -0.10 -13.99
CA LYS A 157 -23.06 0.87 -13.81
C LYS A 157 -22.52 2.05 -13.00
N LYS A 158 -21.85 1.80 -11.88
CA LYS A 158 -21.43 2.92 -11.00
C LYS A 158 -20.40 3.81 -11.74
N VAL A 159 -19.46 3.20 -12.48
CA VAL A 159 -18.43 4.01 -13.16
C VAL A 159 -19.10 4.85 -14.23
N VAL A 160 -19.97 4.26 -15.04
CA VAL A 160 -20.47 5.04 -16.19
C VAL A 160 -21.62 5.95 -15.81
N GLU A 161 -22.41 5.63 -14.80
CA GLU A 161 -23.58 6.46 -14.40
C GLU A 161 -23.21 7.47 -13.31
N ALA A 162 -22.21 7.19 -12.47
CA ALA A 162 -21.85 8.08 -11.33
C ALA A 162 -20.44 8.65 -11.53
N THR A 163 -19.42 7.81 -11.57
CA THR A 163 -18.02 8.29 -11.42
C THR A 163 -17.61 9.14 -12.64
N ILE A 164 -17.81 8.62 -13.83
CA ILE A 164 -17.37 9.35 -15.04
C ILE A 164 -18.13 10.69 -15.13
N PRO A 165 -19.49 10.73 -15.01
CA PRO A 165 -20.17 12.02 -15.07
C PRO A 165 -19.65 13.02 -14.05
N ALA A 166 -19.39 12.54 -12.80
CA ALA A 166 -18.93 13.47 -11.76
C ALA A 166 -17.55 14.05 -12.10
N VAL A 167 -16.63 13.19 -12.53
CA VAL A 167 -15.27 13.65 -12.88
C VAL A 167 -15.34 14.58 -14.09
N GLU A 168 -16.18 14.25 -15.03
CA GLU A 168 -16.37 15.11 -16.23
C GLU A 168 -16.90 16.48 -15.80
N ARG A 169 -17.82 16.51 -14.84
CA ARG A 169 -18.38 17.80 -14.35
C ARG A 169 -17.26 18.66 -13.78
N LEU A 170 -16.43 18.10 -12.92
CA LEU A 170 -15.35 18.90 -12.35
C LEU A 170 -14.32 19.27 -13.45
N GLN A 171 -13.98 18.32 -14.34
CA GLN A 171 -13.02 18.62 -15.42
C GLN A 171 -13.51 19.84 -16.18
N LYS A 172 -14.80 19.86 -16.49
CA LYS A 172 -15.31 20.98 -17.32
C LYS A 172 -15.27 22.29 -16.55
N THR A 173 -15.50 22.30 -15.26
CA THR A 173 -15.35 23.52 -14.44
C THR A 173 -13.90 23.97 -14.47
N LEU A 174 -12.97 23.07 -14.28
CA LEU A 174 -11.54 23.44 -14.26
C LEU A 174 -11.13 23.98 -15.66
N ALA A 175 -11.63 23.39 -16.73
CA ALA A 175 -11.37 23.91 -18.09
C ALA A 175 -11.99 25.29 -18.26
N ALA A 176 -13.17 25.54 -17.71
CA ALA A 176 -13.85 26.85 -17.85
C ALA A 176 -13.05 27.90 -17.07
N LYS A 177 -12.54 27.53 -15.89
CA LYS A 177 -11.72 28.43 -15.08
C LYS A 177 -10.39 28.67 -15.81
N ALA A 178 -9.80 27.66 -16.45
CA ALA A 178 -8.54 27.84 -17.21
C ALA A 178 -8.79 28.95 -18.25
N ALA A 179 -9.93 28.91 -18.93
CA ALA A 179 -10.24 29.93 -19.96
C ALA A 179 -10.54 31.29 -19.29
N GLU A 180 -11.34 31.34 -18.24
CA GLU A 180 -11.73 32.59 -17.52
C GLU A 180 -10.46 33.34 -17.07
N PHE A 181 -9.46 32.61 -16.55
CA PHE A 181 -8.24 33.22 -15.96
C PHE A 181 -7.07 33.21 -16.94
N LYS A 182 -7.30 33.07 -18.26
CA LYS A 182 -6.20 32.96 -19.24
C LYS A 182 -5.31 34.21 -19.27
N ASP A 183 -5.78 35.39 -18.85
CA ASP A 183 -4.95 36.64 -18.89
C ASP A 183 -4.50 37.06 -17.49
N VAL A 184 -4.75 36.24 -16.45
CA VAL A 184 -4.33 36.59 -15.06
C VAL A 184 -2.92 36.06 -14.84
N VAL A 185 -1.92 36.93 -14.83
CA VAL A 185 -0.52 36.48 -14.71
C VAL A 185 -0.15 36.36 -13.23
N LYS A 186 0.41 35.24 -12.85
CA LYS A 186 0.79 34.98 -11.47
C LYS A 186 2.17 34.35 -11.42
N ILE A 187 2.73 34.23 -10.24
CA ILE A 187 4.07 33.61 -10.12
C ILE A 187 3.96 32.10 -10.00
N GLY A 188 4.79 31.40 -10.76
CA GLY A 188 5.02 29.97 -10.61
C GLY A 188 5.83 29.71 -9.34
N ARG A 189 5.71 28.48 -8.82
CA ARG A 189 6.51 28.01 -7.67
C ARG A 189 6.96 26.62 -8.03
N THR A 190 8.25 26.36 -7.89
CA THR A 190 8.82 25.01 -8.06
C THR A 190 9.65 24.70 -6.83
N HIS A 191 9.49 23.50 -6.26
CA HIS A 191 10.12 23.16 -4.97
C HIS A 191 9.59 24.04 -3.85
N LEU A 192 8.45 24.71 -4.05
CA LEU A 192 7.76 25.69 -3.15
C LEU A 192 8.48 27.02 -3.20
N MET A 193 9.49 27.16 -4.05
CA MET A 193 10.27 28.42 -4.18
C MET A 193 9.81 29.25 -5.37
N ASP A 194 9.96 30.55 -5.23
CA ASP A 194 9.62 31.55 -6.25
C ASP A 194 10.25 31.15 -7.59
N ALA A 195 9.42 31.11 -8.62
CA ALA A 195 9.87 30.73 -9.95
C ALA A 195 9.54 31.83 -10.96
N THR A 196 9.13 31.46 -12.16
CA THR A 196 8.82 32.40 -13.27
C THR A 196 7.32 32.44 -13.46
N PRO A 197 6.78 33.39 -14.23
CA PRO A 197 5.32 33.53 -14.33
C PRO A 197 4.60 32.45 -15.14
N LEU A 198 3.34 32.23 -14.79
CA LEU A 198 2.40 31.53 -15.66
C LEU A 198 1.06 32.16 -15.40
N THR A 199 0.11 31.99 -16.30
CA THR A 199 -1.24 32.54 -16.00
C THR A 199 -1.96 31.59 -15.02
N LEU A 200 -2.83 32.16 -14.23
CA LEU A 200 -3.71 31.36 -13.36
C LEU A 200 -4.47 30.39 -14.26
N GLY A 201 -4.82 30.81 -15.47
CA GLY A 201 -5.49 29.90 -16.41
C GLY A 201 -4.62 28.73 -16.82
N GLN A 202 -3.34 28.99 -17.12
CA GLN A 202 -2.41 27.88 -17.43
C GLN A 202 -2.39 26.91 -16.25
N GLU A 203 -2.27 27.42 -15.02
CA GLU A 203 -2.20 26.53 -13.84
C GLU A 203 -3.46 25.67 -13.76
N PHE A 204 -4.63 26.24 -13.99
CA PHE A 204 -5.90 25.49 -14.00
C PHE A 204 -5.95 24.52 -15.17
N SER A 205 -5.36 24.92 -16.31
CA SER A 205 -5.33 24.03 -17.48
C SER A 205 -4.62 22.73 -17.15
N GLY A 206 -3.60 22.75 -16.29
CA GLY A 206 -2.95 21.54 -15.84
C GLY A 206 -3.92 20.64 -15.09
N TYR A 207 -4.69 21.20 -14.17
CA TYR A 207 -5.70 20.41 -13.41
C TYR A 207 -6.73 19.82 -14.37
N ALA A 208 -7.19 20.61 -15.35
CA ALA A 208 -8.22 20.14 -16.30
C ALA A 208 -7.64 19.00 -17.12
N ALA A 209 -6.38 19.09 -17.52
CA ALA A 209 -5.72 18.05 -18.35
C ALA A 209 -5.56 16.78 -17.51
N GLN A 210 -5.19 16.91 -16.23
CA GLN A 210 -5.06 15.72 -15.36
C GLN A 210 -6.39 14.93 -15.37
N LEU A 211 -7.54 15.59 -15.25
CA LEU A 211 -8.81 14.85 -15.20
C LEU A 211 -9.18 14.33 -16.58
N SER A 212 -8.84 15.04 -17.66
CA SER A 212 -9.04 14.46 -19.02
C SER A 212 -8.26 13.17 -19.21
N PHE A 213 -6.98 13.16 -18.82
CA PHE A 213 -6.17 11.94 -18.93
C PHE A 213 -6.77 10.82 -18.08
N GLY A 214 -7.24 11.16 -16.90
CA GLY A 214 -7.75 10.12 -15.98
C GLY A 214 -9.04 9.56 -16.51
N LEU A 215 -9.89 10.39 -17.10
CA LEU A 215 -11.14 9.92 -17.74
C LEU A 215 -10.80 8.95 -18.87
N THR A 216 -9.85 9.28 -19.74
CA THR A 216 -9.41 8.37 -20.80
C THR A 216 -8.94 7.07 -20.18
N ALA A 217 -8.17 7.14 -19.10
CA ALA A 217 -7.63 5.93 -18.46
C ALA A 217 -8.75 5.06 -17.87
N ILE A 218 -9.78 5.64 -17.28
CA ILE A 218 -10.95 4.86 -16.81
C ILE A 218 -11.64 4.23 -18.02
N LYS A 219 -11.95 5.03 -19.04
CA LYS A 219 -12.68 4.50 -20.19
C LYS A 219 -11.91 3.38 -20.90
N ASN A 220 -10.59 3.42 -20.85
CA ASN A 220 -9.78 2.34 -21.50
C ASN A 220 -10.05 0.99 -20.82
N THR A 221 -10.47 0.98 -19.55
CA THR A 221 -10.66 -0.25 -18.75
C THR A 221 -12.05 -0.82 -18.99
N LEU A 222 -12.92 -0.11 -19.66
CA LEU A 222 -14.33 -0.55 -19.73
C LEU A 222 -14.52 -1.79 -20.59
N PRO A 223 -13.80 -2.00 -21.70
CA PRO A 223 -13.98 -3.24 -22.48
C PRO A 223 -13.79 -4.54 -21.67
N HIS A 224 -12.85 -4.57 -20.71
CA HIS A 224 -12.64 -5.77 -19.88
C HIS A 224 -13.76 -5.85 -18.82
N LEU A 225 -14.20 -4.71 -18.30
CA LEU A 225 -15.20 -4.70 -17.21
C LEU A 225 -16.60 -5.07 -17.70
N ARG A 226 -16.90 -4.87 -18.98
CA ARG A 226 -18.27 -5.14 -19.52
C ARG A 226 -18.43 -6.65 -19.74
N GLN A 227 -17.36 -7.43 -19.63
CA GLN A 227 -17.42 -8.91 -19.86
C GLN A 227 -18.02 -9.56 -18.63
N LEU A 228 -19.00 -10.44 -18.81
CA LEU A 228 -19.69 -11.11 -17.67
C LEU A 228 -19.36 -12.61 -17.62
N ALA A 229 -19.14 -13.12 -16.41
CA ALA A 229 -18.80 -14.53 -16.16
C ALA A 229 -20.00 -15.45 -16.39
N LEU A 230 -21.21 -14.91 -16.41
CA LEU A 230 -22.43 -15.72 -16.34
C LEU A 230 -22.45 -16.76 -17.48
N GLY A 231 -22.60 -18.03 -17.14
CA GLY A 231 -22.49 -19.15 -18.07
C GLY A 231 -21.31 -20.02 -17.73
N GLY A 232 -20.33 -19.55 -16.93
CA GLY A 232 -19.19 -20.40 -16.56
C GLY A 232 -19.56 -21.48 -15.53
N THR A 233 -20.65 -21.26 -14.78
CA THR A 233 -21.13 -22.05 -13.62
C THR A 233 -19.95 -22.39 -12.69
N ALA A 234 -19.78 -23.66 -12.32
CA ALA A 234 -18.96 -24.06 -11.15
C ALA A 234 -17.47 -23.76 -11.35
N VAL A 235 -16.89 -24.08 -12.52
CA VAL A 235 -15.41 -23.99 -12.71
C VAL A 235 -15.06 -23.28 -14.01
N GLY A 236 -16.04 -22.85 -14.78
CA GLY A 236 -15.79 -22.15 -16.07
C GLY A 236 -16.24 -22.92 -17.28
N THR A 237 -16.55 -24.20 -17.12
CA THR A 237 -16.89 -25.10 -18.24
C THR A 237 -18.32 -24.88 -18.75
N GLY A 238 -19.19 -24.21 -18.00
CA GLY A 238 -20.61 -24.10 -18.31
C GLY A 238 -21.36 -25.41 -18.11
N LEU A 239 -20.82 -26.33 -17.30
CA LEU A 239 -21.59 -27.49 -16.83
C LEU A 239 -22.99 -27.05 -16.38
N ASN A 240 -24.01 -27.80 -16.81
CA ASN A 240 -25.43 -27.63 -16.46
C ASN A 240 -25.99 -26.34 -17.06
N THR A 241 -25.49 -25.88 -18.21
CA THR A 241 -26.11 -24.76 -18.97
C THR A 241 -26.59 -25.32 -20.29
N PRO A 242 -27.77 -24.88 -20.76
CA PRO A 242 -28.22 -25.24 -22.11
C PRO A 242 -27.45 -24.47 -23.18
N LYS A 243 -27.30 -25.10 -24.35
CA LYS A 243 -26.55 -24.49 -25.46
C LYS A 243 -27.12 -23.10 -25.75
N GLY A 244 -26.23 -22.12 -25.84
CA GLY A 244 -26.57 -20.72 -26.16
C GLY A 244 -26.81 -19.85 -24.95
N TYR A 245 -26.77 -20.40 -23.73
CA TYR A 245 -27.11 -19.64 -22.51
C TYR A 245 -26.20 -18.41 -22.31
N ASP A 246 -24.90 -18.59 -22.46
CA ASP A 246 -23.92 -17.53 -22.08
C ASP A 246 -24.25 -16.26 -22.86
N VAL A 247 -24.45 -16.37 -24.17
CA VAL A 247 -24.73 -15.18 -25.03
C VAL A 247 -26.14 -14.67 -24.74
N LYS A 248 -27.12 -15.54 -24.60
CA LYS A 248 -28.52 -15.09 -24.41
C LYS A 248 -28.67 -14.35 -23.09
N VAL A 249 -28.09 -14.87 -22.02
CA VAL A 249 -28.24 -14.26 -20.69
C VAL A 249 -27.56 -12.89 -20.71
N ALA A 250 -26.43 -12.76 -21.40
CA ALA A 250 -25.74 -11.45 -21.52
C ALA A 250 -26.62 -10.48 -22.29
N GLU A 251 -27.27 -10.97 -23.32
CA GLU A 251 -28.19 -10.13 -24.10
C GLU A 251 -29.34 -9.64 -23.22
N TYR A 252 -29.88 -10.49 -22.34
CA TYR A 252 -30.98 -10.06 -21.45
C TYR A 252 -30.43 -9.05 -20.44
N ILE A 253 -29.24 -9.28 -19.88
CA ILE A 253 -28.68 -8.31 -18.91
C ILE A 253 -28.45 -6.97 -19.60
N ALA A 254 -27.90 -6.97 -20.80
CA ALA A 254 -27.69 -5.70 -21.53
C ALA A 254 -29.04 -5.00 -21.80
N LYS A 255 -30.06 -5.75 -22.18
CA LYS A 255 -31.40 -5.15 -22.41
C LYS A 255 -31.94 -4.53 -21.11
N PHE A 256 -31.93 -5.29 -20.01
CA PHE A 256 -32.58 -4.83 -18.77
C PHE A 256 -31.81 -3.63 -18.20
N THR A 257 -30.48 -3.56 -18.36
CA THR A 257 -29.67 -2.52 -17.72
C THR A 257 -29.54 -1.32 -18.65
N GLY A 258 -29.70 -1.54 -19.95
CA GLY A 258 -29.36 -0.52 -20.96
C GLY A 258 -27.88 -0.31 -21.14
N LEU A 259 -27.05 -1.25 -20.69
CA LEU A 259 -25.59 -1.11 -20.73
C LEU A 259 -24.98 -2.21 -21.60
N PRO A 260 -23.80 -1.96 -22.22
CA PRO A 260 -23.29 -2.85 -23.28
C PRO A 260 -22.48 -4.04 -22.77
N PHE A 261 -23.13 -4.86 -21.94
CA PHE A 261 -22.55 -6.12 -21.43
C PHE A 261 -22.45 -7.16 -22.53
N ILE A 262 -21.40 -7.97 -22.48
CA ILE A 262 -21.21 -9.16 -23.32
C ILE A 262 -20.75 -10.33 -22.46
N THR A 263 -20.80 -11.55 -23.00
CA THR A 263 -20.28 -12.70 -22.25
C THR A 263 -18.76 -12.62 -22.23
N ALA A 264 -18.15 -13.14 -21.18
CA ALA A 264 -16.68 -13.06 -21.05
C ALA A 264 -16.02 -13.96 -22.09
N GLU A 265 -14.91 -13.48 -22.63
CA GLU A 265 -14.15 -14.25 -23.66
C GLU A 265 -13.59 -15.54 -23.07
N ASN A 266 -13.17 -15.51 -21.80
CA ASN A 266 -12.58 -16.70 -21.16
C ASN A 266 -13.21 -16.87 -19.76
N LYS A 267 -14.06 -17.86 -19.58
CA LYS A 267 -14.77 -18.05 -18.29
C LYS A 267 -13.80 -18.45 -17.18
N PHE A 268 -12.66 -19.04 -17.49
CA PHE A 268 -11.66 -19.44 -16.45
C PHE A 268 -11.02 -18.16 -15.87
N GLU A 269 -10.60 -17.25 -16.73
CA GLU A 269 -10.15 -15.91 -16.28
C GLU A 269 -11.27 -15.21 -15.48
N ALA A 270 -12.53 -15.40 -15.85
CA ALA A 270 -13.65 -14.64 -15.29
C ALA A 270 -14.03 -15.15 -13.90
N LEU A 271 -13.63 -16.35 -13.56
CA LEU A 271 -13.93 -16.95 -12.24
C LEU A 271 -12.70 -16.89 -11.33
N ALA A 272 -11.55 -17.23 -11.88
CA ALA A 272 -10.31 -17.50 -11.10
C ALA A 272 -9.60 -16.20 -10.75
N THR A 273 -10.07 -15.08 -11.30
CA THR A 273 -9.45 -13.75 -11.13
C THR A 273 -10.55 -12.70 -11.05
N HIS A 274 -10.20 -11.54 -10.50
CA HIS A 274 -10.93 -10.28 -10.66
C HIS A 274 -9.97 -9.26 -11.23
N ASP A 275 -9.28 -9.64 -12.28
CA ASP A 275 -8.30 -8.77 -12.94
C ASP A 275 -8.98 -7.54 -13.56
N ALA A 276 -10.21 -7.62 -14.05
CA ALA A 276 -10.90 -6.41 -14.56
C ALA A 276 -11.13 -5.38 -13.44
N ILE A 277 -11.44 -5.84 -12.24
CA ILE A 277 -11.64 -4.95 -11.07
C ILE A 277 -10.31 -4.30 -10.72
N VAL A 278 -9.22 -5.09 -10.73
CA VAL A 278 -7.87 -4.52 -10.47
C VAL A 278 -7.58 -3.46 -11.53
N GLU A 279 -7.86 -3.73 -12.81
CA GLU A 279 -7.60 -2.80 -13.95
C GLU A 279 -8.40 -1.51 -13.75
N THR A 280 -9.71 -1.60 -13.64
CA THR A 280 -10.52 -0.38 -13.48
C THR A 280 -10.16 0.36 -12.19
N HIS A 281 -9.97 -0.36 -11.10
CA HIS A 281 -9.63 0.35 -9.84
C HIS A 281 -8.31 1.10 -9.99
N GLY A 282 -7.34 0.54 -10.71
CA GLY A 282 -6.07 1.27 -10.86
C GLY A 282 -6.35 2.62 -11.50
N ALA A 283 -7.26 2.66 -12.50
CA ALA A 283 -7.63 3.93 -13.12
C ALA A 283 -8.36 4.87 -12.16
N LEU A 284 -9.23 4.35 -11.27
CA LEU A 284 -9.86 5.19 -10.25
C LEU A 284 -8.80 5.76 -9.33
N LYS A 285 -7.80 4.95 -9.04
CA LYS A 285 -6.73 5.36 -8.11
C LYS A 285 -5.86 6.44 -8.79
N GLN A 286 -5.60 6.29 -10.07
CA GLN A 286 -4.90 7.36 -10.83
C GLN A 286 -5.65 8.68 -10.74
N VAL A 287 -6.94 8.64 -10.94
CA VAL A 287 -7.77 9.87 -10.85
C VAL A 287 -7.69 10.41 -9.41
N ALA A 288 -7.75 9.54 -8.43
CA ALA A 288 -7.70 9.94 -7.00
C ALA A 288 -6.37 10.63 -6.67
N MET A 289 -5.25 10.17 -7.21
CA MET A 289 -3.94 10.83 -6.92
C MET A 289 -3.87 12.19 -7.63
N SER A 290 -4.51 12.33 -8.78
CA SER A 290 -4.62 13.64 -9.44
C SER A 290 -5.51 14.59 -8.63
N LEU A 291 -6.66 14.10 -8.19
CA LEU A 291 -7.58 14.91 -7.37
C LEU A 291 -6.88 15.34 -6.08
N PHE A 292 -6.07 14.48 -5.49
CA PHE A 292 -5.35 14.86 -4.27
C PHE A 292 -4.51 16.10 -4.53
N LYS A 293 -3.74 16.06 -5.61
CA LYS A 293 -2.85 17.17 -6.00
C LYS A 293 -3.65 18.43 -6.31
N ILE A 294 -4.73 18.28 -7.08
CA ILE A 294 -5.55 19.48 -7.43
C ILE A 294 -6.09 20.13 -6.14
N ALA A 295 -6.67 19.31 -5.24
CA ALA A 295 -7.27 19.82 -4.00
C ALA A 295 -6.20 20.41 -3.08
N ASN A 296 -5.06 19.76 -3.01
CA ASN A 296 -3.98 20.32 -2.18
C ASN A 296 -3.50 21.66 -2.71
N ASP A 297 -3.38 21.78 -4.02
CA ASP A 297 -2.93 23.05 -4.61
C ASP A 297 -3.96 24.13 -4.32
N ILE A 298 -5.24 23.78 -4.45
CA ILE A 298 -6.26 24.84 -4.26
C ILE A 298 -6.21 25.31 -2.81
N ARG A 299 -6.03 24.43 -1.83
CA ARG A 299 -5.92 24.96 -0.44
C ARG A 299 -4.61 25.71 -0.24
N LEU A 300 -3.50 25.31 -0.85
CA LEU A 300 -2.25 26.13 -0.71
C LEU A 300 -2.50 27.50 -1.35
N LEU A 301 -3.13 27.53 -2.51
CA LEU A 301 -3.37 28.83 -3.19
C LEU A 301 -4.30 29.73 -2.39
N ALA A 302 -5.22 29.15 -1.61
CA ALA A 302 -6.24 29.91 -0.86
C ALA A 302 -5.68 30.26 0.53
N SER A 303 -4.55 29.69 0.90
CA SER A 303 -4.04 29.75 2.30
C SER A 303 -3.93 31.19 2.79
N GLY A 304 -4.32 31.44 4.02
CA GLY A 304 -4.18 32.78 4.66
C GLY A 304 -5.30 32.99 5.64
N PRO A 305 -5.95 34.17 5.68
CA PRO A 305 -5.79 35.26 4.70
C PRO A 305 -4.44 35.97 4.60
N ARG A 306 -3.63 36.05 5.66
CA ARG A 306 -2.36 36.86 5.69
C ARG A 306 -1.07 36.03 5.81
N SER A 307 -1.10 34.87 6.42
CA SER A 307 0.07 34.03 6.78
C SER A 307 0.50 33.12 5.68
N GLY A 308 -0.22 33.15 4.53
CA GLY A 308 0.04 32.13 3.53
C GLY A 308 0.29 32.70 2.17
N ILE A 309 -0.32 32.07 1.19
CA ILE A 309 -0.14 32.45 -0.22
C ILE A 309 -1.29 33.38 -0.57
N GLY A 310 -2.52 32.89 -0.57
CA GLY A 310 -3.70 33.74 -0.72
C GLY A 310 -3.87 34.33 -2.13
N GLU A 311 -3.46 33.58 -3.12
CA GLU A 311 -3.60 34.04 -4.52
C GLU A 311 -5.02 33.86 -5.02
N ILE A 312 -5.79 32.92 -4.50
CA ILE A 312 -7.19 32.73 -4.92
C ILE A 312 -8.11 32.93 -3.74
N LEU A 313 -9.34 33.27 -4.07
CA LEU A 313 -10.49 33.38 -3.17
C LEU A 313 -11.40 32.18 -3.45
N ILE A 314 -11.80 31.48 -2.41
CA ILE A 314 -12.69 30.31 -2.57
C ILE A 314 -13.96 30.60 -1.81
N PRO A 315 -15.06 29.97 -2.18
CA PRO A 315 -16.29 30.16 -1.41
C PRO A 315 -16.11 29.81 0.07
N GLU A 316 -16.73 30.63 0.90
CA GLU A 316 -16.69 30.50 2.39
C GLU A 316 -18.01 29.89 2.80
N ASN A 317 -18.05 28.58 3.10
CA ASN A 317 -19.33 27.88 3.21
C ASN A 317 -19.74 27.71 4.67
N GLU A 318 -18.81 27.68 5.62
CA GLU A 318 -19.21 27.41 7.01
C GLU A 318 -18.14 27.94 7.93
N PRO A 319 -18.45 28.14 9.22
CA PRO A 319 -17.41 28.44 10.19
C PRO A 319 -16.37 27.31 10.25
N GLY A 320 -15.10 27.70 10.37
CA GLY A 320 -13.99 26.78 10.32
C GLY A 320 -13.57 26.30 11.70
N SER A 321 -13.97 27.01 12.74
CA SER A 321 -13.42 26.70 14.09
C SER A 321 -14.53 26.80 15.13
N SER A 322 -14.41 26.03 16.19
CA SER A 322 -15.27 26.17 17.39
C SER A 322 -14.70 27.25 18.32
N ILE A 323 -13.44 27.63 18.14
CA ILE A 323 -12.70 28.50 19.11
C ILE A 323 -12.22 29.78 18.42
N MET A 324 -11.65 29.72 17.22
CA MET A 324 -11.13 30.91 16.51
C MET A 324 -12.27 31.55 15.74
N PRO A 325 -12.81 32.68 16.21
CA PRO A 325 -14.06 33.21 15.69
C PRO A 325 -13.87 33.94 14.37
N GLY A 326 -14.59 33.51 13.34
CA GLY A 326 -14.44 34.11 12.01
C GLY A 326 -13.56 33.31 11.09
N LYS A 327 -12.85 32.29 11.59
CA LYS A 327 -11.94 31.51 10.72
C LYS A 327 -12.78 30.71 9.71
N VAL A 328 -12.28 30.59 8.47
CA VAL A 328 -12.91 29.75 7.45
C VAL A 328 -11.83 28.91 6.77
N ASN A 329 -12.15 27.65 6.53
CA ASN A 329 -11.17 26.63 6.10
C ASN A 329 -11.58 26.11 4.73
N PRO A 330 -10.59 25.56 3.99
CA PRO A 330 -10.82 25.00 2.67
C PRO A 330 -11.31 23.56 2.86
N THR A 331 -12.53 23.43 3.37
CA THR A 331 -13.05 22.13 3.87
C THR A 331 -13.37 21.18 2.72
N GLN A 332 -13.83 21.70 1.57
CA GLN A 332 -14.09 20.85 0.40
C GLN A 332 -12.76 20.22 -0.07
N CYS A 333 -11.67 20.98 -0.02
CA CYS A 333 -10.32 20.44 -0.35
C CYS A 333 -9.99 19.28 0.56
N GLU A 334 -10.29 19.43 1.84
CA GLU A 334 -9.97 18.40 2.84
C GLU A 334 -10.75 17.11 2.59
N ALA A 335 -12.02 17.21 2.31
CA ALA A 335 -12.84 16.03 2.00
C ALA A 335 -12.23 15.31 0.78
N MET A 336 -11.85 16.06 -0.26
CA MET A 336 -11.30 15.43 -1.46
C MET A 336 -9.99 14.72 -1.12
N THR A 337 -9.09 15.35 -0.38
CA THR A 337 -7.78 14.71 -0.03
C THR A 337 -8.05 13.46 0.82
N MET A 338 -9.03 13.46 1.73
CA MET A 338 -9.32 12.28 2.54
C MET A 338 -9.87 11.15 1.67
N VAL A 339 -10.78 11.46 0.76
CA VAL A 339 -11.30 10.40 -0.14
C VAL A 339 -10.11 9.81 -0.90
N ALA A 340 -9.23 10.68 -1.43
CA ALA A 340 -8.12 10.16 -2.24
C ALA A 340 -7.26 9.20 -1.43
N ALA A 341 -6.99 9.52 -0.17
CA ALA A 341 -6.23 8.61 0.71
C ALA A 341 -6.96 7.28 0.92
N GLN A 342 -8.28 7.31 1.01
CA GLN A 342 -9.09 6.08 1.09
C GLN A 342 -8.94 5.25 -0.20
N VAL A 343 -8.99 5.89 -1.35
CA VAL A 343 -8.92 5.17 -2.64
C VAL A 343 -7.56 4.47 -2.74
N LEU A 344 -6.49 5.11 -2.32
CA LEU A 344 -5.17 4.43 -2.43
C LEU A 344 -5.18 3.17 -1.57
N GLY A 345 -5.69 3.22 -0.35
CA GLY A 345 -5.74 2.00 0.49
C GLY A 345 -6.64 0.97 -0.13
N ASN A 346 -7.77 1.42 -0.69
CA ASN A 346 -8.65 0.50 -1.39
C ASN A 346 -7.90 -0.23 -2.53
N ASP A 347 -7.01 0.48 -3.21
CA ASP A 347 -6.20 -0.13 -4.29
C ASP A 347 -5.25 -1.17 -3.71
N THR A 348 -4.65 -0.93 -2.54
CA THR A 348 -3.80 -1.95 -1.91
C THR A 348 -4.65 -3.22 -1.66
N THR A 349 -5.80 -3.06 -1.04
CA THR A 349 -6.68 -4.19 -0.70
C THR A 349 -7.08 -4.94 -1.98
N ILE A 350 -7.50 -4.23 -3.01
CA ILE A 350 -7.98 -4.89 -4.27
C ILE A 350 -6.81 -5.61 -4.93
N SER A 351 -5.64 -4.99 -4.97
CA SER A 351 -4.45 -5.57 -5.64
C SER A 351 -4.06 -6.85 -4.93
N PHE A 352 -3.94 -6.77 -3.60
CA PHE A 352 -3.61 -7.94 -2.74
C PHE A 352 -4.59 -9.07 -3.00
N ALA A 353 -5.88 -8.77 -2.86
CA ALA A 353 -6.91 -9.79 -3.04
C ALA A 353 -6.86 -10.34 -4.46
N GLY A 354 -6.60 -9.47 -5.45
CA GLY A 354 -6.55 -9.89 -6.87
C GLY A 354 -5.46 -10.90 -7.13
N SER A 355 -4.39 -10.88 -6.35
CA SER A 355 -3.27 -11.84 -6.50
C SER A 355 -3.60 -13.21 -5.94
N GLN A 356 -4.67 -13.35 -5.15
CA GLN A 356 -4.86 -14.47 -4.17
C GLN A 356 -5.84 -15.52 -4.67
N GLY A 357 -6.17 -15.53 -5.95
CA GLY A 357 -6.99 -16.62 -6.49
C GLY A 357 -6.27 -17.97 -6.36
N HIS A 358 -7.04 -19.06 -6.24
CA HIS A 358 -6.50 -20.44 -6.20
C HIS A 358 -7.27 -21.29 -7.21
N PHE A 359 -6.53 -21.89 -8.09
CA PHE A 359 -7.08 -22.85 -9.08
C PHE A 359 -8.22 -22.15 -9.81
N GLU A 360 -9.43 -22.70 -9.71
CA GLU A 360 -10.57 -22.27 -10.55
C GLU A 360 -11.31 -21.06 -9.99
N LEU A 361 -10.98 -20.54 -8.80
CA LEU A 361 -11.81 -19.47 -8.20
C LEU A 361 -11.00 -18.49 -7.35
N ASN A 362 -11.23 -17.22 -7.54
CA ASN A 362 -10.75 -16.19 -6.59
C ASN A 362 -11.84 -16.07 -5.54
N VAL A 363 -11.50 -16.31 -4.27
CA VAL A 363 -12.48 -16.26 -3.17
C VAL A 363 -12.16 -15.06 -2.27
N PHE A 364 -11.96 -13.91 -2.90
CA PHE A 364 -11.95 -12.59 -2.24
C PHE A 364 -13.00 -11.68 -2.86
N LYS A 365 -14.10 -12.26 -3.36
CA LYS A 365 -15.01 -11.46 -4.20
C LYS A 365 -15.67 -10.33 -3.42
N PRO A 366 -16.26 -10.59 -2.22
CA PRO A 366 -16.99 -9.50 -1.55
C PRO A 366 -16.08 -8.34 -1.14
N VAL A 367 -14.85 -8.61 -0.70
CA VAL A 367 -13.99 -7.50 -0.22
C VAL A 367 -13.56 -6.66 -1.46
N MET A 368 -13.30 -7.33 -2.58
CA MET A 368 -12.94 -6.58 -3.81
C MET A 368 -14.14 -5.74 -4.24
N ALA A 369 -15.33 -6.31 -4.24
CA ALA A 369 -16.55 -5.60 -4.66
C ALA A 369 -16.80 -4.40 -3.78
N ALA A 370 -16.69 -4.56 -2.46
CA ALA A 370 -17.08 -3.44 -1.58
C ALA A 370 -16.07 -2.31 -1.69
N ASN A 371 -14.79 -2.64 -1.73
CA ASN A 371 -13.77 -1.57 -1.87
C ASN A 371 -13.90 -0.89 -3.21
N PHE A 372 -14.18 -1.64 -4.28
CA PHE A 372 -14.33 -1.01 -5.61
C PHE A 372 -15.50 -0.03 -5.56
N LEU A 373 -16.64 -0.47 -5.06
CA LEU A 373 -17.86 0.37 -5.12
C LEU A 373 -17.70 1.60 -4.24
N GLN A 374 -17.00 1.46 -3.13
CA GLN A 374 -16.73 2.61 -2.25
C GLN A 374 -15.87 3.64 -2.97
N SER A 375 -14.81 3.19 -3.62
CA SER A 375 -13.95 4.14 -4.40
C SER A 375 -14.78 4.86 -5.45
N ALA A 376 -15.54 4.10 -6.22
CA ALA A 376 -16.28 4.68 -7.37
C ALA A 376 -17.29 5.71 -6.84
N GLN A 377 -17.99 5.37 -5.77
CA GLN A 377 -19.05 6.27 -5.26
C GLN A 377 -18.40 7.48 -4.60
N LEU A 378 -17.36 7.27 -3.75
CA LEU A 378 -16.81 8.44 -3.05
C LEU A 378 -16.14 9.40 -4.04
N ILE A 379 -15.46 8.90 -5.08
CA ILE A 379 -14.90 9.79 -6.10
C ILE A 379 -16.04 10.60 -6.72
N ALA A 380 -17.12 9.94 -7.09
CA ALA A 380 -18.26 10.64 -7.71
C ALA A 380 -18.75 11.75 -6.77
N ASP A 381 -19.05 11.35 -5.51
CA ASP A 381 -19.69 12.28 -4.58
C ASP A 381 -18.76 13.47 -4.30
N VAL A 382 -17.45 13.22 -4.08
CA VAL A 382 -16.58 14.33 -3.68
C VAL A 382 -16.29 15.22 -4.88
N CYS A 383 -16.26 14.68 -6.07
CA CYS A 383 -16.07 15.57 -7.26
C CYS A 383 -17.29 16.51 -7.39
N ILE A 384 -18.49 15.97 -7.20
CA ILE A 384 -19.72 16.82 -7.29
C ILE A 384 -19.66 17.85 -6.18
N SER A 385 -19.32 17.42 -4.95
CA SER A 385 -19.28 18.36 -3.81
C SER A 385 -18.24 19.47 -4.08
N PHE A 386 -17.05 19.08 -4.44
CA PHE A 386 -15.95 20.04 -4.67
C PHE A 386 -16.32 20.98 -5.81
N ASP A 387 -16.92 20.46 -6.89
CA ASP A 387 -17.37 21.31 -7.97
C ASP A 387 -18.37 22.35 -7.48
N GLU A 388 -19.43 21.92 -6.82
CA GLU A 388 -20.53 22.80 -6.44
C GLU A 388 -20.05 23.82 -5.40
N HIS A 389 -19.30 23.37 -4.40
CA HIS A 389 -19.07 24.17 -3.18
C HIS A 389 -17.70 24.81 -3.15
N CYS A 390 -16.85 24.58 -4.16
CA CYS A 390 -15.52 25.18 -4.20
C CYS A 390 -15.16 25.58 -5.64
N ALA A 391 -14.93 24.63 -6.56
CA ALA A 391 -14.26 24.94 -7.84
C ALA A 391 -15.05 25.99 -8.64
N THR A 392 -16.38 25.90 -8.69
CA THR A 392 -17.19 26.83 -9.51
C THR A 392 -17.02 28.26 -9.03
N GLY A 393 -16.67 28.48 -7.76
CA GLY A 393 -16.59 29.81 -7.17
C GLY A 393 -15.20 30.35 -7.02
N ILE A 394 -14.18 29.69 -7.54
CA ILE A 394 -12.80 30.23 -7.38
C ILE A 394 -12.66 31.53 -8.18
N GLN A 395 -12.03 32.50 -7.56
CA GLN A 395 -11.69 33.79 -8.20
C GLN A 395 -10.29 34.19 -7.79
N PRO A 396 -9.60 35.00 -8.61
CA PRO A 396 -8.29 35.51 -8.22
C PRO A 396 -8.38 36.56 -7.14
N ASN A 397 -7.38 36.57 -6.27
CA ASN A 397 -7.10 37.72 -5.38
C ASN A 397 -6.10 38.58 -6.13
N THR A 398 -6.63 39.54 -6.90
CA THR A 398 -5.84 40.31 -7.88
C THR A 398 -4.59 40.96 -7.26
N PRO A 399 -4.71 41.80 -6.21
CA PRO A 399 -3.53 42.49 -5.70
C PRO A 399 -2.53 41.51 -5.08
N ARG A 400 -3.00 40.43 -4.46
CA ARG A 400 -2.07 39.47 -3.84
C ARG A 400 -1.26 38.79 -4.93
N ILE A 401 -1.92 38.41 -6.01
CA ILE A 401 -1.25 37.81 -7.19
C ILE A 401 -0.19 38.79 -7.70
N GLN A 402 -0.56 40.07 -7.84
CA GLN A 402 0.35 41.08 -8.42
C GLN A 402 1.56 41.27 -7.51
N HIS A 403 1.32 41.33 -6.20
CA HIS A 403 2.46 41.53 -5.27
C HIS A 403 3.43 40.35 -5.37
N LEU A 404 2.90 39.14 -5.33
CA LEU A 404 3.74 37.92 -5.33
C LEU A 404 4.45 37.73 -6.68
N LEU A 405 3.82 38.14 -7.76
CA LEU A 405 4.43 38.10 -9.11
C LEU A 405 5.61 39.07 -9.16
N ASP A 406 5.36 40.32 -8.79
CA ASP A 406 6.39 41.37 -8.89
C ASP A 406 7.55 41.05 -7.97
N SER A 407 7.31 40.35 -6.84
CA SER A 407 8.33 40.13 -5.79
C SER A 407 9.38 39.09 -6.22
N SER A 408 9.10 38.20 -7.17
CA SER A 408 9.98 37.07 -7.43
C SER A 408 11.31 37.52 -8.01
N LEU A 409 12.42 37.13 -7.38
CA LEU A 409 13.74 37.44 -8.01
C LEU A 409 13.94 36.59 -9.25
N MET A 410 13.19 35.51 -9.44
CA MET A 410 13.40 34.66 -10.64
C MET A 410 12.70 35.24 -11.86
N LEU A 411 12.06 36.42 -11.79
CA LEU A 411 11.80 37.21 -13.03
C LEU A 411 13.12 37.48 -13.77
N VAL A 412 14.27 37.36 -13.11
CA VAL A 412 15.58 37.67 -13.76
C VAL A 412 15.78 36.70 -14.91
N THR A 413 15.15 35.54 -14.90
CA THR A 413 15.28 34.50 -15.95
C THR A 413 14.97 35.08 -17.32
N ALA A 414 14.12 36.12 -17.41
CA ALA A 414 13.87 36.84 -18.68
C ALA A 414 15.17 37.36 -19.28
N LEU A 415 16.20 37.58 -18.49
CA LEU A 415 17.45 38.18 -19.02
C LEU A 415 18.39 37.13 -19.60
N ASN A 416 18.18 35.84 -19.39
CA ASN A 416 19.18 34.81 -19.69
C ASN A 416 19.63 34.95 -21.14
N THR A 417 18.69 35.12 -22.07
CA THR A 417 19.01 35.11 -23.53
C THR A 417 19.59 36.47 -23.96
N HIS A 418 19.68 37.44 -23.07
CA HIS A 418 20.28 38.77 -23.33
C HIS A 418 21.66 38.89 -22.71
N ILE A 419 21.87 38.44 -21.48
CA ILE A 419 23.13 38.64 -20.73
C ILE A 419 23.78 37.34 -20.28
N GLY A 420 23.14 36.18 -20.47
CA GLY A 420 23.74 34.91 -20.02
C GLY A 420 23.33 34.57 -18.61
N TYR A 421 23.38 33.29 -18.31
CA TYR A 421 23.00 32.74 -16.99
C TYR A 421 23.83 33.38 -15.88
N GLU A 422 25.14 33.44 -16.04
CA GLU A 422 25.99 33.91 -14.93
C GLU A 422 25.67 35.36 -14.57
N ASN A 423 25.54 36.25 -15.54
CA ASN A 423 25.25 37.68 -15.25
C ASN A 423 23.85 37.82 -14.63
N ALA A 424 22.89 37.00 -15.04
CA ALA A 424 21.51 37.05 -14.50
C ALA A 424 21.60 36.61 -13.03
N ALA A 425 22.40 35.60 -12.73
CA ALA A 425 22.54 35.10 -11.36
C ALA A 425 23.12 36.24 -10.50
N LYS A 426 24.10 36.97 -11.02
CA LYS A 426 24.75 38.05 -10.25
C LYS A 426 23.68 39.07 -9.85
N ILE A 427 22.73 39.38 -10.73
CA ILE A 427 21.67 40.40 -10.45
C ILE A 427 20.77 39.85 -9.35
N ALA A 428 20.25 38.64 -9.50
CA ALA A 428 19.35 38.09 -8.47
C ALA A 428 20.08 37.91 -7.14
N LYS A 429 21.30 37.35 -7.11
CA LYS A 429 21.99 37.13 -5.82
C LYS A 429 22.30 38.45 -5.11
N THR A 430 22.61 39.48 -5.86
CA THR A 430 22.94 40.80 -5.30
C THR A 430 21.67 41.42 -4.72
N ALA A 431 20.55 41.36 -5.44
CA ALA A 431 19.25 41.84 -4.90
C ALA A 431 18.94 41.10 -3.60
N HIS A 432 19.09 39.79 -3.57
CA HIS A 432 18.83 39.00 -2.37
C HIS A 432 19.73 39.48 -1.23
N LYS A 433 21.02 39.62 -1.47
CA LYS A 433 21.99 39.98 -0.40
C LYS A 433 21.67 41.39 0.12
N ASN A 434 21.33 42.30 -0.73
CA ASN A 434 21.16 43.73 -0.36
C ASN A 434 19.73 44.05 0.09
N GLY A 435 18.78 43.13 -0.13
CA GLY A 435 17.35 43.38 0.14
C GLY A 435 16.79 44.43 -0.80
N THR A 436 17.26 44.45 -2.03
CA THR A 436 16.89 45.40 -3.06
C THR A 436 16.16 44.67 -4.20
N THR A 437 15.78 45.39 -5.22
CA THR A 437 15.02 44.81 -6.36
C THR A 437 15.97 44.39 -7.48
N LEU A 438 15.48 43.52 -8.39
CA LEU A 438 16.24 43.16 -9.60
C LEU A 438 16.59 44.41 -10.40
N ARG A 439 15.63 45.32 -10.56
CA ARG A 439 15.81 46.47 -11.46
C ARG A 439 16.93 47.34 -10.88
N GLU A 440 16.90 47.58 -9.56
CA GLU A 440 17.90 48.45 -8.90
C GLU A 440 19.28 47.82 -9.16
N GLU A 441 19.42 46.52 -8.97
CA GLU A 441 20.77 45.90 -9.06
C GLU A 441 21.19 45.69 -10.51
N ALA A 442 20.26 45.43 -11.43
CA ALA A 442 20.63 45.34 -12.86
C ALA A 442 21.30 46.64 -13.28
N ILE A 443 20.74 47.75 -12.83
CA ILE A 443 21.29 49.11 -13.11
C ILE A 443 22.55 49.34 -12.29
N ASN A 444 22.58 49.04 -10.99
CA ASN A 444 23.73 49.40 -10.11
C ASN A 444 24.96 48.60 -10.55
N LEU A 445 24.80 47.37 -11.05
CA LEU A 445 25.92 46.49 -11.49
C LEU A 445 26.38 46.85 -12.89
N GLY A 446 25.65 47.71 -13.59
CA GLY A 446 25.94 48.07 -15.00
C GLY A 446 25.71 46.93 -15.96
N LEU A 447 24.88 45.94 -15.60
CA LEU A 447 24.65 44.78 -16.52
C LEU A 447 23.54 45.08 -17.50
N VAL A 448 22.54 45.88 -17.13
CA VAL A 448 21.38 46.14 -18.02
C VAL A 448 21.01 47.61 -17.82
N SER A 449 20.66 48.29 -18.90
CA SER A 449 20.13 49.67 -18.81
C SER A 449 18.72 49.62 -18.23
N ALA A 450 18.30 50.71 -17.58
CA ALA A 450 16.90 50.83 -17.11
C ALA A 450 15.96 50.58 -18.29
N GLU A 451 16.21 51.17 -19.47
CA GLU A 451 15.29 51.02 -20.61
C GLU A 451 15.24 49.56 -21.05
N ASP A 452 16.38 48.87 -21.10
CA ASP A 452 16.38 47.45 -21.54
C ASP A 452 15.67 46.59 -20.46
N PHE A 453 15.89 46.89 -19.20
CA PHE A 453 15.34 46.07 -18.11
C PHE A 453 13.83 46.11 -18.26
N ASP A 454 13.29 47.30 -18.47
CA ASP A 454 11.83 47.56 -18.55
C ASP A 454 11.24 46.89 -19.77
N LYS A 455 11.98 46.77 -20.87
CA LYS A 455 11.48 46.15 -22.11
C LYS A 455 11.54 44.63 -22.01
N TRP A 456 12.49 44.06 -21.25
CA TRP A 456 12.78 42.60 -21.25
C TRP A 456 12.08 41.91 -20.08
N VAL A 457 11.93 42.57 -18.95
CA VAL A 457 11.46 41.84 -17.72
C VAL A 457 9.99 42.18 -17.57
N VAL A 458 9.19 41.61 -18.45
CA VAL A 458 7.74 41.91 -18.52
C VAL A 458 7.01 40.60 -18.30
N PRO A 459 6.40 40.38 -17.10
CA PRO A 459 5.80 39.06 -16.84
C PRO A 459 4.85 38.55 -17.93
N ALA A 460 4.06 39.43 -18.56
CA ALA A 460 3.09 39.03 -19.58
C ALA A 460 3.80 38.49 -20.83
N ASP A 461 5.09 38.78 -20.98
CA ASP A 461 5.90 38.25 -22.11
C ASP A 461 6.67 36.99 -21.72
N MET A 462 6.49 36.48 -20.51
CA MET A 462 7.25 35.31 -19.99
C MET A 462 6.35 34.08 -19.88
N VAL A 463 5.16 34.10 -20.46
CA VAL A 463 4.21 32.95 -20.32
C VAL A 463 4.09 32.16 -21.62
N GLY A 464 5.06 32.38 -22.53
CA GLY A 464 5.17 31.57 -23.75
C GLY A 464 6.56 31.65 -24.31
N SER A 465 6.71 31.15 -25.52
CA SER A 465 8.00 31.13 -26.26
C SER A 465 8.51 32.52 -26.60
N LEU A 466 9.78 32.58 -26.96
CA LEU A 466 10.48 33.82 -27.39
C LEU A 466 9.82 34.38 -28.65
N LYS A 467 9.73 35.71 -28.73
CA LYS A 467 9.19 36.37 -29.95
C LYS A 467 10.18 36.16 -31.11
N MET B 3 -41.09 17.68 2.53
CA MET B 3 -41.89 17.15 3.69
C MET B 3 -41.44 17.77 5.01
N THR B 4 -40.37 18.54 5.02
CA THR B 4 -39.76 18.94 6.31
C THR B 4 -40.39 20.24 6.85
N ALA B 5 -40.68 20.34 8.16
CA ALA B 5 -40.89 21.64 8.87
C ALA B 5 -39.52 22.16 9.30
N PHE B 6 -39.40 23.46 9.40
CA PHE B 6 -38.12 24.11 9.74
C PHE B 6 -38.27 25.14 10.84
N ARG B 7 -37.12 25.47 11.38
CA ARG B 7 -36.94 26.66 12.23
C ARG B 7 -35.63 27.34 11.82
N ILE B 8 -35.43 28.57 12.27
CA ILE B 8 -34.17 29.29 11.97
C ILE B 8 -33.19 29.11 13.11
N GLU B 9 -31.98 28.69 12.76
CA GLU B 9 -30.77 28.78 13.63
C GLU B 9 -29.78 29.70 12.94
N LYS B 10 -28.88 30.28 13.71
CA LYS B 10 -27.85 31.15 13.10
C LYS B 10 -26.47 30.79 13.61
N ASP B 11 -25.48 31.03 12.78
CA ASP B 11 -24.06 31.01 13.14
C ASP B 11 -23.44 32.34 12.69
N THR B 12 -22.13 32.45 12.76
CA THR B 12 -21.47 33.73 12.44
C THR B 12 -21.60 34.03 10.96
N MET B 13 -22.00 33.07 10.14
CA MET B 13 -22.12 33.31 8.70
C MET B 13 -23.54 33.66 8.30
N GLY B 14 -24.53 33.37 9.13
CA GLY B 14 -25.90 33.75 8.77
C GLY B 14 -26.91 32.76 9.28
N GLU B 15 -28.11 32.92 8.79
CA GLU B 15 -29.28 32.11 9.17
C GLU B 15 -29.31 30.84 8.34
N VAL B 16 -29.74 29.76 8.95
CA VAL B 16 -29.87 28.42 8.33
C VAL B 16 -31.23 27.86 8.71
N GLN B 17 -31.92 27.29 7.75
CA GLN B 17 -33.17 26.54 8.03
C GLN B 17 -32.77 25.16 8.56
N VAL B 18 -33.25 24.81 9.75
CA VAL B 18 -32.91 23.55 10.44
C VAL B 18 -34.20 22.75 10.61
N PRO B 19 -34.22 21.45 10.29
CA PRO B 19 -35.39 20.61 10.53
C PRO B 19 -35.90 20.81 11.96
N ALA B 20 -37.18 21.21 12.06
CA ALA B 20 -37.73 21.89 13.25
C ALA B 20 -37.61 21.06 14.51
N ASP B 21 -37.68 19.73 14.42
CA ASP B 21 -37.68 18.89 15.66
C ASP B 21 -36.27 18.39 15.96
N LYS B 22 -35.27 18.69 15.14
CA LYS B 22 -33.88 18.22 15.39
C LYS B 22 -33.16 19.14 16.37
N TYR B 23 -32.34 18.53 17.24
CA TYR B 23 -31.60 19.24 18.29
C TYR B 23 -30.30 19.85 17.80
N TRP B 24 -29.87 19.51 16.58
CA TRP B 24 -28.69 20.20 16.02
C TRP B 24 -29.06 21.62 15.56
N ALA B 25 -28.10 22.36 15.08
CA ALA B 25 -28.32 23.78 14.72
C ALA B 25 -27.58 24.15 13.44
N ALA B 26 -27.19 25.41 13.30
CA ALA B 26 -26.81 25.94 11.96
C ALA B 26 -25.63 25.17 11.39
N GLN B 27 -24.59 24.94 12.16
CA GLN B 27 -23.35 24.37 11.59
C GLN B 27 -23.54 22.91 11.25
N THR B 28 -24.29 22.17 12.03
CA THR B 28 -24.56 20.76 11.69
C THR B 28 -25.33 20.76 10.38
N GLU B 29 -26.35 21.61 10.27
CA GLU B 29 -27.20 21.57 9.08
C GLU B 29 -26.37 21.99 7.86
N ARG B 30 -25.49 22.98 7.97
CA ARG B 30 -24.58 23.29 6.84
C ARG B 30 -23.83 22.03 6.43
N SER B 31 -23.13 21.40 7.37
CA SER B 31 -22.31 20.20 7.07
C SER B 31 -23.16 19.12 6.40
N ARG B 32 -24.36 18.90 6.91
CA ARG B 32 -25.24 17.84 6.42
C ARG B 32 -25.51 18.07 4.93
N ASN B 33 -25.69 19.33 4.55
CA ASN B 33 -25.99 19.71 3.15
C ASN B 33 -24.72 19.87 2.32
N ASN B 34 -23.58 20.26 2.87
CA ASN B 34 -22.39 20.62 2.07
C ASN B 34 -21.48 19.42 1.82
N PHE B 35 -21.68 18.31 2.53
CA PHE B 35 -20.81 17.12 2.43
C PHE B 35 -21.66 15.88 2.17
N LYS B 36 -22.32 15.84 1.02
CA LYS B 36 -23.16 14.69 0.62
C LYS B 36 -22.25 13.65 0.00
N ILE B 37 -21.46 13.03 0.85
CA ILE B 37 -20.35 12.15 0.41
C ILE B 37 -20.48 10.84 1.16
N GLY B 38 -20.79 9.78 0.42
CA GLY B 38 -21.06 8.46 0.99
C GLY B 38 -22.39 8.44 1.72
N PRO B 39 -22.65 7.32 2.43
CA PRO B 39 -23.92 7.19 3.16
C PRO B 39 -24.05 8.20 4.30
N ALA B 40 -25.27 8.64 4.59
CA ALA B 40 -25.53 9.64 5.62
C ALA B 40 -25.03 9.09 6.96
N ALA B 41 -24.56 9.99 7.82
CA ALA B 41 -24.36 9.69 9.23
C ALA B 41 -23.22 8.70 9.37
N SER B 42 -22.24 8.73 8.46
CA SER B 42 -21.14 7.72 8.48
C SER B 42 -20.12 7.95 9.60
N MET B 43 -20.09 9.11 10.23
CA MET B 43 -19.10 9.31 11.29
C MET B 43 -19.28 8.21 12.32
N PRO B 44 -18.24 7.43 12.66
CA PRO B 44 -18.46 6.29 13.54
C PRO B 44 -19.16 6.59 14.86
N HIS B 45 -20.08 5.73 15.27
N HIS B 45 -20.06 5.72 15.27
CA HIS B 45 -20.78 5.97 16.56
CA HIS B 45 -20.79 5.90 16.55
C HIS B 45 -19.75 5.98 17.69
C HIS B 45 -19.78 5.93 17.70
N GLU B 46 -18.66 5.23 17.58
CA GLU B 46 -17.68 5.17 18.68
C GLU B 46 -17.07 6.56 18.88
N ILE B 47 -16.96 7.34 17.82
CA ILE B 47 -16.43 8.72 17.94
C ILE B 47 -17.46 9.61 18.66
N ILE B 48 -18.75 9.48 18.31
CA ILE B 48 -19.82 10.24 19.01
C ILE B 48 -19.82 9.84 20.51
N GLU B 49 -19.72 8.56 20.82
CA GLU B 49 -19.68 8.08 22.21
C GLU B 49 -18.49 8.72 22.95
N ALA B 50 -17.31 8.70 22.34
CA ALA B 50 -16.08 9.27 22.89
C ALA B 50 -16.32 10.76 23.17
N PHE B 51 -16.93 11.46 22.22
CA PHE B 51 -17.29 12.88 22.42
C PHE B 51 -18.22 13.03 23.65
N GLY B 52 -19.23 12.17 23.80
CA GLY B 52 -20.10 12.23 24.99
C GLY B 52 -19.27 12.20 26.28
N TYR B 53 -18.30 11.31 26.36
CA TYR B 53 -17.43 11.21 27.55
C TYR B 53 -16.60 12.49 27.70
N LEU B 54 -15.95 12.97 26.64
CA LEU B 54 -14.97 14.07 26.81
C LEU B 54 -15.71 15.38 27.03
N LYS B 55 -16.88 15.59 26.45
CA LYS B 55 -17.62 16.83 26.68
C LYS B 55 -18.12 16.88 28.12
N LYS B 56 -18.55 15.74 28.65
CA LYS B 56 -18.95 15.70 30.08
C LYS B 56 -17.72 15.95 30.94
N ALA B 57 -16.60 15.33 30.64
CA ALA B 57 -15.35 15.54 31.39
C ALA B 57 -14.98 17.02 31.38
N ALA B 58 -15.05 17.65 30.20
CA ALA B 58 -14.63 19.08 30.08
C ALA B 58 -15.52 19.92 30.99
N ALA B 59 -16.82 19.64 31.05
CA ALA B 59 -17.74 20.42 31.91
C ALA B 59 -17.37 20.21 33.39
N PHE B 60 -17.11 18.98 33.82
CA PHE B 60 -16.73 18.72 35.22
C PHE B 60 -15.42 19.40 35.51
N ALA B 61 -14.42 19.31 34.61
CA ALA B 61 -13.13 19.95 34.90
C ALA B 61 -13.32 21.47 35.00
N ASN B 62 -14.02 22.05 34.03
CA ASN B 62 -14.23 23.51 34.00
C ASN B 62 -14.91 23.97 35.27
N THR B 63 -15.88 23.23 35.78
CA THR B 63 -16.57 23.63 37.04
C THR B 63 -15.59 23.54 38.21
N ASP B 64 -14.80 22.49 38.31
CA ASP B 64 -13.79 22.35 39.40
C ASP B 64 -12.78 23.48 39.36
N LEU B 65 -12.47 24.01 38.16
CA LEU B 65 -11.45 25.05 37.98
C LEU B 65 -12.10 26.45 37.98
N GLY B 66 -13.39 26.54 38.31
CA GLY B 66 -14.03 27.82 38.66
C GLY B 66 -14.52 28.60 37.47
N VAL B 67 -14.63 28.02 36.27
CA VAL B 67 -14.92 28.81 35.04
C VAL B 67 -16.27 28.41 34.42
N LEU B 68 -16.96 27.45 34.98
CA LEU B 68 -18.29 27.05 34.48
C LEU B 68 -19.20 26.84 35.69
N PRO B 69 -20.37 27.49 35.77
CA PRO B 69 -21.29 27.22 36.87
C PRO B 69 -21.71 25.75 36.92
N ALA B 70 -21.83 25.21 38.12
CA ALA B 70 -22.31 23.82 38.31
C ALA B 70 -23.66 23.56 37.68
N GLU B 71 -24.55 24.54 37.67
CA GLU B 71 -25.87 24.37 37.03
C GLU B 71 -25.69 24.06 35.55
N LYS B 72 -24.74 24.70 34.88
CA LYS B 72 -24.48 24.41 33.46
C LYS B 72 -23.79 23.07 33.30
N ARG B 73 -22.80 22.75 34.13
CA ARG B 73 -22.16 21.42 34.11
C ARG B 73 -23.26 20.37 34.20
N ASP B 74 -24.21 20.53 35.11
CA ASP B 74 -25.22 19.48 35.32
C ASP B 74 -26.07 19.28 34.07
N LEU B 75 -26.48 20.36 33.41
CA LEU B 75 -27.32 20.20 32.18
C LEU B 75 -26.49 19.63 31.03
N ILE B 76 -25.23 20.03 30.92
CA ILE B 76 -24.34 19.44 29.90
C ILE B 76 -24.20 17.95 30.16
N GLY B 77 -23.95 17.55 31.40
CA GLY B 77 -23.82 16.13 31.77
C GLY B 77 -25.10 15.36 31.44
N GLN B 78 -26.27 15.93 31.72
CA GLN B 78 -27.54 15.23 31.39
C GLN B 78 -27.62 14.96 29.90
N ALA B 79 -27.28 15.93 29.07
CA ALA B 79 -27.32 15.75 27.61
C ALA B 79 -26.27 14.74 27.14
N CYS B 80 -25.07 14.81 27.71
CA CYS B 80 -24.00 13.84 27.43
C CYS B 80 -24.48 12.44 27.82
N ASP B 81 -25.14 12.31 28.98
CA ASP B 81 -25.64 10.98 29.40
C ASP B 81 -26.68 10.47 28.43
N GLU B 82 -27.56 11.31 27.85
CA GLU B 82 -28.47 10.82 26.81
C GLU B 82 -27.71 10.30 25.58
N ILE B 83 -26.65 10.98 25.15
CA ILE B 83 -25.86 10.49 23.99
C ILE B 83 -25.25 9.14 24.33
N LEU B 84 -24.70 9.01 25.54
CA LEU B 84 -24.01 7.79 25.97
C LEU B 84 -25.00 6.63 26.15
N ALA B 85 -26.26 6.97 26.47
CA ALA B 85 -27.35 5.98 26.64
C ALA B 85 -27.94 5.59 25.27
N ARG B 86 -27.43 6.16 24.18
CA ARG B 86 -27.89 5.84 22.78
C ARG B 86 -29.33 6.29 22.58
N LYS B 87 -29.69 7.42 23.17
CA LYS B 87 -31.05 8.00 23.05
C LYS B 87 -31.12 9.05 21.94
N LEU B 88 -29.98 9.56 21.48
CA LEU B 88 -29.89 10.69 20.52
C LEU B 88 -29.17 10.30 19.23
N ASP B 89 -29.20 9.02 18.84
CA ASP B 89 -28.39 8.62 17.66
C ASP B 89 -28.84 9.38 16.41
N ASP B 90 -30.12 9.71 16.33
CA ASP B 90 -30.64 10.39 15.13
C ASP B 90 -30.31 11.89 15.11
N GLN B 91 -29.57 12.40 16.09
CA GLN B 91 -29.12 13.81 16.16
C GLN B 91 -27.71 14.01 15.61
N PHE B 92 -27.13 12.97 15.00
CA PHE B 92 -25.73 12.95 14.49
C PHE B 92 -25.77 12.51 13.05
N PRO B 93 -25.99 13.47 12.11
CA PRO B 93 -26.23 13.11 10.72
C PRO B 93 -25.00 13.22 9.80
N LEU B 94 -23.86 13.60 10.37
CA LEU B 94 -22.69 14.03 9.57
C LEU B 94 -21.82 12.84 9.16
N VAL B 95 -21.09 13.08 8.08
CA VAL B 95 -20.28 12.01 7.45
C VAL B 95 -18.82 12.10 7.91
N ILE B 96 -18.10 11.03 7.66
CA ILE B 96 -16.62 10.97 7.76
C ILE B 96 -16.00 12.07 6.93
N TRP B 97 -16.49 12.19 5.69
CA TRP B 97 -15.85 12.95 4.59
C TRP B 97 -16.28 14.42 4.71
N GLN B 98 -16.01 15.00 5.86
CA GLN B 98 -16.31 16.40 6.19
C GLN B 98 -14.99 17.16 6.22
N THR B 99 -14.93 18.31 6.88
CA THR B 99 -13.64 18.97 7.19
C THR B 99 -12.74 17.94 7.88
N GLY B 100 -11.45 18.01 7.57
CA GLY B 100 -10.51 17.02 8.06
C GLY B 100 -10.08 17.18 9.51
N SER B 101 -10.55 18.21 10.24
CA SER B 101 -10.30 18.35 11.69
C SER B 101 -11.46 17.73 12.45
N GLY B 102 -12.60 17.44 11.80
CA GLY B 102 -13.84 17.12 12.55
C GLY B 102 -14.47 18.32 13.22
N THR B 103 -14.20 19.56 12.82
CA THR B 103 -14.90 20.74 13.37
C THR B 103 -16.40 20.49 13.36
N GLN B 104 -16.89 19.97 12.25
CA GLN B 104 -18.35 19.96 12.04
C GLN B 104 -19.01 18.96 13.02
N SER B 105 -18.38 17.82 13.24
CA SER B 105 -18.85 16.90 14.31
C SER B 105 -18.65 17.49 15.69
N ASN B 106 -17.56 18.18 15.96
CA ASN B 106 -17.42 18.89 17.25
C ASN B 106 -18.61 19.82 17.46
N MET B 107 -18.92 20.61 16.44
CA MET B 107 -20.05 21.55 16.59
C MET B 107 -21.39 20.80 16.63
N ASN B 108 -21.50 19.64 16.01
CA ASN B 108 -22.71 18.76 16.11
C ASN B 108 -22.91 18.40 17.57
N LEU B 109 -21.86 17.99 18.27
CA LEU B 109 -21.97 17.74 19.71
C LEU B 109 -22.36 19.04 20.43
N ASN B 110 -21.66 20.13 20.18
CA ASN B 110 -21.90 21.38 20.93
C ASN B 110 -23.34 21.83 20.75
N GLU B 111 -23.86 21.80 19.53
CA GLU B 111 -25.25 22.27 19.22
C GLU B 111 -26.28 21.32 19.84
N VAL B 112 -26.13 20.02 19.68
CA VAL B 112 -27.10 19.06 20.26
C VAL B 112 -27.10 19.16 21.77
N ILE B 113 -25.94 19.21 22.40
CA ILE B 113 -25.88 19.33 23.87
C ILE B 113 -26.53 20.64 24.27
N ALA B 114 -26.21 21.76 23.62
CA ALA B 114 -26.78 23.07 24.00
C ALA B 114 -28.29 23.02 23.87
N ASN B 115 -28.85 22.55 22.76
CA ASN B 115 -30.33 22.60 22.57
C ASN B 115 -31.00 21.54 23.45
N ARG B 116 -30.46 20.33 23.56
CA ARG B 116 -31.09 19.31 24.41
C ARG B 116 -31.04 19.77 25.87
N ALA B 117 -29.96 20.41 26.32
CA ALA B 117 -29.86 20.95 27.69
C ALA B 117 -30.99 21.95 27.90
N HIS B 118 -31.21 22.85 26.95
CA HIS B 118 -32.24 23.92 27.07
C HIS B 118 -33.61 23.27 27.25
N VAL B 119 -33.90 22.22 26.52
CA VAL B 119 -35.22 21.54 26.56
C VAL B 119 -35.33 20.73 27.85
N ILE B 120 -34.26 20.06 28.25
CA ILE B 120 -34.29 19.33 29.55
C ILE B 120 -34.65 20.31 30.66
N ASN B 121 -34.10 21.51 30.58
CA ASN B 121 -34.25 22.56 31.58
C ASN B 121 -35.63 23.21 31.53
N GLY B 122 -36.48 22.82 30.58
CA GLY B 122 -37.88 23.31 30.47
C GLY B 122 -38.08 24.31 29.36
N GLY B 123 -37.07 24.54 28.52
CA GLY B 123 -37.22 25.46 27.41
C GLY B 123 -37.79 24.80 26.16
N LYS B 124 -37.84 25.59 25.10
CA LYS B 124 -38.38 25.21 23.78
C LYS B 124 -37.31 25.36 22.71
N LEU B 125 -37.24 24.35 21.88
CA LEU B 125 -36.36 24.37 20.73
C LEU B 125 -36.72 25.57 19.84
N GLY B 126 -35.74 26.34 19.36
CA GLY B 126 -36.06 27.60 18.68
C GLY B 126 -35.66 28.78 19.56
N GLU B 127 -35.59 28.57 20.87
CA GLU B 127 -35.11 29.65 21.75
C GLU B 127 -33.60 29.59 21.82
N LYS B 128 -32.95 30.73 22.01
CA LYS B 128 -31.49 30.68 22.23
C LYS B 128 -31.20 29.95 23.55
N SER B 129 -30.39 28.89 23.52
CA SER B 129 -30.16 28.02 24.67
C SER B 129 -29.55 28.83 25.81
N ILE B 130 -29.91 28.50 27.05
CA ILE B 130 -29.18 29.04 28.22
C ILE B 130 -27.74 28.51 28.29
N ILE B 131 -27.43 27.43 27.57
CA ILE B 131 -26.07 26.83 27.51
C ILE B 131 -25.53 27.19 26.11
N HIS B 132 -24.49 28.01 26.05
CA HIS B 132 -23.98 28.45 24.72
C HIS B 132 -23.11 27.35 24.09
N PRO B 133 -23.31 26.99 22.80
CA PRO B 133 -22.53 25.91 22.17
C PRO B 133 -21.02 26.16 22.21
N ASN B 134 -20.59 27.39 21.96
CA ASN B 134 -19.15 27.73 21.93
C ASN B 134 -18.70 28.13 23.33
N ASP B 135 -19.37 29.05 23.98
CA ASP B 135 -18.82 29.61 25.24
C ASP B 135 -18.91 28.60 26.38
N ASP B 136 -19.93 27.73 26.39
CA ASP B 136 -20.19 26.83 27.54
C ASP B 136 -19.88 25.36 27.20
N VAL B 137 -20.52 24.79 26.18
CA VAL B 137 -20.32 23.36 25.87
C VAL B 137 -18.89 23.15 25.42
N ASN B 138 -18.38 24.10 24.62
CA ASN B 138 -17.01 24.04 24.07
C ASN B 138 -16.01 24.85 24.92
N LYS B 139 -16.35 25.21 26.16
CA LYS B 139 -15.45 26.06 26.98
C LYS B 139 -14.09 25.33 27.13
N SER B 140 -12.98 26.02 26.92
CA SER B 140 -11.60 25.52 27.16
C SER B 140 -11.23 24.49 26.08
N GLN B 141 -11.95 24.47 24.95
CA GLN B 141 -11.79 23.41 23.92
C GLN B 141 -11.59 23.99 22.51
N SER B 142 -11.06 23.13 21.61
CA SER B 142 -11.12 23.32 20.14
C SER B 142 -11.62 22.00 19.52
N SER B 143 -12.02 22.00 18.27
CA SER B 143 -12.12 20.75 17.49
C SER B 143 -10.76 20.07 17.47
N ASN B 144 -9.70 20.88 17.52
CA ASN B 144 -8.35 20.38 17.20
C ASN B 144 -7.80 19.48 18.29
N ASP B 145 -8.26 19.68 19.54
CA ASP B 145 -7.91 18.78 20.66
C ASP B 145 -9.07 17.83 21.00
N THR B 146 -10.34 18.22 20.84
CA THR B 146 -11.45 17.30 21.11
C THR B 146 -11.44 16.13 20.12
N TYR B 147 -11.28 16.37 18.82
CA TYR B 147 -11.47 15.25 17.84
C TYR B 147 -10.35 14.22 18.03
N PRO B 148 -9.06 14.63 18.15
CA PRO B 148 -8.03 13.64 18.51
C PRO B 148 -8.28 12.90 19.84
N THR B 149 -8.85 13.61 20.83
CA THR B 149 -9.18 12.98 22.12
C THR B 149 -10.22 11.90 21.85
N ALA B 150 -11.26 12.21 21.06
CA ALA B 150 -12.33 11.25 20.75
C ALA B 150 -11.71 10.03 20.02
N MET B 151 -10.81 10.30 19.09
CA MET B 151 -10.13 9.23 18.34
C MET B 151 -9.38 8.31 19.28
N HIS B 152 -8.65 8.86 20.25
CA HIS B 152 -7.86 7.98 21.14
C HIS B 152 -8.77 7.28 22.14
N ILE B 153 -9.80 7.95 22.64
CA ILE B 153 -10.73 7.24 23.58
C ILE B 153 -11.35 6.06 22.83
N ALA B 154 -11.85 6.29 21.62
CA ALA B 154 -12.55 5.26 20.86
C ALA B 154 -11.56 4.15 20.49
N ALA B 155 -10.36 4.51 20.00
CA ALA B 155 -9.37 3.52 19.53
C ALA B 155 -8.94 2.67 20.70
N TYR B 156 -8.56 3.29 21.81
CA TYR B 156 -8.06 2.57 23.00
C TYR B 156 -9.15 1.63 23.53
N LYS B 157 -10.37 2.15 23.65
CA LYS B 157 -11.50 1.33 24.16
C LYS B 157 -11.66 0.12 23.23
N LYS B 158 -11.67 0.30 21.91
CA LYS B 158 -11.97 -0.83 21.04
C LYS B 158 -10.81 -1.84 21.17
N VAL B 159 -9.58 -1.37 21.19
CA VAL B 159 -8.45 -2.32 21.18
C VAL B 159 -8.48 -3.10 22.51
N VAL B 160 -8.66 -2.43 23.64
CA VAL B 160 -8.52 -3.19 24.93
C VAL B 160 -9.78 -3.97 25.25
N GLU B 161 -10.96 -3.52 24.87
CA GLU B 161 -12.23 -4.19 25.21
C GLU B 161 -12.62 -5.23 24.16
N ALA B 162 -12.27 -5.04 22.90
CA ALA B 162 -12.71 -5.95 21.83
C ALA B 162 -11.52 -6.68 21.21
N THR B 163 -10.57 -5.98 20.62
CA THR B 163 -9.54 -6.61 19.77
C THR B 163 -8.67 -7.54 20.62
N ILE B 164 -8.05 -7.04 21.67
CA ILE B 164 -7.09 -7.87 22.44
C ILE B 164 -7.80 -9.09 22.99
N PRO B 165 -8.95 -8.96 23.68
CA PRO B 165 -9.61 -10.16 24.19
C PRO B 165 -9.91 -11.19 23.09
N ALA B 166 -10.34 -10.75 21.89
CA ALA B 166 -10.69 -11.67 20.80
C ALA B 166 -9.43 -12.39 20.32
N VAL B 167 -8.33 -11.67 20.11
CA VAL B 167 -7.06 -12.31 19.69
C VAL B 167 -6.56 -13.25 20.79
N GLU B 168 -6.70 -12.87 22.04
CA GLU B 168 -6.31 -13.75 23.18
C GLU B 168 -7.14 -15.03 23.16
N ARG B 169 -8.44 -14.94 22.90
CA ARG B 169 -9.30 -16.13 22.89
C ARG B 169 -8.81 -17.09 21.81
N LEU B 170 -8.55 -16.57 20.61
CA LEU B 170 -8.11 -17.45 19.50
C LEU B 170 -6.70 -18.00 19.85
N GLN B 171 -5.81 -17.19 20.38
CA GLN B 171 -4.44 -17.60 20.73
C GLN B 171 -4.55 -18.80 21.71
N LYS B 172 -5.44 -18.71 22.68
CA LYS B 172 -5.58 -19.78 23.69
C LYS B 172 -6.07 -21.07 23.04
N THR B 173 -7.03 -20.98 22.12
CA THR B 173 -7.50 -22.17 21.41
C THR B 173 -6.34 -22.79 20.63
N LEU B 174 -5.61 -21.98 19.87
CA LEU B 174 -4.45 -22.52 19.09
C LEU B 174 -3.46 -23.20 20.02
N ALA B 175 -3.17 -22.60 21.17
CA ALA B 175 -2.22 -23.23 22.12
C ALA B 175 -2.83 -24.51 22.71
N ALA B 176 -4.13 -24.55 22.93
CA ALA B 176 -4.79 -25.77 23.43
C ALA B 176 -4.69 -26.88 22.38
N LYS B 177 -4.91 -26.54 21.12
CA LYS B 177 -4.81 -27.51 20.02
C LYS B 177 -3.36 -27.95 19.83
N ALA B 178 -2.39 -27.09 20.02
CA ALA B 178 -0.97 -27.48 19.96
C ALA B 178 -0.71 -28.55 21.02
N ALA B 179 -1.26 -28.40 22.22
CA ALA B 179 -1.11 -29.46 23.25
C ALA B 179 -1.89 -30.72 22.88
N GLU B 180 -3.14 -30.59 22.44
CA GLU B 180 -4.02 -31.73 22.06
C GLU B 180 -3.34 -32.58 21.00
N PHE B 181 -2.63 -31.97 20.06
CA PHE B 181 -2.04 -32.67 18.88
C PHE B 181 -0.53 -32.94 19.05
N LYS B 182 0.00 -32.83 20.26
CA LYS B 182 1.46 -32.94 20.50
C LYS B 182 2.05 -34.28 20.05
N ASP B 183 1.24 -35.35 19.93
CA ASP B 183 1.76 -36.71 19.61
C ASP B 183 1.35 -37.11 18.20
N VAL B 184 0.77 -36.20 17.43
CA VAL B 184 0.30 -36.53 16.06
C VAL B 184 1.39 -36.17 15.09
N VAL B 185 2.10 -37.15 14.56
CA VAL B 185 3.26 -36.91 13.68
C VAL B 185 2.76 -36.82 12.25
N LYS B 186 3.11 -35.69 11.62
CA LYS B 186 2.69 -35.42 10.24
C LYS B 186 3.90 -35.00 9.43
N ILE B 187 3.68 -34.82 8.14
CA ILE B 187 4.76 -34.41 7.22
C ILE B 187 4.78 -32.89 7.11
N GLY B 188 5.97 -32.34 7.23
CA GLY B 188 6.16 -30.92 6.96
C GLY B 188 6.20 -30.71 5.48
N ARG B 189 5.95 -29.47 5.06
CA ARG B 189 6.05 -29.06 3.67
C ARG B 189 6.79 -27.74 3.64
N THR B 190 7.78 -27.63 2.76
CA THR B 190 8.52 -26.36 2.60
C THR B 190 8.51 -26.10 1.10
N HIS B 191 8.16 -24.89 0.68
CA HIS B 191 8.08 -24.56 -0.79
C HIS B 191 6.87 -25.29 -1.39
N LEU B 192 5.96 -25.83 -0.57
CA LEU B 192 4.80 -26.69 -0.89
C LEU B 192 5.25 -28.12 -1.19
N MET B 193 6.52 -28.42 -1.07
CA MET B 193 7.07 -29.74 -1.36
C MET B 193 7.26 -30.57 -0.11
N ASP B 194 7.16 -31.88 -0.27
CA ASP B 194 7.28 -32.81 0.86
C ASP B 194 8.60 -32.55 1.56
N ALA B 195 8.56 -32.52 2.88
CA ALA B 195 9.74 -32.24 3.71
C ALA B 195 9.83 -33.30 4.81
N THR B 196 10.30 -32.93 6.00
CA THR B 196 10.55 -33.89 7.10
C THR B 196 9.45 -33.73 8.14
N PRO B 197 9.31 -34.71 9.06
CA PRO B 197 8.20 -34.69 10.00
C PRO B 197 8.18 -33.56 11.02
N LEU B 198 6.97 -33.19 11.42
CA LEU B 198 6.78 -32.38 12.64
C LEU B 198 5.43 -32.81 13.20
N THR B 199 5.19 -32.56 14.47
CA THR B 199 3.86 -32.89 14.99
C THR B 199 2.82 -31.83 14.57
N LEU B 200 1.58 -32.26 14.46
CA LEU B 200 0.49 -31.31 14.19
C LEU B 200 0.47 -30.29 15.32
N GLY B 201 0.81 -30.74 16.53
CA GLY B 201 0.97 -29.85 17.70
C GLY B 201 2.01 -28.78 17.49
N GLN B 202 3.19 -29.19 17.01
CA GLN B 202 4.28 -28.23 16.68
C GLN B 202 3.75 -27.21 15.66
N GLU B 203 3.05 -27.66 14.63
CA GLU B 203 2.59 -26.71 13.58
C GLU B 203 1.63 -25.68 14.16
N PHE B 204 0.71 -26.13 15.03
CA PHE B 204 -0.27 -25.24 15.69
C PHE B 204 0.44 -24.38 16.73
N SER B 205 1.56 -24.88 17.30
CA SER B 205 2.32 -24.06 18.25
C SER B 205 2.86 -22.82 17.52
N GLY B 206 3.18 -22.92 16.25
CA GLY B 206 3.70 -21.76 15.53
C GLY B 206 2.57 -20.73 15.42
N TYR B 207 1.34 -21.17 15.12
CA TYR B 207 0.20 -20.25 14.97
C TYR B 207 -0.02 -19.56 16.31
N ALA B 208 -0.01 -20.34 17.41
CA ALA B 208 -0.21 -19.78 18.75
C ALA B 208 0.87 -18.76 19.07
N ALA B 209 2.12 -19.03 18.70
CA ALA B 209 3.23 -18.10 18.99
C ALA B 209 3.05 -16.80 18.18
N GLN B 210 2.64 -16.92 16.94
CA GLN B 210 2.41 -15.73 16.08
C GLN B 210 1.41 -14.81 16.77
N LEU B 211 0.32 -15.34 17.32
CA LEU B 211 -0.63 -14.41 17.96
C LEU B 211 -0.05 -13.89 19.28
N SER B 212 0.74 -14.68 20.00
CA SER B 212 1.36 -14.18 21.27
C SER B 212 2.26 -12.99 20.92
N PHE B 213 3.12 -13.13 19.90
CA PHE B 213 3.95 -12.01 19.45
C PHE B 213 3.09 -10.82 19.06
N GLY B 214 2.00 -11.07 18.34
CA GLY B 214 1.21 -9.93 17.86
C GLY B 214 0.53 -9.21 19.02
N LEU B 215 0.05 -9.96 20.02
CA LEU B 215 -0.54 -9.34 21.24
C LEU B 215 0.50 -8.46 21.93
N THR B 216 1.75 -8.92 22.08
CA THR B 216 2.80 -8.09 22.69
C THR B 216 2.97 -6.81 21.83
N ALA B 217 3.02 -6.93 20.51
CA ALA B 217 3.23 -5.79 19.59
C ALA B 217 2.10 -4.77 19.74
N ILE B 218 0.84 -5.21 19.85
CA ILE B 218 -0.29 -4.25 20.07
C ILE B 218 -0.08 -3.60 21.44
N LYS B 219 0.16 -4.38 22.49
CA LYS B 219 0.23 -3.81 23.85
C LYS B 219 1.37 -2.82 23.95
N ASN B 220 2.46 -2.98 23.19
CA ASN B 220 3.62 -2.08 23.24
C ASN B 220 3.20 -0.69 22.76
N THR B 221 2.12 -0.59 21.97
CA THR B 221 1.65 0.68 21.37
C THR B 221 0.67 1.43 22.27
N LEU B 222 0.19 0.81 23.35
CA LEU B 222 -0.85 1.44 24.18
C LEU B 222 -0.32 2.65 24.96
N PRO B 223 0.93 2.71 25.44
CA PRO B 223 1.40 3.91 26.15
C PRO B 223 1.25 5.19 25.32
N HIS B 224 1.45 5.11 24.03
CA HIS B 224 1.29 6.31 23.17
C HIS B 224 -0.20 6.56 22.93
N LEU B 225 -1.00 5.51 22.73
CA LEU B 225 -2.42 5.65 22.44
C LEU B 225 -3.22 6.20 23.62
N ARG B 226 -2.80 5.94 24.84
CA ARG B 226 -3.59 6.38 26.03
C ARG B 226 -3.38 7.88 26.31
N GLN B 227 -2.48 8.55 25.56
CA GLN B 227 -2.21 10.00 25.74
C GLN B 227 -3.31 10.78 25.01
N LEU B 228 -3.94 11.75 25.69
CA LEU B 228 -5.03 12.54 25.10
C LEU B 228 -4.57 13.97 24.80
N ALA B 229 -5.01 14.50 23.65
CA ALA B 229 -4.69 15.87 23.21
C ALA B 229 -5.44 16.94 24.02
N LEU B 230 -6.48 16.57 24.74
CA LEU B 230 -7.41 17.58 25.30
C LEU B 230 -6.64 18.52 26.22
N GLY B 231 -6.80 19.82 25.97
CA GLY B 231 -6.00 20.88 26.63
C GLY B 231 -5.07 21.59 25.67
N GLY B 232 -4.82 21.04 24.49
CA GLY B 232 -4.00 21.75 23.49
C GLY B 232 -4.73 22.93 22.82
N THR B 233 -6.04 22.90 22.84
CA THR B 233 -6.97 23.80 22.11
C THR B 233 -6.56 24.04 20.65
N ALA B 234 -6.43 25.28 20.21
CA ALA B 234 -6.32 25.66 18.78
C ALA B 234 -5.04 25.14 18.13
N VAL B 235 -3.90 25.32 18.74
CA VAL B 235 -2.60 25.05 18.08
C VAL B 235 -1.67 24.22 18.96
N GLY B 236 -2.08 23.84 20.19
CA GLY B 236 -1.25 23.01 21.08
C GLY B 236 -0.82 23.73 22.33
N THR B 237 -0.97 25.04 22.37
CA THR B 237 -0.46 25.93 23.44
C THR B 237 -1.38 25.90 24.66
N GLY B 238 -2.58 25.37 24.58
CA GLY B 238 -3.55 25.47 25.69
C GLY B 238 -4.10 26.87 25.89
N LEU B 239 -3.99 27.76 24.90
CA LEU B 239 -4.74 29.03 24.88
C LEU B 239 -6.18 28.81 25.36
N ASN B 240 -6.57 29.61 26.36
CA ASN B 240 -7.95 29.74 26.90
C ASN B 240 -8.27 28.51 27.75
N THR B 241 -7.29 27.79 28.24
CA THR B 241 -7.55 26.73 29.24
C THR B 241 -7.15 27.25 30.59
N PRO B 242 -7.94 26.93 31.63
CA PRO B 242 -7.53 27.21 33.01
C PRO B 242 -6.29 26.38 33.35
N LYS B 243 -5.43 26.93 34.21
CA LYS B 243 -4.23 26.20 34.65
C LYS B 243 -4.65 24.88 35.28
N GLY B 244 -4.05 23.79 34.83
CA GLY B 244 -4.36 22.48 35.42
C GLY B 244 -5.42 21.73 34.61
N TYR B 245 -6.06 22.35 33.63
CA TYR B 245 -7.19 21.74 32.92
C TYR B 245 -6.74 20.44 32.25
N ASP B 246 -5.61 20.45 31.56
CA ASP B 246 -5.16 19.27 30.79
C ASP B 246 -5.18 18.01 31.69
N VAL B 247 -4.60 18.10 32.87
CA VAL B 247 -4.48 16.92 33.78
C VAL B 247 -5.83 16.62 34.42
N LYS B 248 -6.57 17.65 34.80
CA LYS B 248 -7.87 17.43 35.43
C LYS B 248 -8.87 16.79 34.46
N VAL B 249 -8.92 17.27 33.23
CA VAL B 249 -9.93 16.73 32.31
C VAL B 249 -9.56 15.28 31.95
N ALA B 250 -8.27 14.96 31.86
CA ALA B 250 -7.86 13.55 31.62
C ALA B 250 -8.29 12.69 32.84
N GLU B 251 -8.19 13.23 34.06
CA GLU B 251 -8.66 12.49 35.26
C GLU B 251 -10.16 12.16 35.08
N TYR B 252 -10.96 13.14 34.65
CA TYR B 252 -12.41 12.88 34.48
C TYR B 252 -12.65 11.89 33.33
N ILE B 253 -11.91 11.99 32.22
CA ILE B 253 -12.15 11.00 31.13
C ILE B 253 -11.81 9.59 31.66
N ALA B 254 -10.71 9.45 32.38
CA ALA B 254 -10.31 8.14 32.95
C ALA B 254 -11.41 7.62 33.88
N LYS B 255 -11.96 8.53 34.69
CA LYS B 255 -13.04 8.14 35.61
C LYS B 255 -14.27 7.66 34.84
N PHE B 256 -14.75 8.45 33.90
CA PHE B 256 -16.04 8.11 33.23
C PHE B 256 -15.87 6.85 32.36
N THR B 257 -14.74 6.69 31.68
CA THR B 257 -14.50 5.52 30.78
C THR B 257 -14.05 4.29 31.55
N GLY B 258 -13.46 4.46 32.72
CA GLY B 258 -12.80 3.37 33.45
C GLY B 258 -11.50 2.89 32.81
N LEU B 259 -10.89 3.70 31.95
CA LEU B 259 -9.64 3.33 31.26
C LEU B 259 -8.54 4.32 31.60
N PRO B 260 -7.28 3.88 31.59
CA PRO B 260 -6.17 4.67 32.13
C PRO B 260 -5.59 5.71 31.15
N PHE B 261 -6.42 6.68 30.81
CA PHE B 261 -6.00 7.81 29.97
C PHE B 261 -5.20 8.80 30.82
N ILE B 262 -4.30 9.47 30.12
CA ILE B 262 -3.43 10.54 30.69
C ILE B 262 -3.37 11.64 29.65
N THR B 263 -2.97 12.84 30.06
CA THR B 263 -2.76 13.94 29.10
C THR B 263 -1.53 13.65 28.25
N ALA B 264 -1.56 14.18 27.03
CA ALA B 264 -0.40 13.97 26.15
C ALA B 264 0.83 14.76 26.62
N GLU B 265 1.98 14.15 26.45
CA GLU B 265 3.26 14.74 26.86
C GLU B 265 3.56 15.97 26.02
N ASN B 266 3.17 15.96 24.75
CA ASN B 266 3.49 17.05 23.83
C ASN B 266 2.26 17.35 22.98
N LYS B 267 1.60 18.46 23.27
CA LYS B 267 0.30 18.77 22.63
C LYS B 267 0.49 19.12 21.16
N PHE B 268 1.68 19.54 20.74
CA PHE B 268 1.96 19.86 19.33
C PHE B 268 1.95 18.56 18.54
N GLU B 269 2.66 17.54 19.01
CA GLU B 269 2.66 16.19 18.41
C GLU B 269 1.20 15.69 18.40
N ALA B 270 0.40 15.99 19.43
CA ALA B 270 -0.92 15.38 19.59
C ALA B 270 -1.96 16.01 18.66
N LEU B 271 -1.66 17.20 18.10
CA LEU B 271 -2.54 17.89 17.12
C LEU B 271 -2.05 17.75 15.68
N ALA B 272 -0.74 17.87 15.51
CA ALA B 272 -0.09 18.05 14.19
C ALA B 272 0.09 16.67 13.53
N THR B 273 -0.16 15.60 14.27
CA THR B 273 0.09 14.21 13.83
C THR B 273 -0.98 13.32 14.41
N HIS B 274 -1.14 12.17 13.79
CA HIS B 274 -1.81 11.01 14.40
C HIS B 274 -0.83 9.85 14.41
N ASP B 275 0.38 10.08 14.87
CA ASP B 275 1.42 9.04 14.88
C ASP B 275 1.03 7.86 15.80
N ALA B 276 0.31 8.07 16.91
CA ALA B 276 -0.15 6.97 17.78
C ALA B 276 -1.09 6.04 17.03
N ILE B 277 -1.90 6.61 16.14
CA ILE B 277 -2.84 5.80 15.33
C ILE B 277 -2.02 5.00 14.32
N VAL B 278 -1.01 5.61 13.72
CA VAL B 278 -0.12 4.89 12.79
C VAL B 278 0.56 3.74 13.55
N GLU B 279 1.07 4.02 14.75
CA GLU B 279 1.80 3.02 15.56
C GLU B 279 0.89 1.84 15.89
N THR B 280 -0.25 2.09 16.53
CA THR B 280 -1.13 0.99 16.92
C THR B 280 -1.67 0.28 15.68
N HIS B 281 -2.01 1.00 14.60
CA HIS B 281 -2.57 0.29 13.43
C HIS B 281 -1.50 -0.60 12.80
N GLY B 282 -0.23 -0.20 12.85
CA GLY B 282 0.81 -1.10 12.30
C GLY B 282 0.84 -2.42 13.06
N ALA B 283 0.59 -2.39 14.37
CA ALA B 283 0.50 -3.64 15.16
C ALA B 283 -0.75 -4.42 14.79
N LEU B 284 -1.87 -3.76 14.56
CA LEU B 284 -3.08 -4.48 14.08
C LEU B 284 -2.76 -5.14 12.74
N LYS B 285 -2.10 -4.42 11.85
CA LYS B 285 -1.76 -4.96 10.52
C LYS B 285 -0.79 -6.14 10.65
N GLN B 286 0.18 -6.09 11.57
CA GLN B 286 1.05 -7.25 11.85
C GLN B 286 0.17 -8.45 12.20
N VAL B 287 -0.71 -8.25 13.15
CA VAL B 287 -1.62 -9.36 13.59
C VAL B 287 -2.43 -9.88 12.40
N ALA B 288 -2.93 -8.98 11.55
CA ALA B 288 -3.72 -9.34 10.36
C ALA B 288 -2.88 -10.21 9.40
N MET B 289 -1.62 -9.86 9.19
CA MET B 289 -0.81 -10.66 8.26
C MET B 289 -0.55 -12.04 8.85
N SER B 290 -0.41 -12.18 10.17
CA SER B 290 -0.29 -13.49 10.84
C SER B 290 -1.59 -14.27 10.68
N LEU B 291 -2.70 -13.61 10.93
CA LEU B 291 -4.02 -14.29 10.82
C LEU B 291 -4.23 -14.76 9.36
N PHE B 292 -3.85 -13.96 8.39
CA PHE B 292 -3.99 -14.41 6.99
C PHE B 292 -3.29 -15.75 6.83
N LYS B 293 -2.03 -15.84 7.28
CA LYS B 293 -1.21 -17.07 7.08
C LYS B 293 -1.88 -18.23 7.84
N ILE B 294 -2.29 -18.02 9.09
CA ILE B 294 -2.94 -19.07 9.89
C ILE B 294 -4.20 -19.61 9.17
N ALA B 295 -5.06 -18.68 8.75
CA ALA B 295 -6.30 -19.06 8.04
C ALA B 295 -5.96 -19.77 6.74
N ASN B 296 -4.96 -19.29 6.02
CA ASN B 296 -4.63 -19.92 4.72
C ASN B 296 -4.10 -21.33 4.95
N ASP B 297 -3.26 -21.54 5.95
CA ASP B 297 -2.77 -22.90 6.27
C ASP B 297 -3.93 -23.81 6.63
N ILE B 298 -4.89 -23.30 7.40
CA ILE B 298 -5.96 -24.20 7.88
C ILE B 298 -6.79 -24.63 6.67
N ARG B 299 -7.06 -23.73 5.73
CA ARG B 299 -7.84 -24.18 4.54
C ARG B 299 -6.98 -25.11 3.66
N LEU B 300 -5.67 -24.88 3.51
CA LEU B 300 -4.83 -25.85 2.78
C LEU B 300 -4.87 -27.22 3.48
N LEU B 301 -4.70 -27.26 4.78
CA LEU B 301 -4.69 -28.52 5.54
C LEU B 301 -6.01 -29.25 5.39
N ALA B 302 -7.12 -28.51 5.25
CA ALA B 302 -8.48 -29.08 5.27
C ALA B 302 -8.91 -29.38 3.83
N SER B 303 -8.09 -29.05 2.87
CA SER B 303 -8.53 -29.10 1.47
C SER B 303 -8.92 -30.51 1.07
N GLY B 304 -9.94 -30.62 0.22
CA GLY B 304 -10.35 -31.91 -0.34
C GLY B 304 -11.86 -31.96 -0.44
N PRO B 305 -12.55 -32.92 0.20
CA PRO B 305 -11.99 -33.88 1.16
C PRO B 305 -11.20 -35.06 0.57
N ARG B 306 -11.30 -35.30 -0.73
CA ARG B 306 -10.68 -36.51 -1.34
C ARG B 306 -9.55 -36.15 -2.30
N SER B 307 -9.55 -35.00 -2.93
CA SER B 307 -8.57 -34.68 -4.01
C SER B 307 -7.69 -33.48 -3.63
N GLY B 308 -7.50 -33.24 -2.34
CA GLY B 308 -6.57 -32.21 -1.86
C GLY B 308 -5.57 -32.75 -0.88
N ILE B 309 -5.32 -32.01 0.18
CA ILE B 309 -4.36 -32.43 1.24
C ILE B 309 -5.15 -33.23 2.28
N GLY B 310 -6.10 -32.61 2.97
CA GLY B 310 -7.04 -33.36 3.83
C GLY B 310 -6.40 -33.89 5.09
N GLU B 311 -5.40 -33.22 5.63
CA GLU B 311 -4.77 -33.65 6.92
C GLU B 311 -5.64 -33.31 8.14
N ILE B 312 -6.49 -32.29 8.06
CA ILE B 312 -7.37 -31.94 9.20
C ILE B 312 -8.82 -31.92 8.75
N LEU B 313 -9.66 -32.14 9.75
CA LEU B 313 -11.12 -32.04 9.72
C LEU B 313 -11.52 -30.76 10.43
N ILE B 314 -12.35 -29.96 9.78
CA ILE B 314 -12.84 -28.68 10.34
C ILE B 314 -14.35 -28.77 10.40
N PRO B 315 -14.97 -28.01 11.32
CA PRO B 315 -16.42 -28.00 11.37
C PRO B 315 -17.08 -27.59 10.05
N GLU B 316 -18.17 -28.30 9.74
CA GLU B 316 -18.96 -28.15 8.47
C GLU B 316 -20.19 -27.33 8.85
N ASN B 317 -20.19 -26.03 8.60
CA ASN B 317 -21.22 -25.14 9.17
C ASN B 317 -22.35 -24.85 8.17
N GLU B 318 -22.12 -24.91 6.87
CA GLU B 318 -23.18 -24.52 5.91
C GLU B 318 -22.90 -25.16 4.58
N PRO B 319 -23.90 -25.24 3.69
CA PRO B 319 -23.62 -25.61 2.32
C PRO B 319 -22.67 -24.63 1.62
N GLY B 320 -21.75 -25.22 0.90
CA GLY B 320 -20.68 -24.44 0.27
C GLY B 320 -21.03 -23.90 -1.10
N SER B 321 -21.97 -24.54 -1.78
CA SER B 321 -22.21 -24.24 -3.20
C SER B 321 -23.70 -24.20 -3.48
N SER B 322 -24.11 -23.39 -4.43
CA SER B 322 -25.52 -23.39 -4.92
C SER B 322 -25.72 -24.47 -6.01
N ILE B 323 -24.61 -24.99 -6.56
CA ILE B 323 -24.68 -25.92 -7.70
C ILE B 323 -24.06 -27.28 -7.35
N MET B 324 -22.94 -27.33 -6.63
CA MET B 324 -22.21 -28.58 -6.31
C MET B 324 -22.82 -29.14 -5.02
N PRO B 325 -23.72 -30.15 -5.13
CA PRO B 325 -24.54 -30.58 -4.00
C PRO B 325 -23.67 -31.34 -2.99
N GLY B 326 -23.71 -30.90 -1.73
CA GLY B 326 -22.98 -31.49 -0.60
C GLY B 326 -21.60 -30.89 -0.44
N LYS B 327 -21.19 -29.93 -1.27
CA LYS B 327 -19.88 -29.28 -1.04
C LYS B 327 -19.89 -28.46 0.25
N VAL B 328 -18.78 -28.47 0.96
CA VAL B 328 -18.59 -27.63 2.19
C VAL B 328 -17.23 -26.98 2.12
N ASN B 329 -17.19 -25.66 2.35
CA ASN B 329 -15.96 -24.85 2.16
C ASN B 329 -15.48 -24.35 3.50
N PRO B 330 -14.19 -23.98 3.54
CA PRO B 330 -13.58 -23.37 4.73
C PRO B 330 -13.88 -21.87 4.78
N THR B 331 -15.16 -21.60 5.00
CA THR B 331 -15.70 -20.23 4.88
C THR B 331 -15.22 -19.33 6.02
N GLN B 332 -14.99 -19.83 7.23
CA GLN B 332 -14.42 -18.96 8.27
C GLN B 332 -13.01 -18.55 7.89
N CYS B 333 -12.22 -19.45 7.31
CA CYS B 333 -10.87 -19.10 6.84
C CYS B 333 -10.97 -17.97 5.81
N GLU B 334 -11.94 -18.01 4.89
CA GLU B 334 -12.09 -16.99 3.84
C GLU B 334 -12.43 -15.64 4.44
N ALA B 335 -13.32 -15.62 5.42
CA ALA B 335 -13.71 -14.34 6.07
C ALA B 335 -12.46 -13.75 6.71
N MET B 336 -11.65 -14.57 7.37
CA MET B 336 -10.44 -14.06 8.03
C MET B 336 -9.44 -13.53 6.98
N THR B 337 -9.21 -14.25 5.88
CA THR B 337 -8.28 -13.72 4.85
C THR B 337 -8.80 -12.42 4.27
N MET B 338 -10.11 -12.27 4.08
CA MET B 338 -10.65 -11.03 3.51
C MET B 338 -10.51 -9.86 4.49
N VAL B 339 -10.80 -10.09 5.76
CA VAL B 339 -10.54 -9.05 6.79
C VAL B 339 -9.08 -8.65 6.77
N ALA B 340 -8.16 -9.60 6.65
CA ALA B 340 -6.73 -9.27 6.68
C ALA B 340 -6.37 -8.39 5.47
N ALA B 341 -6.91 -8.69 4.27
CA ALA B 341 -6.65 -7.86 3.09
C ALA B 341 -7.17 -6.43 3.31
N GLN B 342 -8.33 -6.28 3.94
CA GLN B 342 -8.90 -4.98 4.32
C GLN B 342 -7.96 -4.25 5.26
N VAL B 343 -7.42 -4.96 6.27
CA VAL B 343 -6.53 -4.27 7.23
C VAL B 343 -5.28 -3.73 6.58
N LEU B 344 -4.72 -4.47 5.62
CA LEU B 344 -3.49 -3.98 4.94
C LEU B 344 -3.82 -2.69 4.18
N GLY B 345 -4.94 -2.64 3.47
CA GLY B 345 -5.31 -1.42 2.74
C GLY B 345 -5.57 -0.28 3.72
N ASN B 346 -6.20 -0.60 4.86
CA ASN B 346 -6.43 0.45 5.87
C ASN B 346 -5.08 1.00 6.35
N ASP B 347 -4.08 0.14 6.44
CA ASP B 347 -2.72 0.55 6.86
C ASP B 347 -2.14 1.51 5.82
N THR B 348 -2.33 1.27 4.51
CA THR B 348 -1.88 2.22 3.48
C THR B 348 -2.55 3.59 3.67
N THR B 349 -3.87 3.59 3.82
CA THR B 349 -4.65 4.83 4.01
C THR B 349 -4.12 5.58 5.25
N ILE B 350 -3.99 4.86 6.38
CA ILE B 350 -3.61 5.53 7.63
C ILE B 350 -2.19 6.09 7.50
N SER B 351 -1.29 5.31 6.93
CA SER B 351 0.13 5.73 6.82
C SER B 351 0.21 6.97 5.94
N PHE B 352 -0.46 6.94 4.79
CA PHE B 352 -0.48 8.08 3.84
C PHE B 352 -1.02 9.30 4.57
N ALA B 353 -2.19 9.15 5.18
CA ALA B 353 -2.85 10.28 5.87
C ALA B 353 -1.92 10.77 6.99
N GLY B 354 -1.23 9.87 7.66
CA GLY B 354 -0.37 10.24 8.80
C GLY B 354 0.84 11.03 8.39
N SER B 355 1.25 10.98 7.13
CA SER B 355 2.38 11.77 6.61
C SER B 355 1.94 13.19 6.27
N GLN B 356 0.62 13.47 6.21
CA GLN B 356 0.09 14.65 5.48
C GLN B 356 -0.29 15.82 6.38
N GLY B 357 0.17 15.80 7.63
CA GLY B 357 -0.04 16.97 8.50
C GLY B 357 0.61 18.21 7.89
N HIS B 358 0.06 19.37 8.18
CA HIS B 358 0.65 20.70 7.86
C HIS B 358 0.73 21.53 9.14
N PHE B 359 1.91 22.01 9.46
CA PHE B 359 2.10 22.97 10.54
C PHE B 359 1.42 22.40 11.79
N GLU B 360 0.48 23.14 12.37
CA GLU B 360 -0.05 22.78 13.71
C GLU B 360 -1.12 21.71 13.68
N LEU B 361 -1.60 21.23 12.52
CA LEU B 361 -2.77 20.33 12.53
C LEU B 361 -2.67 19.32 11.43
N ASN B 362 -2.90 18.08 11.77
CA ASN B 362 -3.17 17.01 10.77
C ASN B 362 -4.67 17.06 10.47
N VAL B 363 -5.06 17.30 9.23
CA VAL B 363 -6.50 17.42 8.85
C VAL B 363 -6.87 16.23 7.97
N PHE B 364 -6.52 15.05 8.43
CA PHE B 364 -7.02 13.75 7.93
C PHE B 364 -7.67 12.96 9.06
N LYS B 365 -8.23 13.65 10.07
CA LYS B 365 -8.60 12.95 11.33
C LYS B 365 -9.73 11.95 11.08
N PRO B 366 -10.84 12.32 10.42
CA PRO B 366 -11.94 11.35 10.31
C PRO B 366 -11.55 10.09 9.53
N VAL B 367 -10.83 10.25 8.42
CA VAL B 367 -10.48 9.04 7.63
C VAL B 367 -9.52 8.15 8.42
N MET B 368 -8.58 8.72 9.16
CA MET B 368 -7.71 7.88 10.02
C MET B 368 -8.59 7.20 11.06
N ALA B 369 -9.52 7.92 11.69
CA ALA B 369 -10.35 7.36 12.78
C ALA B 369 -11.16 6.17 12.23
N ALA B 370 -11.86 6.39 11.11
CA ALA B 370 -12.84 5.42 10.58
C ALA B 370 -12.10 4.16 10.18
N ASN B 371 -10.94 4.29 9.53
CA ASN B 371 -10.17 3.11 9.10
C ASN B 371 -9.64 2.35 10.32
N PHE B 372 -9.12 3.09 11.30
CA PHE B 372 -8.60 2.44 12.52
C PHE B 372 -9.70 1.61 13.17
N LEU B 373 -10.85 2.23 13.41
CA LEU B 373 -11.93 1.55 14.14
C LEU B 373 -12.42 0.36 13.31
N GLN B 374 -12.48 0.46 12.00
CA GLN B 374 -12.87 -0.73 11.17
C GLN B 374 -11.87 -1.87 11.41
N SER B 375 -10.57 -1.60 11.33
CA SER B 375 -9.60 -2.71 11.54
C SER B 375 -9.75 -3.36 12.93
N ALA B 376 -9.75 -2.51 13.95
CA ALA B 376 -9.87 -3.00 15.33
C ALA B 376 -11.15 -3.84 15.48
N GLN B 377 -12.28 -3.40 14.93
CA GLN B 377 -13.56 -4.12 15.10
C GLN B 377 -13.56 -5.40 14.29
N LEU B 378 -13.10 -5.34 13.03
CA LEU B 378 -13.17 -6.53 12.15
C LEU B 378 -12.22 -7.62 12.67
N ILE B 379 -11.04 -7.23 13.16
CA ILE B 379 -10.10 -8.25 13.68
C ILE B 379 -10.79 -8.89 14.89
N ALA B 380 -11.39 -8.11 15.75
CA ALA B 380 -12.03 -8.68 16.96
C ALA B 380 -13.11 -9.66 16.51
N ASP B 381 -13.99 -9.22 15.62
CA ASP B 381 -15.17 -10.02 15.25
C ASP B 381 -14.71 -11.31 14.59
N VAL B 382 -13.76 -11.23 13.66
CA VAL B 382 -13.40 -12.42 12.87
C VAL B 382 -12.60 -13.35 13.73
N CYS B 383 -11.86 -12.86 14.73
CA CYS B 383 -11.14 -13.82 15.61
C CYS B 383 -12.16 -14.60 16.44
N ILE B 384 -13.18 -13.92 16.95
CA ILE B 384 -14.23 -14.64 17.71
C ILE B 384 -14.91 -15.64 16.77
N SER B 385 -15.34 -15.18 15.59
CA SER B 385 -16.10 -16.06 14.67
C SER B 385 -15.23 -17.30 14.35
N PHE B 386 -13.97 -17.09 14.00
CA PHE B 386 -13.06 -18.15 13.55
C PHE B 386 -12.88 -19.12 14.71
N ASP B 387 -12.67 -18.60 15.91
CA ASP B 387 -12.52 -19.47 17.11
C ASP B 387 -13.75 -20.32 17.35
N GLU B 388 -14.93 -19.71 17.32
CA GLU B 388 -16.18 -20.39 17.63
C GLU B 388 -16.50 -21.44 16.55
N HIS B 389 -16.33 -21.06 15.27
CA HIS B 389 -16.93 -21.83 14.18
C HIS B 389 -15.88 -22.65 13.45
N CYS B 390 -14.60 -22.52 13.78
CA CYS B 390 -13.53 -23.25 13.07
C CYS B 390 -12.52 -23.80 14.07
N ALA B 391 -11.73 -22.94 14.72
CA ALA B 391 -10.48 -23.37 15.39
C ALA B 391 -10.81 -24.35 16.53
N THR B 392 -11.84 -24.12 17.32
CA THR B 392 -12.15 -24.99 18.48
C THR B 392 -12.51 -26.41 18.04
N GLY B 393 -12.95 -26.59 16.80
CA GLY B 393 -13.43 -27.88 16.29
C GLY B 393 -12.42 -28.64 15.45
N ILE B 394 -11.21 -28.10 15.26
CA ILE B 394 -10.23 -28.78 14.37
C ILE B 394 -9.80 -30.11 14.96
N GLN B 395 -9.80 -31.14 14.13
CA GLN B 395 -9.34 -32.49 14.55
C GLN B 395 -8.43 -33.03 13.46
N PRO B 396 -7.54 -33.98 13.78
CA PRO B 396 -6.71 -34.60 12.77
C PRO B 396 -7.52 -35.61 11.96
N ASN B 397 -7.16 -35.72 10.69
CA ASN B 397 -7.61 -36.84 9.83
C ASN B 397 -6.50 -37.91 9.87
N THR B 398 -6.54 -38.76 10.90
CA THR B 398 -5.39 -39.61 11.30
C THR B 398 -4.90 -40.48 10.14
N PRO B 399 -5.76 -41.25 9.45
CA PRO B 399 -5.26 -42.15 8.41
C PRO B 399 -4.57 -41.39 7.27
N ARG B 400 -5.12 -40.23 6.94
CA ARG B 400 -4.61 -39.41 5.83
C ARG B 400 -3.27 -38.80 6.24
N ILE B 401 -3.18 -38.34 7.46
CA ILE B 401 -1.87 -37.90 7.99
C ILE B 401 -0.85 -39.02 7.88
N GLN B 402 -1.17 -40.21 8.35
CA GLN B 402 -0.18 -41.32 8.40
C GLN B 402 0.26 -41.67 6.98
N HIS B 403 -0.65 -41.70 6.03
CA HIS B 403 -0.30 -42.02 4.62
C HIS B 403 0.66 -40.94 4.07
N LEU B 404 0.35 -39.67 4.29
CA LEU B 404 1.20 -38.60 3.70
C LEU B 404 2.57 -38.58 4.40
N LEU B 405 2.63 -38.90 5.67
CA LEU B 405 3.89 -38.95 6.44
C LEU B 405 4.77 -40.05 5.85
N ASP B 406 4.19 -41.25 5.72
CA ASP B 406 5.05 -42.42 5.40
C ASP B 406 5.51 -42.29 3.94
N SER B 407 4.80 -41.50 3.14
CA SER B 407 5.09 -41.40 1.68
C SER B 407 6.28 -40.48 1.40
N SER B 408 6.66 -39.55 2.29
CA SER B 408 7.65 -38.52 1.94
C SER B 408 9.03 -39.14 1.66
N LEU B 409 9.60 -38.84 0.52
CA LEU B 409 10.99 -39.31 0.26
C LEU B 409 11.97 -38.55 1.13
N MET B 410 11.58 -37.39 1.69
CA MET B 410 12.53 -36.57 2.45
C MET B 410 12.66 -37.11 3.87
N LEU B 411 12.03 -38.20 4.21
CA LEU B 411 12.41 -38.92 5.47
C LEU B 411 13.87 -39.38 5.37
N VAL B 412 14.43 -39.41 4.17
CA VAL B 412 15.83 -39.86 3.91
C VAL B 412 16.80 -38.96 4.65
N THR B 413 16.39 -37.72 4.95
CA THR B 413 17.22 -36.71 5.62
C THR B 413 17.76 -37.26 6.95
N ALA B 414 17.03 -38.20 7.57
CA ALA B 414 17.46 -38.82 8.83
C ALA B 414 18.78 -39.55 8.59
N LEU B 415 19.11 -39.91 7.36
CA LEU B 415 20.36 -40.66 7.06
C LEU B 415 21.57 -39.75 7.00
N ASN B 416 21.43 -38.42 6.94
CA ASN B 416 22.54 -37.53 6.53
C ASN B 416 23.76 -37.74 7.42
N THR B 417 23.56 -37.76 8.73
CA THR B 417 24.71 -37.73 9.68
C THR B 417 25.36 -39.13 9.68
N HIS B 418 24.75 -40.14 9.05
CA HIS B 418 25.26 -41.53 9.05
C HIS B 418 25.93 -41.87 7.71
N ILE B 419 25.38 -41.45 6.58
CA ILE B 419 25.92 -41.86 5.26
C ILE B 419 26.31 -40.64 4.42
N GLY B 420 25.99 -39.43 4.90
CA GLY B 420 26.25 -38.21 4.14
C GLY B 420 25.15 -37.82 3.16
N TYR B 421 25.10 -36.55 2.84
CA TYR B 421 24.10 -35.93 1.96
C TYR B 421 24.08 -36.63 0.60
N GLU B 422 25.25 -36.85 -0.01
CA GLU B 422 25.28 -37.37 -1.41
C GLU B 422 24.68 -38.78 -1.48
N ASN B 423 25.06 -39.67 -0.58
CA ASN B 423 24.52 -41.04 -0.63
C ASN B 423 23.02 -41.04 -0.28
N ALA B 424 22.58 -40.18 0.63
CA ALA B 424 21.14 -40.08 0.93
C ALA B 424 20.40 -39.58 -0.31
N ALA B 425 20.98 -38.63 -1.07
CA ALA B 425 20.31 -38.11 -2.29
C ALA B 425 20.16 -39.22 -3.34
N LYS B 426 21.15 -40.09 -3.46
CA LYS B 426 21.09 -41.23 -4.40
C LYS B 426 19.87 -42.08 -4.05
N ILE B 427 19.66 -42.37 -2.76
CA ILE B 427 18.50 -43.22 -2.34
C ILE B 427 17.19 -42.55 -2.76
N ALA B 428 17.00 -41.28 -2.42
CA ALA B 428 15.72 -40.59 -2.69
C ALA B 428 15.53 -40.46 -4.19
N LYS B 429 16.60 -40.15 -4.93
CA LYS B 429 16.45 -39.96 -6.39
C LYS B 429 16.08 -41.26 -7.06
N THR B 430 16.64 -42.35 -6.59
CA THR B 430 16.37 -43.69 -7.18
C THR B 430 14.96 -44.13 -6.83
N ALA B 431 14.53 -43.94 -5.58
CA ALA B 431 13.14 -44.24 -5.18
C ALA B 431 12.16 -43.44 -6.04
N HIS B 432 12.46 -42.16 -6.25
CA HIS B 432 11.63 -41.28 -7.10
C HIS B 432 11.55 -41.84 -8.53
N LYS B 433 12.69 -42.15 -9.12
CA LYS B 433 12.72 -42.61 -10.54
C LYS B 433 11.96 -43.93 -10.66
N ASN B 434 12.02 -44.82 -9.67
CA ASN B 434 11.49 -46.20 -9.84
C ASN B 434 10.08 -46.35 -9.27
N GLY B 435 9.60 -45.38 -8.48
CA GLY B 435 8.29 -45.49 -7.83
C GLY B 435 8.34 -46.38 -6.64
N THR B 436 9.49 -46.50 -6.03
CA THR B 436 9.73 -47.48 -4.93
C THR B 436 9.86 -46.73 -3.61
N THR B 437 10.05 -47.46 -2.53
CA THR B 437 10.28 -46.91 -1.17
C THR B 437 11.76 -46.58 -0.94
N LEU B 438 12.01 -45.65 -0.01
CA LEU B 438 13.39 -45.37 0.42
C LEU B 438 14.07 -46.66 0.89
N ARG B 439 13.42 -47.46 1.77
CA ARG B 439 14.09 -48.61 2.39
C ARG B 439 14.47 -49.59 1.30
N GLU B 440 13.58 -49.85 0.34
CA GLU B 440 13.96 -50.86 -0.67
C GLU B 440 15.12 -50.35 -1.56
N GLU B 441 15.24 -49.06 -1.87
CA GLU B 441 16.39 -48.58 -2.66
C GLU B 441 17.64 -48.49 -1.79
N ALA B 442 17.55 -48.15 -0.50
CA ALA B 442 18.75 -48.12 0.36
C ALA B 442 19.40 -49.53 0.34
N ILE B 443 18.56 -50.56 0.42
CA ILE B 443 19.04 -51.96 0.41
C ILE B 443 19.42 -52.38 -1.02
N ASN B 444 18.62 -52.06 -2.02
CA ASN B 444 18.95 -52.43 -3.43
C ASN B 444 20.33 -51.90 -3.81
N LEU B 445 20.66 -50.67 -3.41
CA LEU B 445 21.92 -50.00 -3.78
C LEU B 445 23.06 -50.39 -2.85
N GLY B 446 22.79 -51.14 -1.76
CA GLY B 446 23.83 -51.50 -0.78
C GLY B 446 24.37 -50.30 -0.04
N LEU B 447 23.56 -49.26 0.12
CA LEU B 447 24.05 -48.04 0.79
C LEU B 447 23.81 -48.06 2.30
N VAL B 448 22.80 -48.80 2.74
CA VAL B 448 22.45 -48.90 4.18
C VAL B 448 22.02 -50.34 4.41
N SER B 449 22.38 -50.91 5.56
CA SER B 449 21.81 -52.19 6.06
C SER B 449 20.36 -52.00 6.48
N ALA B 450 19.62 -53.08 6.49
CA ALA B 450 18.23 -53.05 7.02
C ALA B 450 18.24 -52.53 8.46
N GLU B 451 19.15 -53.03 9.28
CA GLU B 451 19.20 -52.67 10.71
C GLU B 451 19.47 -51.17 10.81
N ASP B 452 20.45 -50.65 10.06
CA ASP B 452 20.76 -49.21 10.20
C ASP B 452 19.64 -48.36 9.61
N PHE B 453 19.02 -48.77 8.52
CA PHE B 453 17.92 -47.98 7.94
C PHE B 453 16.80 -47.82 8.97
N ASP B 454 16.38 -48.93 9.59
CA ASP B 454 15.26 -48.88 10.55
C ASP B 454 15.70 -48.14 11.83
N LYS B 455 16.94 -48.27 12.25
CA LYS B 455 17.48 -47.55 13.42
C LYS B 455 17.45 -46.02 13.18
N TRP B 456 17.86 -45.58 11.99
CA TRP B 456 18.23 -44.18 11.75
C TRP B 456 17.03 -43.42 11.18
N VAL B 457 16.02 -44.09 10.60
CA VAL B 457 14.86 -43.49 9.88
C VAL B 457 13.60 -43.77 10.69
N VAL B 458 13.39 -42.93 11.72
CA VAL B 458 12.20 -43.10 12.61
C VAL B 458 11.46 -41.79 12.69
N PRO B 459 10.29 -41.64 12.03
CA PRO B 459 9.61 -40.33 12.01
C PRO B 459 9.48 -39.65 13.39
N ALA B 460 9.13 -40.42 14.41
CA ALA B 460 8.95 -39.88 15.76
C ALA B 460 10.25 -39.30 16.31
N ASP B 461 11.43 -39.78 15.89
CA ASP B 461 12.71 -39.24 16.37
C ASP B 461 13.08 -37.97 15.59
N MET B 462 12.43 -37.74 14.46
CA MET B 462 12.81 -36.64 13.56
C MET B 462 12.13 -35.34 13.97
N VAL B 463 11.33 -35.33 15.04
CA VAL B 463 10.65 -34.09 15.50
C VAL B 463 11.43 -33.39 16.62
N GLY B 464 12.68 -33.80 16.84
CA GLY B 464 13.57 -33.11 17.78
C GLY B 464 15.02 -33.33 17.42
N SER B 465 15.89 -32.93 18.35
CA SER B 465 17.38 -33.06 18.23
C SER B 465 17.82 -34.53 18.27
N LEU B 466 19.05 -34.73 17.83
CA LEU B 466 19.70 -36.08 17.78
C LEU B 466 19.69 -36.74 19.16
N LYS B 467 19.34 -38.04 19.21
CA LYS B 467 19.30 -38.92 20.42
C LYS B 467 20.69 -39.45 20.74
N ALA C 5 37.96 -21.41 -19.94
CA ALA C 5 38.09 -20.68 -18.69
C ALA C 5 37.15 -21.27 -17.62
N PHE C 6 36.81 -22.54 -17.72
CA PHE C 6 35.82 -23.17 -16.79
C PHE C 6 36.39 -24.47 -16.30
N ARG C 7 36.00 -24.87 -15.10
CA ARG C 7 36.30 -26.21 -14.56
C ARG C 7 34.97 -26.92 -14.30
N ILE C 8 34.98 -28.25 -14.23
CA ILE C 8 33.73 -29.03 -13.98
C ILE C 8 33.53 -29.22 -12.47
N GLU C 9 32.36 -28.85 -11.97
CA GLU C 9 31.93 -29.13 -10.57
C GLU C 9 30.65 -29.94 -10.71
N LYS C 10 30.30 -30.66 -9.65
CA LYS C 10 29.10 -31.51 -9.65
C LYS C 10 28.24 -31.22 -8.44
N ASP C 11 26.95 -31.40 -8.61
CA ASP C 11 26.01 -31.53 -7.48
C ASP C 11 25.21 -32.82 -7.72
N THR C 12 24.15 -33.03 -6.94
CA THR C 12 23.40 -34.31 -7.03
C THR C 12 22.63 -34.35 -8.34
N MET C 13 22.51 -33.24 -9.10
CA MET C 13 21.81 -33.20 -10.41
C MET C 13 22.74 -33.36 -11.61
N GLY C 14 24.03 -33.28 -11.40
CA GLY C 14 24.99 -33.49 -12.49
C GLY C 14 26.10 -32.45 -12.53
N GLU C 15 26.71 -32.34 -13.69
CA GLU C 15 27.95 -31.55 -13.88
C GLU C 15 27.58 -30.16 -14.33
N VAL C 16 28.35 -29.21 -13.86
CA VAL C 16 28.20 -27.76 -14.15
C VAL C 16 29.60 -27.22 -14.45
N GLN C 17 29.68 -26.42 -15.50
CA GLN C 17 30.89 -25.65 -15.82
C GLN C 17 30.92 -24.40 -14.95
N VAL C 18 31.97 -24.27 -14.14
CA VAL C 18 32.14 -23.15 -13.18
C VAL C 18 33.34 -22.32 -13.62
N PRO C 19 33.25 -20.98 -13.60
CA PRO C 19 34.43 -20.13 -13.85
C PRO C 19 35.62 -20.59 -12.99
N ALA C 20 36.76 -20.85 -13.66
CA ALA C 20 37.83 -21.73 -13.14
C ALA C 20 38.47 -21.12 -11.90
N ASP C 21 38.49 -19.80 -11.82
CA ASP C 21 39.17 -19.03 -10.75
C ASP C 21 38.23 -18.72 -9.57
N LYS C 22 36.94 -19.04 -9.65
CA LYS C 22 35.96 -18.69 -8.57
C LYS C 22 35.87 -19.80 -7.54
N TYR C 23 35.65 -19.38 -6.29
CA TYR C 23 35.56 -20.28 -5.13
C TYR C 23 34.17 -20.91 -5.04
N TRP C 24 33.18 -20.43 -5.79
CA TRP C 24 31.87 -21.06 -5.75
C TRP C 24 31.89 -22.34 -6.58
N ALA C 25 30.77 -23.05 -6.61
CA ALA C 25 30.73 -24.37 -7.28
C ALA C 25 29.40 -24.57 -7.96
N ALA C 26 28.98 -25.82 -8.11
CA ALA C 26 27.91 -26.13 -9.06
C ALA C 26 26.64 -25.35 -8.73
N GLN C 27 26.18 -25.35 -7.46
CA GLN C 27 24.82 -24.83 -7.16
C GLN C 27 24.83 -23.31 -7.31
N THR C 28 25.91 -22.65 -6.92
CA THR C 28 26.04 -21.20 -7.11
C THR C 28 25.96 -20.90 -8.60
N GLU C 29 26.71 -21.66 -9.42
CA GLU C 29 26.77 -21.39 -10.86
C GLU C 29 25.39 -21.64 -11.50
N ARG C 30 24.66 -22.69 -11.11
CA ARG C 30 23.27 -22.89 -11.62
C ARG C 30 22.44 -21.65 -11.33
N SER C 31 22.46 -21.19 -10.09
CA SER C 31 21.62 -20.03 -9.69
C SER C 31 22.00 -18.82 -10.52
N ARG C 32 23.29 -18.59 -10.64
CA ARG C 32 23.80 -17.42 -11.33
C ARG C 32 23.26 -17.43 -12.76
N ASN C 33 23.14 -18.61 -13.37
CA ASN C 33 22.63 -18.73 -14.77
C ASN C 33 21.11 -18.80 -14.87
N ASN C 34 20.42 -19.35 -13.87
CA ASN C 34 18.97 -19.67 -13.94
C ASN C 34 18.12 -18.51 -13.45
N PHE C 35 18.71 -17.49 -12.81
CA PHE C 35 17.96 -16.36 -12.22
C PHE C 35 18.58 -15.05 -12.70
N LYS C 36 18.47 -14.79 -13.99
CA LYS C 36 19.00 -13.57 -14.66
C LYS C 36 17.93 -12.48 -14.52
N ILE C 37 17.84 -11.98 -13.30
CA ILE C 37 16.70 -11.10 -12.89
C ILE C 37 17.29 -9.95 -12.11
N GLY C 38 17.19 -8.76 -12.69
CA GLY C 38 17.79 -7.55 -12.12
C GLY C 38 19.30 -7.56 -12.25
N PRO C 39 19.99 -6.59 -11.64
CA PRO C 39 21.45 -6.56 -11.74
C PRO C 39 22.12 -7.76 -11.05
N ALA C 40 23.35 -8.13 -11.45
CA ALA C 40 24.11 -9.25 -10.86
C ALA C 40 24.39 -8.92 -9.41
N ALA C 41 24.48 -9.95 -8.56
CA ALA C 41 25.04 -9.87 -7.19
C ALA C 41 24.20 -8.92 -6.35
N SER C 42 22.87 -8.92 -6.55
CA SER C 42 21.98 -7.99 -5.82
C SER C 42 21.67 -8.50 -4.41
N MET C 43 21.96 -9.76 -4.05
CA MET C 43 21.74 -10.18 -2.65
C MET C 43 22.49 -9.23 -1.74
N PRO C 44 21.85 -8.57 -0.73
CA PRO C 44 22.52 -7.55 0.07
C PRO C 44 23.80 -8.10 0.72
N HIS C 45 24.85 -7.28 0.65
N HIS C 45 24.85 -7.29 0.65
CA HIS C 45 26.12 -7.67 1.30
CA HIS C 45 26.15 -7.62 1.31
C HIS C 45 25.93 -7.89 2.81
C HIS C 45 25.95 -7.86 2.81
N GLU C 46 24.99 -7.19 3.42
CA GLU C 46 24.72 -7.42 4.87
C GLU C 46 24.29 -8.87 5.13
N ILE C 47 23.56 -9.49 4.22
CA ILE C 47 23.10 -10.88 4.39
C ILE C 47 24.33 -11.80 4.29
N ILE C 48 25.22 -11.55 3.34
CA ILE C 48 26.48 -12.33 3.25
C ILE C 48 27.28 -12.16 4.55
N GLU C 49 27.46 -10.93 5.04
CA GLU C 49 28.20 -10.70 6.31
C GLU C 49 27.54 -11.52 7.42
N ALA C 50 26.20 -11.45 7.56
CA ALA C 50 25.49 -12.17 8.64
C ALA C 50 25.76 -13.67 8.50
N PHE C 51 25.75 -14.18 7.27
CA PHE C 51 26.11 -15.59 7.00
C PHE C 51 27.51 -15.92 7.48
N GLY C 52 28.46 -15.01 7.33
CA GLY C 52 29.83 -15.21 7.83
C GLY C 52 29.81 -15.45 9.32
N TYR C 53 29.08 -14.61 10.08
CA TYR C 53 28.96 -14.81 11.53
C TYR C 53 28.33 -16.17 11.82
N LEU C 54 27.16 -16.48 11.24
CA LEU C 54 26.40 -17.67 11.68
C LEU C 54 27.11 -18.96 11.22
N LYS C 55 27.77 -18.96 10.07
CA LYS C 55 28.51 -20.16 9.60
C LYS C 55 29.68 -20.45 10.54
N LYS C 56 30.34 -19.39 11.01
CA LYS C 56 31.43 -19.56 11.98
C LYS C 56 30.88 -20.07 13.29
N ALA C 57 29.75 -19.50 13.74
CA ALA C 57 29.15 -19.92 15.01
C ALA C 57 28.74 -21.40 14.92
N ALA C 58 28.08 -21.78 13.83
CA ALA C 58 27.62 -23.18 13.66
C ALA C 58 28.80 -24.15 13.74
N ALA C 59 29.90 -23.82 13.08
CA ALA C 59 31.08 -24.71 13.11
C ALA C 59 31.62 -24.77 14.55
N PHE C 60 31.75 -23.63 15.20
CA PHE C 60 32.24 -23.63 16.61
C PHE C 60 31.32 -24.43 17.52
N ALA C 61 29.99 -24.27 17.39
CA ALA C 61 29.05 -24.98 18.26
C ALA C 61 29.12 -26.49 17.95
N ASN C 62 29.20 -26.86 16.68
CA ASN C 62 29.23 -28.28 16.25
C ASN C 62 30.48 -28.94 16.84
N THR C 63 31.64 -28.27 16.85
CA THR C 63 32.85 -28.88 17.43
C THR C 63 32.64 -29.02 18.94
N ASP C 64 32.17 -27.98 19.62
CA ASP C 64 31.92 -28.06 21.08
C ASP C 64 31.02 -29.25 21.40
N LEU C 65 30.04 -29.56 20.56
CA LEU C 65 29.05 -30.63 20.82
C LEU C 65 29.49 -31.95 20.17
N GLY C 66 30.75 -32.06 19.71
CA GLY C 66 31.42 -33.33 19.38
C GLY C 66 31.06 -33.85 18.02
N VAL C 67 30.48 -33.04 17.14
CA VAL C 67 30.04 -33.58 15.82
C VAL C 67 30.87 -33.05 14.64
N LEU C 68 31.75 -32.10 14.85
CA LEU C 68 32.62 -31.56 13.76
C LEU C 68 34.05 -31.53 14.24
N PRO C 69 34.99 -32.16 13.52
CA PRO C 69 36.39 -32.10 13.94
C PRO C 69 36.89 -30.65 14.02
N ALA C 70 37.73 -30.39 15.00
CA ALA C 70 38.33 -29.06 15.23
C ALA C 70 39.10 -28.60 13.99
N GLU C 71 39.78 -29.51 13.28
CA GLU C 71 40.59 -29.16 12.08
C GLU C 71 39.65 -28.51 11.04
N LYS C 72 38.44 -29.05 10.91
CA LYS C 72 37.47 -28.52 9.91
C LYS C 72 36.87 -27.21 10.41
N ARG C 73 36.53 -27.18 11.67
CA ARG C 73 36.09 -25.90 12.29
C ARG C 73 37.09 -24.79 11.98
N ASP C 74 38.39 -25.05 12.22
CA ASP C 74 39.39 -23.99 12.10
C ASP C 74 39.40 -23.43 10.68
N LEU C 75 39.40 -24.29 9.67
CA LEU C 75 39.42 -23.88 8.25
C LEU C 75 38.12 -23.11 7.89
N ILE C 76 36.98 -23.61 8.36
CA ILE C 76 35.69 -22.89 8.16
C ILE C 76 35.79 -21.49 8.79
N GLY C 77 36.29 -21.39 10.01
CA GLY C 77 36.41 -20.11 10.71
C GLY C 77 37.30 -19.14 9.95
N GLN C 78 38.44 -19.61 9.44
CA GLN C 78 39.35 -18.71 8.72
C GLN C 78 38.65 -18.18 7.47
N ALA C 79 37.98 -19.05 6.72
CA ALA C 79 37.28 -18.59 5.49
C ALA C 79 36.17 -17.61 5.90
N CYS C 80 35.45 -17.88 6.98
CA CYS C 80 34.39 -16.94 7.45
C CYS C 80 34.99 -15.59 7.85
N ASP C 81 36.15 -15.61 8.48
CA ASP C 81 36.82 -14.35 8.89
C ASP C 81 37.13 -13.54 7.61
N GLU C 82 37.55 -14.20 6.53
CA GLU C 82 37.90 -13.49 5.29
C GLU C 82 36.61 -12.89 4.72
N ILE C 83 35.51 -13.63 4.81
CA ILE C 83 34.23 -13.06 4.30
C ILE C 83 33.91 -11.82 5.11
N LEU C 84 33.99 -11.90 6.43
CA LEU C 84 33.65 -10.78 7.32
C LEU C 84 34.58 -9.57 7.08
N ALA C 85 35.84 -9.82 6.74
CA ALA C 85 36.83 -8.76 6.43
C ALA C 85 36.67 -8.26 4.99
N ARG C 86 35.63 -8.70 4.25
CA ARG C 86 35.32 -8.17 2.90
C ARG C 86 36.46 -8.48 1.96
N LYS C 87 37.04 -9.66 2.08
CA LYS C 87 38.12 -10.11 1.19
C LYS C 87 37.58 -10.97 0.06
N LEU C 88 36.31 -11.41 0.13
CA LEU C 88 35.79 -12.40 -0.85
C LEU C 88 34.51 -11.88 -1.48
N ASP C 89 34.36 -10.56 -1.60
CA ASP C 89 33.07 -9.99 -2.08
C ASP C 89 32.76 -10.45 -3.51
N ASP C 90 33.77 -10.71 -4.34
CA ASP C 90 33.58 -11.15 -5.74
C ASP C 90 33.19 -12.63 -5.81
N GLN C 91 33.01 -13.31 -4.69
CA GLN C 91 32.62 -14.74 -4.69
C GLN C 91 31.12 -14.91 -4.43
N PHE C 92 30.33 -13.84 -4.47
CA PHE C 92 28.87 -13.87 -4.15
C PHE C 92 28.11 -13.20 -5.29
N PRO C 93 27.76 -13.96 -6.34
CA PRO C 93 27.26 -13.37 -7.58
C PRO C 93 25.73 -13.39 -7.69
N LEU C 94 25.05 -13.91 -6.69
CA LEU C 94 23.62 -14.27 -6.82
C LEU C 94 22.71 -13.08 -6.50
N VAL C 95 21.49 -13.17 -7.04
CA VAL C 95 20.46 -12.10 -6.96
C VAL C 95 19.49 -12.36 -5.83
N ILE C 96 18.82 -11.26 -5.42
CA ILE C 96 17.62 -11.34 -4.51
C ILE C 96 16.60 -12.32 -5.07
N TRP C 97 16.38 -12.23 -6.37
CA TRP C 97 15.24 -12.86 -7.07
C TRP C 97 15.57 -14.30 -7.47
N GLN C 98 15.92 -15.07 -6.42
CA GLN C 98 16.30 -16.48 -6.52
C GLN C 98 15.16 -17.32 -5.94
N THR C 99 15.44 -18.54 -5.49
CA THR C 99 14.50 -19.30 -4.67
C THR C 99 14.13 -18.46 -3.46
N GLY C 100 12.88 -18.59 -2.99
CA GLY C 100 12.36 -17.69 -1.94
C GLY C 100 12.83 -18.08 -0.55
N SER C 101 13.57 -19.18 -0.40
CA SER C 101 14.15 -19.59 0.90
C SER C 101 15.57 -19.04 1.02
N GLY C 102 16.19 -18.59 -0.05
CA GLY C 102 17.62 -18.28 -0.03
C GLY C 102 18.50 -19.52 -0.02
N THR C 103 18.00 -20.72 -0.38
CA THR C 103 18.81 -21.95 -0.54
C THR C 103 20.04 -21.62 -1.35
N GLN C 104 19.91 -20.92 -2.47
CA GLN C 104 21.05 -20.80 -3.38
C GLN C 104 22.13 -19.91 -2.74
N SER C 105 21.78 -18.84 -2.05
CA SER C 105 22.81 -18.05 -1.32
C SER C 105 23.35 -18.88 -0.16
N ASN C 106 22.55 -19.69 0.53
CA ASN C 106 23.14 -20.56 1.57
C ASN C 106 24.22 -21.45 0.93
N MET C 107 23.89 -22.08 -0.19
CA MET C 107 24.84 -22.99 -0.87
C MET C 107 26.00 -22.17 -1.46
N ASN C 108 25.83 -20.88 -1.77
CA ASN C 108 26.95 -20.01 -2.19
C ASN C 108 27.94 -19.89 -1.02
N LEU C 109 27.44 -19.69 0.21
CA LEU C 109 28.32 -19.62 1.40
C LEU C 109 29.00 -20.99 1.53
N ASN C 110 28.23 -22.06 1.48
CA ASN C 110 28.76 -23.41 1.79
C ASN C 110 29.86 -23.76 0.77
N GLU C 111 29.66 -23.45 -0.51
CA GLU C 111 30.63 -23.78 -1.59
C GLU C 111 31.85 -22.89 -1.46
N VAL C 112 31.68 -21.59 -1.24
CA VAL C 112 32.87 -20.69 -1.19
C VAL C 112 33.68 -21.03 0.07
N ILE C 113 33.03 -21.27 1.19
CA ILE C 113 33.74 -21.67 2.43
C ILE C 113 34.48 -22.98 2.17
N ALA C 114 33.82 -23.99 1.63
CA ALA C 114 34.44 -25.29 1.36
C ALA C 114 35.67 -25.13 0.46
N ASN C 115 35.57 -24.40 -0.62
CA ASN C 115 36.72 -24.31 -1.57
C ASN C 115 37.79 -23.39 -0.99
N ARG C 116 37.43 -22.29 -0.37
CA ARG C 116 38.45 -21.39 0.22
C ARG C 116 39.18 -22.17 1.30
N ALA C 117 38.46 -22.92 2.15
CA ALA C 117 39.10 -23.71 3.21
C ALA C 117 40.10 -24.67 2.56
N HIS C 118 39.76 -25.31 1.47
CA HIS C 118 40.65 -26.28 0.77
C HIS C 118 41.96 -25.57 0.39
N VAL C 119 41.85 -24.37 -0.13
CA VAL C 119 43.03 -23.60 -0.63
C VAL C 119 43.84 -23.13 0.57
N ILE C 120 43.21 -22.66 1.64
CA ILE C 120 43.89 -22.26 2.89
C ILE C 120 44.73 -23.45 3.40
N ASN C 121 44.17 -24.65 3.36
CA ASN C 121 44.81 -25.90 3.83
C ASN C 121 45.92 -26.37 2.88
N GLY C 122 46.18 -25.70 1.76
CA GLY C 122 47.25 -26.04 0.80
C GLY C 122 46.77 -26.80 -0.44
N GLY C 123 45.47 -26.92 -0.66
CA GLY C 123 44.95 -27.60 -1.84
C GLY C 123 44.85 -26.69 -3.03
N LYS C 124 44.44 -27.26 -4.15
CA LYS C 124 44.23 -26.50 -5.39
C LYS C 124 42.74 -26.39 -5.64
N LEU C 125 42.33 -25.18 -6.01
CA LEU C 125 40.93 -24.95 -6.36
C LEU C 125 40.56 -25.86 -7.52
N GLY C 126 39.46 -26.59 -7.40
CA GLY C 126 39.11 -27.56 -8.45
C GLY C 126 39.17 -29.01 -7.97
N GLU C 127 39.96 -29.30 -6.93
CA GLU C 127 39.99 -30.61 -6.25
C GLU C 127 38.81 -30.66 -5.29
N LYS C 128 38.21 -31.83 -5.10
CA LYS C 128 37.14 -31.99 -4.09
C LYS C 128 37.69 -31.51 -2.76
N SER C 129 37.00 -30.58 -2.10
CA SER C 129 37.54 -29.99 -0.87
C SER C 129 37.58 -31.04 0.24
N ILE C 130 38.54 -30.84 1.13
CA ILE C 130 38.62 -31.55 2.44
C ILE C 130 37.33 -31.31 3.23
N ILE C 131 36.67 -30.18 3.00
CA ILE C 131 35.48 -29.71 3.74
C ILE C 131 34.29 -29.91 2.81
N HIS C 132 33.32 -30.73 3.16
CA HIS C 132 32.13 -30.93 2.31
C HIS C 132 31.12 -29.77 2.51
N PRO C 133 30.62 -29.16 1.42
CA PRO C 133 29.68 -28.02 1.54
C PRO C 133 28.41 -28.38 2.33
N ASN C 134 27.86 -29.58 2.12
CA ASN C 134 26.62 -30.00 2.83
C ASN C 134 27.01 -30.63 4.17
N ASP C 135 27.90 -31.62 4.17
CA ASP C 135 28.07 -32.44 5.38
C ASP C 135 28.83 -31.66 6.47
N ASP C 136 29.74 -30.76 6.10
CA ASP C 136 30.62 -30.07 7.07
C ASP C 136 30.22 -28.60 7.22
N VAL C 137 30.29 -27.81 6.15
CA VAL C 137 30.03 -26.34 6.27
C VAL C 137 28.58 -26.16 6.71
N ASN C 138 27.68 -27.02 6.21
CA ASN C 138 26.22 -26.91 6.48
C ASN C 138 25.81 -27.87 7.60
N LYS C 139 26.74 -28.46 8.32
CA LYS C 139 26.38 -29.44 9.37
C LYS C 139 25.39 -28.85 10.37
N SER C 140 24.31 -29.60 10.67
CA SER C 140 23.27 -29.19 11.66
C SER C 140 22.45 -28.00 11.17
N GLN C 141 22.42 -27.73 9.87
CA GLN C 141 21.78 -26.49 9.33
C GLN C 141 20.85 -26.80 8.18
N SER C 142 19.99 -25.83 7.89
CA SER C 142 19.20 -25.77 6.63
C SER C 142 19.34 -24.34 6.09
N SER C 143 19.01 -24.09 4.83
CA SER C 143 18.71 -22.73 4.35
C SER C 143 17.59 -22.14 5.21
N ASN C 144 16.72 -23.01 5.72
CA ASN C 144 15.42 -22.55 6.26
C ASN C 144 15.59 -21.88 7.60
N ASP C 145 16.64 -22.28 8.32
CA ASP C 145 17.00 -21.60 9.58
C ASP C 145 18.19 -20.66 9.38
N THR C 146 19.13 -20.93 8.47
CA THR C 146 20.28 -20.01 8.29
C THR C 146 19.82 -18.70 7.65
N TYR C 147 18.95 -18.73 6.64
CA TYR C 147 18.63 -17.48 5.93
C TYR C 147 17.82 -16.56 6.85
N PRO C 148 16.81 -17.04 7.62
CA PRO C 148 16.15 -16.15 8.58
C PRO C 148 17.13 -15.63 9.64
N THR C 149 18.07 -16.49 10.06
CA THR C 149 19.08 -16.02 11.03
C THR C 149 19.91 -14.89 10.40
N ALA C 150 20.38 -15.03 9.17
CA ALA C 150 21.11 -13.95 8.47
C ALA C 150 20.24 -12.69 8.40
N MET C 151 18.96 -12.85 8.12
CA MET C 151 18.04 -11.69 8.04
C MET C 151 18.03 -10.94 9.38
N HIS C 152 17.85 -11.66 10.46
CA HIS C 152 17.73 -11.01 11.80
C HIS C 152 19.06 -10.40 12.22
N ILE C 153 20.16 -11.12 12.02
CA ILE C 153 21.47 -10.51 12.37
C ILE C 153 21.61 -9.20 11.59
N ALA C 154 21.43 -9.23 10.27
CA ALA C 154 21.64 -8.07 9.39
C ALA C 154 20.64 -6.97 9.78
N ALA C 155 19.38 -7.32 10.01
CA ALA C 155 18.36 -6.31 10.34
C ALA C 155 18.66 -5.67 11.69
N TYR C 156 18.89 -6.49 12.70
CA TYR C 156 19.10 -5.95 14.07
C TYR C 156 20.36 -5.07 14.06
N LYS C 157 21.44 -5.56 13.45
CA LYS C 157 22.71 -4.80 13.35
C LYS C 157 22.41 -3.45 12.71
N LYS C 158 21.74 -3.42 11.56
CA LYS C 158 21.55 -2.16 10.85
C LYS C 158 20.68 -1.23 11.70
N VAL C 159 19.61 -1.72 12.32
CA VAL C 159 18.71 -0.80 13.07
C VAL C 159 19.47 -0.22 14.26
N VAL C 160 20.24 -1.04 14.98
CA VAL C 160 20.80 -0.52 16.27
C VAL C 160 22.10 0.22 16.01
N GLU C 161 22.86 -0.14 14.96
CA GLU C 161 24.16 0.53 14.69
C GLU C 161 24.00 1.72 13.75
N ALA C 162 23.00 1.74 12.85
CA ALA C 162 22.88 2.81 11.83
C ALA C 162 21.57 3.59 12.04
N THR C 163 20.42 2.93 11.95
CA THR C 163 19.15 3.66 11.89
C THR C 163 18.90 4.42 13.20
N ILE C 164 18.91 3.71 14.32
CA ILE C 164 18.58 4.38 15.60
C ILE C 164 19.54 5.52 15.91
N PRO C 165 20.88 5.35 15.81
CA PRO C 165 21.76 6.50 16.07
C PRO C 165 21.52 7.69 15.15
N ALA C 166 21.15 7.46 13.90
CA ALA C 166 20.89 8.56 12.96
C ALA C 166 19.64 9.32 13.39
N VAL C 167 18.56 8.57 13.66
CA VAL C 167 17.31 9.23 14.10
C VAL C 167 17.55 9.96 15.42
N GLU C 168 18.30 9.38 16.34
CA GLU C 168 18.67 10.05 17.61
C GLU C 168 19.41 11.35 17.35
N ARG C 169 20.31 11.35 16.36
CA ARG C 169 21.10 12.57 16.04
C ARG C 169 20.16 13.69 15.60
N LEU C 170 19.23 13.38 14.68
CA LEU C 170 18.27 14.38 14.21
C LEU C 170 17.32 14.77 15.34
N GLN C 171 16.85 13.81 16.15
CA GLN C 171 15.96 14.13 17.29
C GLN C 171 16.67 15.15 18.20
N LYS C 172 17.96 14.92 18.47
CA LYS C 172 18.71 15.80 19.39
C LYS C 172 18.76 17.21 18.80
N THR C 173 19.00 17.34 17.49
CA THR C 173 19.05 18.66 16.85
C THR C 173 17.67 19.31 16.94
N LEU C 174 16.61 18.57 16.68
CA LEU C 174 15.27 19.19 16.75
C LEU C 174 14.94 19.64 18.17
N ALA C 175 15.35 18.86 19.17
CA ALA C 175 15.14 19.25 20.59
C ALA C 175 15.98 20.48 20.89
N ALA C 176 17.20 20.55 20.38
CA ALA C 176 18.07 21.72 20.63
C ALA C 176 17.41 22.96 20.03
N LYS C 177 16.87 22.84 18.79
CA LYS C 177 16.20 23.96 18.11
C LYS C 177 14.99 24.35 18.92
N ALA C 178 14.27 23.40 19.52
CA ALA C 178 13.11 23.75 20.33
C ALA C 178 13.53 24.68 21.48
N ALA C 179 14.69 24.41 22.09
CA ALA C 179 15.23 25.31 23.13
C ALA C 179 15.75 26.62 22.53
N GLU C 180 16.49 26.59 21.43
CA GLU C 180 17.11 27.77 20.77
C GLU C 180 16.00 28.77 20.43
N PHE C 181 14.82 28.27 20.06
CA PHE C 181 13.72 29.10 19.51
C PHE C 181 12.59 29.26 20.51
N LYS C 182 12.82 28.99 21.80
CA LYS C 182 11.75 28.98 22.81
C LYS C 182 11.06 30.34 22.96
N ASP C 183 11.74 31.44 22.63
CA ASP C 183 11.19 32.82 22.80
C ASP C 183 10.79 33.46 21.46
N VAL C 184 10.80 32.71 20.36
CA VAL C 184 10.39 33.22 19.03
C VAL C 184 8.89 32.99 18.83
N VAL C 185 8.12 34.04 18.96
CA VAL C 185 6.64 33.92 18.87
C VAL C 185 6.26 34.03 17.40
N LYS C 186 5.58 33.01 16.88
CA LYS C 186 5.17 33.00 15.46
C LYS C 186 3.68 32.67 15.35
N ILE C 187 3.11 32.80 14.16
CA ILE C 187 1.68 32.47 13.97
C ILE C 187 1.51 30.97 13.72
N GLY C 188 0.59 30.33 14.44
CA GLY C 188 0.12 28.99 14.09
C GLY C 188 -0.64 29.00 12.79
N ARG C 189 -0.69 27.84 12.16
CA ARG C 189 -1.53 27.65 10.95
C ARG C 189 -2.23 26.29 11.11
N THR C 190 -3.53 26.29 10.94
CA THR C 190 -4.37 25.09 11.01
C THR C 190 -5.19 25.10 9.72
N HIS C 191 -5.24 23.96 9.03
CA HIS C 191 -5.91 23.84 7.71
C HIS C 191 -5.22 24.76 6.67
N LEU C 192 -4.00 25.20 6.94
CA LEU C 192 -3.16 26.14 6.14
C LEU C 192 -3.64 27.57 6.36
N MET C 193 -4.53 27.80 7.31
CA MET C 193 -5.13 29.14 7.51
C MET C 193 -4.58 29.74 8.82
N ASP C 194 -4.56 31.06 8.87
CA ASP C 194 -4.02 31.85 9.99
C ASP C 194 -4.73 31.39 11.28
N ALA C 195 -3.94 31.11 12.29
CA ALA C 195 -4.48 30.66 13.59
C ALA C 195 -3.92 31.54 14.69
N THR C 196 -3.72 30.96 15.86
CA THR C 196 -3.24 31.66 17.09
C THR C 196 -1.76 31.40 17.27
N PRO C 197 -1.07 32.18 18.12
CA PRO C 197 0.37 32.06 18.26
C PRO C 197 0.87 30.76 18.92
N LEU C 198 2.09 30.40 18.56
CA LEU C 198 2.91 29.41 19.29
C LEU C 198 4.35 29.82 19.11
N THR C 199 5.27 29.34 19.91
CA THR C 199 6.68 29.64 19.63
C THR C 199 7.19 28.71 18.56
N LEU C 200 8.17 29.21 17.82
CA LEU C 200 8.89 28.37 16.87
C LEU C 200 9.51 27.22 17.62
N GLY C 201 9.92 27.42 18.90
CA GLY C 201 10.43 26.34 19.74
C GLY C 201 9.38 25.27 19.98
N GLN C 202 8.15 25.69 20.34
CA GLN C 202 7.04 24.71 20.53
C GLN C 202 6.83 23.89 19.26
N GLU C 203 6.87 24.52 18.11
CA GLU C 203 6.62 23.82 16.83
C GLU C 203 7.73 22.79 16.65
N PHE C 204 8.98 23.16 16.87
CA PHE C 204 10.09 22.19 16.77
C PHE C 204 10.02 21.15 17.89
N SER C 205 9.42 21.46 19.06
CA SER C 205 9.26 20.46 20.14
C SER C 205 8.36 19.32 19.62
N GLY C 206 7.38 19.66 18.78
CA GLY C 206 6.48 18.64 18.19
C GLY C 206 7.31 17.66 17.36
N TYR C 207 8.14 18.23 16.47
CA TYR C 207 9.00 17.37 15.63
C TYR C 207 9.90 16.47 16.48
N ALA C 208 10.52 17.05 17.49
CA ALA C 208 11.40 16.28 18.38
C ALA C 208 10.63 15.18 19.09
N ALA C 209 9.42 15.47 19.54
CA ALA C 209 8.58 14.46 20.20
C ALA C 209 8.20 13.35 19.21
N GLN C 210 7.91 13.71 17.97
CA GLN C 210 7.59 12.68 16.94
C GLN C 210 8.72 11.67 16.87
N LEU C 211 9.97 12.15 16.82
CA LEU C 211 11.11 11.24 16.65
C LEU C 211 11.35 10.48 17.95
N SER C 212 11.13 11.10 19.12
CA SER C 212 11.22 10.37 20.41
C SER C 212 10.23 9.18 20.43
N PHE C 213 8.98 9.42 20.09
CA PHE C 213 7.95 8.34 20.05
C PHE C 213 8.37 7.29 19.02
N GLY C 214 8.84 7.72 17.86
CA GLY C 214 9.24 6.74 16.85
C GLY C 214 10.41 5.87 17.31
N LEU C 215 11.39 6.47 17.96
CA LEU C 215 12.52 5.67 18.54
C LEU C 215 12.00 4.64 19.54
N THR C 216 11.11 4.98 20.44
CA THR C 216 10.50 4.03 21.39
C THR C 216 9.82 2.91 20.59
N ALA C 217 9.10 3.29 19.54
CA ALA C 217 8.33 2.30 18.74
C ALA C 217 9.27 1.31 18.08
N ILE C 218 10.41 1.77 17.53
CA ILE C 218 11.42 0.84 16.97
C ILE C 218 11.97 -0.05 18.09
N LYS C 219 12.38 0.57 19.19
CA LYS C 219 13.07 -0.21 20.27
C LYS C 219 12.12 -1.27 20.82
N ASN C 220 10.81 -1.01 20.81
CA ASN C 220 9.81 -1.98 21.32
C ASN C 220 9.83 -3.26 20.48
N THR C 221 10.25 -3.15 19.22
CA THR C 221 10.23 -4.29 18.26
C THR C 221 11.54 -5.07 18.33
N LEU C 222 12.56 -4.60 19.05
CA LEU C 222 13.87 -5.32 19.02
C LEU C 222 13.85 -6.67 19.75
N PRO C 223 13.11 -6.90 20.87
CA PRO C 223 13.10 -8.20 21.52
C PRO C 223 12.68 -9.34 20.59
N HIS C 224 11.73 -9.08 19.68
CA HIS C 224 11.33 -10.15 18.74
C HIS C 224 12.42 -10.31 17.68
N LEU C 225 12.98 -9.22 17.18
CA LEU C 225 13.94 -9.24 16.07
C LEU C 225 15.24 -9.94 16.47
N ARG C 226 15.62 -9.91 17.75
CA ARG C 226 16.93 -10.55 18.06
C ARG C 226 16.77 -12.04 18.29
N GLN C 227 15.59 -12.60 18.09
CA GLN C 227 15.40 -14.05 18.20
C GLN C 227 15.83 -14.73 16.91
N LEU C 228 16.69 -15.75 16.99
CA LEU C 228 17.30 -16.40 15.80
C LEU C 228 16.70 -17.80 15.60
N ALA C 229 16.41 -18.09 14.33
CA ALA C 229 15.83 -19.37 13.91
C ALA C 229 16.88 -20.49 14.01
N LEU C 230 18.17 -20.16 14.07
CA LEU C 230 19.23 -21.17 13.89
C LEU C 230 19.02 -22.32 14.88
N GLY C 231 18.94 -23.54 14.37
CA GLY C 231 18.64 -24.73 15.18
C GLY C 231 17.30 -25.34 14.81
N GLY C 232 16.45 -24.60 14.10
CA GLY C 232 15.18 -25.18 13.60
C GLY C 232 15.36 -26.17 12.44
N THR C 233 16.48 -26.10 11.75
CA THR C 233 16.78 -26.83 10.50
C THR C 233 15.60 -26.83 9.53
N ALA C 234 15.21 -28.00 9.02
CA ALA C 234 14.38 -28.08 7.80
C ALA C 234 12.97 -27.52 8.05
N VAL C 235 12.32 -27.95 9.13
CA VAL C 235 10.89 -27.58 9.35
C VAL C 235 10.65 -26.99 10.74
N GLY C 236 11.70 -26.77 11.52
CA GLY C 236 11.59 -26.17 12.87
C GLY C 236 11.84 -27.13 14.00
N THR C 237 11.91 -28.42 13.74
CA THR C 237 12.02 -29.46 14.79
C THR C 237 13.45 -29.58 15.33
N GLY C 238 14.43 -29.04 14.63
CA GLY C 238 15.84 -29.29 15.05
C GLY C 238 16.33 -30.66 14.66
N LEU C 239 15.69 -31.27 13.69
CA LEU C 239 16.21 -32.50 13.06
C LEU C 239 17.69 -32.33 12.75
N ASN C 240 18.49 -33.30 13.16
CA ASN C 240 19.93 -33.41 12.81
C ASN C 240 20.76 -32.34 13.56
N THR C 241 20.22 -31.70 14.61
CA THR C 241 21.05 -30.88 15.51
C THR C 241 21.42 -31.68 16.75
N PRO C 242 22.64 -31.47 17.26
CA PRO C 242 22.98 -31.97 18.59
C PRO C 242 22.15 -31.27 19.66
N LYS C 243 21.81 -31.97 20.73
CA LYS C 243 21.11 -31.34 21.88
C LYS C 243 21.93 -30.15 22.39
N GLY C 244 21.30 -29.00 22.51
CA GLY C 244 21.95 -27.79 23.06
C GLY C 244 22.50 -26.87 21.97
N TYR C 245 22.45 -27.31 20.73
CA TYR C 245 23.03 -26.54 19.62
C TYR C 245 22.35 -25.17 19.52
N ASP C 246 21.02 -25.12 19.62
CA ASP C 246 20.27 -23.85 19.39
C ASP C 246 20.80 -22.76 20.30
N VAL C 247 20.94 -23.07 21.58
CA VAL C 247 21.37 -22.08 22.60
C VAL C 247 22.85 -21.76 22.38
N LYS C 248 23.66 -22.78 22.12
CA LYS C 248 25.12 -22.60 21.97
C LYS C 248 25.42 -21.74 20.75
N VAL C 249 24.75 -22.00 19.62
CA VAL C 249 25.09 -21.23 18.42
C VAL C 249 24.63 -19.76 18.62
N ALA C 250 23.50 -19.50 19.24
CA ALA C 250 23.06 -18.11 19.54
C ALA C 250 24.07 -17.42 20.46
N GLU C 251 24.58 -18.14 21.45
CA GLU C 251 25.63 -17.54 22.33
C GLU C 251 26.83 -17.16 21.47
N TYR C 252 27.30 -17.98 20.54
CA TYR C 252 28.46 -17.60 19.68
C TYR C 252 28.12 -16.39 18.85
N ILE C 253 26.92 -16.35 18.24
CA ILE C 253 26.59 -15.21 17.37
C ILE C 253 26.52 -13.93 18.22
N ALA C 254 25.98 -14.00 19.42
CA ALA C 254 25.90 -12.83 20.32
C ALA C 254 27.34 -12.39 20.65
N LYS C 255 28.23 -13.34 20.95
CA LYS C 255 29.63 -12.96 21.29
C LYS C 255 30.33 -12.35 20.07
N PHE C 256 30.19 -12.94 18.89
CA PHE C 256 30.90 -12.45 17.69
C PHE C 256 30.46 -11.04 17.30
N THR C 257 29.15 -10.78 17.39
CA THR C 257 28.50 -9.52 16.97
C THR C 257 28.48 -8.48 18.09
N GLY C 258 28.60 -8.89 19.35
CA GLY C 258 28.40 -7.99 20.50
C GLY C 258 26.97 -7.54 20.72
N LEU C 259 25.99 -8.27 20.17
CA LEU C 259 24.55 -7.89 20.16
C LEU C 259 23.77 -9.00 20.82
N PRO C 260 22.67 -8.68 21.52
CA PRO C 260 22.02 -9.62 22.42
C PRO C 260 21.04 -10.59 21.73
N PHE C 261 21.58 -11.35 20.79
CA PHE C 261 20.81 -12.40 20.11
C PHE C 261 20.54 -13.58 21.04
N ILE C 262 19.38 -14.20 20.89
CA ILE C 262 18.98 -15.42 21.62
C ILE C 262 18.34 -16.36 20.62
N THR C 263 18.26 -17.62 20.98
CA THR C 263 17.50 -18.58 20.16
C THR C 263 16.01 -18.23 20.21
N ALA C 264 15.37 -18.47 19.08
CA ALA C 264 13.94 -18.14 18.95
C ALA C 264 13.12 -19.02 19.88
N GLU C 265 12.12 -18.42 20.52
CA GLU C 265 11.24 -19.17 21.45
C GLU C 265 10.44 -20.24 20.72
N ASN C 266 10.09 -20.00 19.48
CA ASN C 266 9.26 -20.94 18.69
C ASN C 266 9.85 -21.03 17.29
N LYS C 267 10.48 -22.16 16.93
CA LYS C 267 11.20 -22.27 15.64
C LYS C 267 10.22 -22.44 14.48
N PHE C 268 8.98 -22.81 14.75
CA PHE C 268 7.96 -22.90 13.67
C PHE C 268 7.59 -21.48 13.23
N GLU C 269 7.29 -20.62 14.19
CA GLU C 269 7.06 -19.18 13.91
C GLU C 269 8.29 -18.58 13.22
N ALA C 270 9.49 -19.03 13.58
CA ALA C 270 10.75 -18.44 13.09
C ALA C 270 11.03 -18.82 11.65
N LEU C 271 10.44 -19.92 11.16
CA LEU C 271 10.64 -20.41 9.77
C LEU C 271 9.44 -20.06 8.89
N ALA C 272 8.23 -20.26 9.41
CA ALA C 272 6.97 -20.18 8.64
C ALA C 272 6.52 -18.71 8.45
N THR C 273 7.20 -17.77 9.10
CA THR C 273 6.81 -16.33 9.07
C THR C 273 8.07 -15.50 9.08
N HIS C 274 7.91 -14.25 8.73
CA HIS C 274 8.88 -13.18 9.06
C HIS C 274 8.10 -12.07 9.75
N ASP C 275 7.34 -12.47 10.77
CA ASP C 275 6.48 -11.52 11.50
C ASP C 275 7.37 -10.48 12.25
N ALA C 276 8.57 -10.86 12.74
CA ALA C 276 9.47 -9.87 13.38
C ALA C 276 9.91 -8.79 12.41
N ILE C 277 10.17 -9.16 11.15
CA ILE C 277 10.53 -8.18 10.10
C ILE C 277 9.32 -7.27 9.82
N VAL C 278 8.11 -7.80 9.75
CA VAL C 278 6.89 -6.96 9.58
C VAL C 278 6.80 -6.02 10.78
N GLU C 279 6.98 -6.52 12.00
CA GLU C 279 6.86 -5.72 13.25
C GLU C 279 7.84 -4.56 13.18
N THR C 280 9.13 -4.85 13.06
CA THR C 280 10.14 -3.79 13.04
C THR C 280 9.94 -2.86 11.83
N HIS C 281 9.62 -3.38 10.66
CA HIS C 281 9.47 -2.49 9.49
C HIS C 281 8.28 -1.55 9.71
N GLY C 282 7.22 -1.98 10.39
CA GLY C 282 6.10 -1.08 10.69
C GLY C 282 6.57 0.12 11.46
N ALA C 283 7.44 -0.07 12.45
CA ALA C 283 8.06 1.01 13.25
C ALA C 283 8.95 1.91 12.38
N LEU C 284 9.74 1.35 11.47
CA LEU C 284 10.55 2.18 10.55
C LEU C 284 9.58 3.03 9.72
N LYS C 285 8.45 2.44 9.26
CA LYS C 285 7.49 3.17 8.41
C LYS C 285 6.82 4.27 9.23
N GLN C 286 6.53 4.02 10.50
CA GLN C 286 5.99 5.10 11.38
C GLN C 286 6.96 6.29 11.43
N VAL C 287 8.24 5.99 11.69
CA VAL C 287 9.26 7.05 11.71
C VAL C 287 9.33 7.76 10.37
N ALA C 288 9.25 7.01 9.29
CA ALA C 288 9.31 7.60 7.94
C ALA C 288 8.12 8.56 7.71
N MET C 289 6.92 8.22 8.17
CA MET C 289 5.76 9.12 7.95
C MET C 289 5.92 10.39 8.79
N SER C 290 6.54 10.26 9.96
CA SER C 290 6.85 11.43 10.84
C SER C 290 7.87 12.32 10.13
N LEU C 291 8.94 11.71 9.63
CA LEU C 291 10.00 12.44 8.88
C LEU C 291 9.44 13.14 7.67
N PHE C 292 8.51 12.53 6.98
CA PHE C 292 7.94 13.18 5.78
C PHE C 292 7.31 14.49 6.26
N LYS C 293 6.48 14.43 7.30
CA LYS C 293 5.75 15.62 7.80
C LYS C 293 6.77 16.69 8.22
N ILE C 294 7.79 16.29 8.94
CA ILE C 294 8.81 17.26 9.48
C ILE C 294 9.48 17.95 8.30
N ALA C 295 9.94 17.17 7.33
CA ALA C 295 10.64 17.71 6.15
C ALA C 295 9.70 18.60 5.36
N ASN C 296 8.44 18.21 5.20
CA ASN C 296 7.48 18.99 4.42
C ASN C 296 7.20 20.31 5.13
N ASP C 297 7.06 20.31 6.45
CA ASP C 297 6.87 21.58 7.18
C ASP C 297 8.08 22.49 6.95
N ILE C 298 9.27 21.93 7.03
CA ILE C 298 10.48 22.76 6.99
C ILE C 298 10.56 23.41 5.60
N ARG C 299 10.27 22.67 4.53
CA ARG C 299 10.29 23.33 3.22
C ARG C 299 9.15 24.34 3.07
N LEU C 300 7.99 24.11 3.66
CA LEU C 300 6.93 25.13 3.60
C LEU C 300 7.38 26.37 4.37
N LEU C 301 7.96 26.20 5.55
CA LEU C 301 8.40 27.36 6.37
C LEU C 301 9.50 28.15 5.68
N ALA C 302 10.32 27.48 4.88
CA ALA C 302 11.46 28.11 4.16
C ALA C 302 11.05 28.62 2.80
N SER C 303 9.81 28.47 2.40
CA SER C 303 9.43 28.77 1.02
C SER C 303 9.63 30.24 0.72
N GLY C 304 10.08 30.54 -0.48
CA GLY C 304 10.20 31.94 -0.93
C GLY C 304 11.35 32.08 -1.90
N PRO C 305 12.31 33.01 -1.69
CA PRO C 305 12.44 33.80 -0.47
C PRO C 305 11.53 35.02 -0.36
N ARG C 306 10.81 35.40 -1.41
CA ARG C 306 9.97 36.63 -1.33
C ARG C 306 8.49 36.34 -1.55
N SER C 307 8.14 35.26 -2.26
CA SER C 307 6.73 35.06 -2.67
C SER C 307 6.13 33.83 -2.00
N GLY C 308 6.66 33.41 -0.87
CA GLY C 308 6.19 32.27 -0.10
C GLY C 308 5.93 32.64 1.34
N ILE C 309 6.16 31.68 2.23
CA ILE C 309 5.95 31.90 3.68
C ILE C 309 7.23 32.53 4.24
N GLY C 310 8.38 31.88 4.14
CA GLY C 310 9.66 32.53 4.44
C GLY C 310 9.90 32.78 5.93
N GLU C 311 9.33 32.00 6.84
CA GLU C 311 9.54 32.20 8.27
C GLU C 311 10.88 31.69 8.75
N ILE C 312 11.52 30.76 8.04
CA ILE C 312 12.86 30.25 8.45
C ILE C 312 13.85 30.42 7.29
N LEU C 313 15.11 30.48 7.71
CA LEU C 313 16.30 30.41 6.84
C LEU C 313 16.86 28.99 6.99
N ILE C 314 17.23 28.36 5.90
CA ILE C 314 17.89 27.03 5.94
C ILE C 314 19.20 27.16 5.19
N PRO C 315 20.17 26.27 5.44
CA PRO C 315 21.41 26.30 4.67
C PRO C 315 21.10 26.22 3.18
N GLU C 316 21.81 27.03 2.40
CA GLU C 316 21.73 27.07 0.92
C GLU C 316 22.97 26.37 0.38
N ASN C 317 22.84 25.11 -0.05
CA ASN C 317 24.03 24.26 -0.26
C ASN C 317 24.45 24.18 -1.71
N GLU C 318 23.55 24.43 -2.66
CA GLU C 318 23.89 24.22 -4.08
C GLU C 318 22.91 25.02 -4.92
N PRO C 319 23.26 25.37 -6.19
CA PRO C 319 22.27 25.94 -7.08
C PRO C 319 21.05 25.03 -7.23
N GLY C 320 19.88 25.67 -7.31
CA GLY C 320 18.60 24.94 -7.34
C GLY C 320 18.15 24.65 -8.75
N SER C 321 18.57 25.45 -9.75
CA SER C 321 18.02 25.42 -11.12
C SER C 321 19.13 25.50 -12.15
N SER C 322 18.89 24.90 -13.30
CA SER C 322 19.76 25.04 -14.49
C SER C 322 19.37 26.29 -15.28
N ILE C 323 18.18 26.85 -15.09
CA ILE C 323 17.61 27.95 -15.90
C ILE C 323 17.32 29.18 -15.06
N MET C 324 16.82 29.04 -13.83
CA MET C 324 16.46 30.22 -12.98
C MET C 324 17.70 30.59 -12.16
N PRO C 325 18.43 31.66 -12.55
CA PRO C 325 19.77 31.87 -12.01
C PRO C 325 19.72 32.42 -10.58
N GLY C 326 20.40 31.75 -9.69
CA GLY C 326 20.40 32.14 -8.27
C GLY C 326 19.33 31.45 -7.46
N LYS C 327 18.49 30.63 -8.04
CA LYS C 327 17.46 29.90 -7.28
C LYS C 327 18.15 28.90 -6.37
N VAL C 328 17.61 28.67 -5.16
CA VAL C 328 18.10 27.67 -4.20
C VAL C 328 16.90 26.96 -3.58
N ASN C 329 16.96 25.65 -3.48
CA ASN C 329 15.82 24.81 -3.12
C ASN C 329 16.10 24.04 -1.84
N PRO C 330 15.01 23.63 -1.14
CA PRO C 330 15.15 22.81 0.06
C PRO C 330 15.40 21.34 -0.31
N THR C 331 16.59 21.07 -0.83
CA THR C 331 16.90 19.78 -1.50
C THR C 331 17.01 18.67 -0.47
N GLN C 332 17.50 18.95 0.73
CA GLN C 332 17.58 17.92 1.76
C GLN C 332 16.17 17.51 2.19
N CYS C 333 15.26 18.45 2.26
CA CYS C 333 13.84 18.11 2.56
C CYS C 333 13.31 17.12 1.52
N GLU C 334 13.64 17.36 0.25
CA GLU C 334 13.13 16.55 -0.88
C GLU C 334 13.69 15.15 -0.78
N ALA C 335 14.98 14.97 -0.49
CA ALA C 335 15.55 13.64 -0.37
C ALA C 335 14.81 12.92 0.75
N MET C 336 14.55 13.56 1.89
CA MET C 336 13.88 12.89 3.04
C MET C 336 12.45 12.49 2.62
N THR C 337 11.69 13.38 2.01
CA THR C 337 10.32 12.98 1.57
C THR C 337 10.39 11.82 0.58
N MET C 338 11.36 11.81 -0.34
CA MET C 338 11.41 10.68 -1.33
C MET C 338 11.77 9.39 -0.60
N VAL C 339 12.70 9.43 0.38
CA VAL C 339 13.04 8.22 1.13
C VAL C 339 11.77 7.76 1.88
N ALA C 340 10.98 8.68 2.45
CA ALA C 340 9.77 8.28 3.18
C ALA C 340 8.80 7.56 2.25
N ALA C 341 8.61 8.09 1.05
CA ALA C 341 7.72 7.44 0.07
C ALA C 341 8.24 6.03 -0.22
N GLN C 342 9.55 5.84 -0.34
CA GLN C 342 10.12 4.51 -0.58
C GLN C 342 9.79 3.58 0.57
N VAL C 343 9.93 4.06 1.81
CA VAL C 343 9.72 3.21 3.00
C VAL C 343 8.25 2.77 3.03
N LEU C 344 7.31 3.65 2.70
CA LEU C 344 5.88 3.21 2.70
C LEU C 344 5.69 2.03 1.71
N GLY C 345 6.14 2.15 0.48
CA GLY C 345 6.04 1.04 -0.50
C GLY C 345 6.74 -0.22 0.02
N ASN C 346 7.92 -0.06 0.63
CA ASN C 346 8.61 -1.23 1.17
C ASN C 346 7.73 -1.90 2.24
N ASP C 347 6.98 -1.09 2.98
CA ASP C 347 6.08 -1.68 3.98
C ASP C 347 4.94 -2.46 3.30
N THR C 348 4.40 -1.95 2.18
CA THR C 348 3.42 -2.75 1.42
C THR C 348 4.04 -4.12 1.02
N THR C 349 5.21 -4.10 0.40
CA THR C 349 5.88 -5.33 -0.06
C THR C 349 6.10 -6.29 1.09
N ILE C 350 6.66 -5.77 2.19
CA ILE C 350 6.98 -6.63 3.36
C ILE C 350 5.69 -7.20 3.97
N SER C 351 4.65 -6.40 4.09
CA SER C 351 3.39 -6.86 4.71
C SER C 351 2.76 -7.95 3.82
N PHE C 352 2.69 -7.68 2.53
CA PHE C 352 2.14 -8.66 1.55
C PHE C 352 2.94 -9.98 1.61
N ALA C 353 4.25 -9.90 1.53
CA ALA C 353 5.12 -11.10 1.59
C ALA C 353 4.95 -11.81 2.94
N GLY C 354 4.85 -11.06 4.02
CA GLY C 354 4.72 -11.61 5.38
C GLY C 354 3.47 -12.44 5.53
N SER C 355 2.40 -12.14 4.79
CA SER C 355 1.12 -12.90 4.83
C SER C 355 1.23 -14.27 4.12
N GLN C 356 2.28 -14.46 3.31
CA GLN C 356 2.24 -15.45 2.19
C GLN C 356 3.05 -16.70 2.53
N GLY C 357 3.34 -16.96 3.80
CA GLY C 357 3.95 -18.25 4.18
C GLY C 357 3.00 -19.41 3.90
N HIS C 358 3.55 -20.55 3.58
CA HIS C 358 2.81 -21.83 3.43
C HIS C 358 3.40 -22.88 4.36
N PHE C 359 2.58 -23.47 5.23
CA PHE C 359 2.96 -24.61 6.05
C PHE C 359 4.22 -24.24 6.83
N GLU C 360 5.31 -24.99 6.65
CA GLU C 360 6.49 -24.84 7.51
C GLU C 360 7.40 -23.69 7.07
N LEU C 361 7.17 -23.03 5.95
CA LEU C 361 8.18 -22.06 5.48
C LEU C 361 7.55 -20.87 4.79
N ASN C 362 8.03 -19.67 5.14
CA ASN C 362 7.76 -18.47 4.30
C ASN C 362 8.84 -18.40 3.24
N VAL C 363 8.47 -18.42 1.96
CA VAL C 363 9.45 -18.43 0.85
C VAL C 363 9.40 -17.09 0.10
N PHE C 364 9.44 -16.01 0.88
CA PHE C 364 9.62 -14.64 0.38
C PHE C 364 10.80 -14.01 1.08
N LYS C 365 11.78 -14.83 1.46
CA LYS C 365 12.80 -14.30 2.41
C LYS C 365 13.67 -13.22 1.77
N PRO C 366 14.26 -13.41 0.58
CA PRO C 366 15.17 -12.39 0.02
C PRO C 366 14.48 -11.06 -0.25
N VAL C 367 13.24 -11.07 -0.71
CA VAL C 367 12.54 -9.79 -1.04
C VAL C 367 12.24 -9.06 0.28
N MET C 368 11.85 -9.76 1.33
CA MET C 368 11.62 -9.13 2.65
C MET C 368 12.94 -8.59 3.19
N ALA C 369 14.00 -9.37 3.07
CA ALA C 369 15.33 -8.94 3.56
C ALA C 369 15.79 -7.68 2.83
N ALA C 370 15.70 -7.64 1.52
CA ALA C 370 16.28 -6.54 0.76
C ALA C 370 15.48 -5.27 0.99
N ASN C 371 14.16 -5.36 1.00
CA ASN C 371 13.32 -4.16 1.29
C ASN C 371 13.62 -3.67 2.71
N PHE C 372 13.66 -4.56 3.68
CA PHE C 372 13.90 -4.15 5.08
C PHE C 372 15.23 -3.39 5.14
N LEU C 373 16.31 -3.99 4.65
CA LEU C 373 17.66 -3.37 4.79
C LEU C 373 17.69 -2.05 4.02
N GLN C 374 16.98 -1.93 2.89
CA GLN C 374 16.93 -0.62 2.18
C GLN C 374 16.30 0.44 3.09
N SER C 375 15.13 0.16 3.65
CA SER C 375 14.47 1.15 4.53
C SER C 375 15.43 1.54 5.66
N ALA C 376 15.97 0.55 6.37
CA ALA C 376 16.82 0.84 7.56
C ALA C 376 18.03 1.68 7.13
N GLN C 377 18.65 1.38 5.99
CA GLN C 377 19.83 2.13 5.52
C GLN C 377 19.43 3.53 5.05
N LEU C 378 18.40 3.67 4.22
CA LEU C 378 18.04 5.00 3.66
C LEU C 378 17.56 5.94 4.80
N ILE C 379 16.87 5.42 5.80
CA ILE C 379 16.40 6.28 6.91
C ILE C 379 17.66 6.74 7.67
N ALA C 380 18.62 5.85 7.89
CA ALA C 380 19.87 6.26 8.58
C ALA C 380 20.54 7.35 7.75
N ASP C 381 20.73 7.10 6.45
CA ASP C 381 21.57 7.98 5.61
C ASP C 381 20.90 9.33 5.49
N VAL C 382 19.58 9.34 5.32
CA VAL C 382 18.90 10.62 5.04
C VAL C 382 18.76 11.41 6.35
N CYS C 383 18.59 10.78 7.49
CA CYS C 383 18.58 11.55 8.76
C CYS C 383 19.95 12.20 9.02
N ILE C 384 21.04 11.47 8.75
CA ILE C 384 22.38 12.07 8.92
C ILE C 384 22.54 13.24 7.94
N SER C 385 22.20 13.06 6.68
CA SER C 385 22.34 14.08 5.63
C SER C 385 21.49 15.31 5.97
N PHE C 386 20.23 15.08 6.33
CA PHE C 386 19.31 16.18 6.68
C PHE C 386 19.82 16.94 7.89
N ASP C 387 20.29 16.22 8.89
CA ASP C 387 20.82 16.88 10.11
C ASP C 387 22.02 17.78 9.75
N GLU C 388 22.98 17.23 9.01
CA GLU C 388 24.26 17.91 8.68
C GLU C 388 23.97 19.14 7.79
N HIS C 389 23.12 18.98 6.78
CA HIS C 389 23.01 19.96 5.66
C HIS C 389 21.73 20.78 5.72
N CYS C 390 20.87 20.55 6.71
CA CYS C 390 19.63 21.37 6.85
C CYS C 390 19.33 21.65 8.32
N ALA C 391 18.96 20.66 9.12
CA ALA C 391 18.34 20.89 10.45
C ALA C 391 19.26 21.71 11.37
N THR C 392 20.56 21.43 11.36
CA THR C 392 21.47 22.14 12.29
C THR C 392 21.52 23.64 11.98
N GLY C 393 21.24 24.02 10.76
CA GLY C 393 21.41 25.42 10.34
C GLY C 393 20.11 26.18 10.27
N ILE C 394 19.00 25.58 10.73
CA ILE C 394 17.72 26.32 10.65
C ILE C 394 17.77 27.50 11.61
N GLN C 395 17.34 28.64 11.12
CA GLN C 395 17.24 29.89 11.93
C GLN C 395 15.95 30.60 11.58
N PRO C 396 15.39 31.39 12.53
CA PRO C 396 14.20 32.16 12.23
C PRO C 396 14.51 33.37 11.35
N ASN C 397 13.57 33.75 10.50
CA ASN C 397 13.57 35.04 9.79
C ASN C 397 12.76 35.98 10.69
N THR C 398 13.47 36.66 11.57
CA THR C 398 12.86 37.42 12.69
C THR C 398 11.82 38.42 12.18
N PRO C 399 12.09 39.33 11.21
CA PRO C 399 11.09 40.31 10.84
C PRO C 399 9.90 39.71 10.08
N ARG C 400 10.12 38.68 9.27
CA ARG C 400 9.02 38.01 8.56
C ARG C 400 8.09 37.33 9.56
N ILE C 401 8.65 36.64 10.54
CA ILE C 401 7.82 35.96 11.55
C ILE C 401 6.93 37.01 12.23
N GLN C 402 7.53 38.16 12.63
CA GLN C 402 6.78 39.19 13.36
C GLN C 402 5.69 39.77 12.45
N HIS C 403 5.97 40.00 11.19
CA HIS C 403 4.94 40.51 10.25
C HIS C 403 3.74 39.53 10.20
N LEU C 404 4.01 38.24 10.08
CA LEU C 404 2.90 37.29 9.85
C LEU C 404 2.14 37.08 11.16
N LEU C 405 2.79 37.21 12.30
CA LEU C 405 2.16 37.09 13.64
C LEU C 405 1.18 38.24 13.81
N ASP C 406 1.67 39.46 13.65
CA ASP C 406 0.84 40.66 13.92
C ASP C 406 -0.34 40.71 12.95
N SER C 407 -0.26 40.06 11.79
CA SER C 407 -1.28 40.14 10.72
C SER C 407 -2.49 39.22 11.01
N SER C 408 -2.41 38.23 11.90
CA SER C 408 -3.50 37.22 12.00
C SER C 408 -4.72 37.86 12.68
N LEU C 409 -5.86 37.76 12.04
CA LEU C 409 -7.07 38.25 12.73
C LEU C 409 -7.49 37.26 13.79
N MET C 410 -6.92 36.04 13.79
CA MET C 410 -7.31 35.06 14.83
C MET C 410 -6.60 35.35 16.15
N LEU C 411 -5.76 36.38 16.28
CA LEU C 411 -5.38 36.91 17.63
C LEU C 411 -6.62 37.31 18.47
N VAL C 412 -7.74 37.53 17.81
CA VAL C 412 -9.00 37.92 18.50
C VAL C 412 -9.44 36.83 19.47
N THR C 413 -9.00 35.59 19.25
CA THR C 413 -9.30 34.43 20.12
C THR C 413 -8.95 34.75 21.58
N ALA C 414 -7.97 35.60 21.86
CA ALA C 414 -7.57 35.94 23.24
C ALA C 414 -8.74 36.64 23.97
N LEU C 415 -9.70 37.16 23.24
CA LEU C 415 -10.83 37.89 23.86
C LEU C 415 -11.97 36.96 24.27
N ASN C 416 -11.97 35.71 23.83
CA ASN C 416 -13.18 34.86 24.00
C ASN C 416 -13.59 34.80 25.48
N THR C 417 -12.66 34.58 26.41
CA THR C 417 -13.02 34.34 27.85
C THR C 417 -13.40 35.67 28.51
N HIS C 418 -13.24 36.80 27.81
CA HIS C 418 -13.53 38.16 28.32
C HIS C 418 -14.89 38.62 27.78
N ILE C 419 -15.17 38.45 26.48
CA ILE C 419 -16.38 38.96 25.78
C ILE C 419 -17.21 37.90 25.06
N GLY C 420 -16.78 36.63 25.03
CA GLY C 420 -17.54 35.58 24.33
C GLY C 420 -17.22 35.45 22.86
N TYR C 421 -17.48 34.27 22.32
CA TYR C 421 -17.21 33.88 20.94
C TYR C 421 -17.91 34.83 19.98
N GLU C 422 -19.17 35.16 20.21
CA GLU C 422 -19.95 35.93 19.21
C GLU C 422 -19.40 37.37 19.07
N ASN C 423 -19.08 38.02 20.18
CA ASN C 423 -18.52 39.40 20.30
C ASN C 423 -17.11 39.38 19.67
N ALA C 424 -16.33 38.36 19.97
CA ALA C 424 -14.98 38.22 19.33
C ALA C 424 -15.15 38.09 17.82
N ALA C 425 -16.07 37.24 17.31
CA ALA C 425 -16.34 37.07 15.88
C ALA C 425 -16.74 38.43 15.26
N LYS C 426 -17.48 39.26 16.01
CA LYS C 426 -17.87 40.63 15.56
C LYS C 426 -16.61 41.49 15.39
N ILE C 427 -15.71 41.51 16.40
CA ILE C 427 -14.46 42.31 16.34
C ILE C 427 -13.66 41.89 15.09
N ALA C 428 -13.50 40.58 14.86
CA ALA C 428 -12.75 40.01 13.70
C ALA C 428 -13.41 40.42 12.39
N LYS C 429 -14.72 40.21 12.26
CA LYS C 429 -15.46 40.52 11.00
C LYS C 429 -15.45 42.03 10.77
N THR C 430 -15.46 42.86 11.83
CA THR C 430 -15.49 44.33 11.69
C THR C 430 -14.13 44.81 11.19
N ALA C 431 -13.02 44.30 11.75
CA ALA C 431 -11.63 44.66 11.34
C ALA C 431 -11.42 44.23 9.88
N HIS C 432 -11.92 43.05 9.54
CA HIS C 432 -11.72 42.47 8.20
C HIS C 432 -12.43 43.34 7.18
N LYS C 433 -13.71 43.68 7.42
CA LYS C 433 -14.51 44.47 6.43
C LYS C 433 -13.82 45.83 6.23
N ASN C 434 -13.48 46.50 7.33
CA ASN C 434 -12.98 47.89 7.42
C ASN C 434 -11.47 47.97 7.15
N GLY C 435 -10.77 46.83 7.13
CA GLY C 435 -9.30 46.75 6.99
C GLY C 435 -8.59 47.51 8.11
N THR C 436 -9.18 47.50 9.31
CA THR C 436 -8.66 48.17 10.52
C THR C 436 -8.00 47.10 11.40
N THR C 437 -7.39 47.50 12.52
CA THR C 437 -6.83 46.58 13.54
C THR C 437 -7.94 46.02 14.47
N LEU C 438 -7.67 44.86 15.04
CA LEU C 438 -8.51 44.27 16.10
C LEU C 438 -8.62 45.29 17.24
N ARG C 439 -7.51 45.94 17.61
CA ARG C 439 -7.46 46.90 18.74
C ARG C 439 -8.41 48.06 18.43
N GLU C 440 -8.31 48.66 17.23
CA GLU C 440 -9.19 49.80 16.85
C GLU C 440 -10.66 49.36 16.97
N GLU C 441 -11.02 48.19 16.45
CA GLU C 441 -12.48 47.79 16.42
C GLU C 441 -12.98 47.37 17.81
N ALA C 442 -12.17 46.68 18.59
CA ALA C 442 -12.53 46.36 19.99
C ALA C 442 -12.86 47.66 20.78
N ILE C 443 -12.08 48.74 20.58
CA ILE C 443 -12.30 50.03 21.29
C ILE C 443 -13.51 50.71 20.62
N ASN C 444 -13.52 50.73 19.28
CA ASN C 444 -14.63 51.33 18.47
C ASN C 444 -16.00 50.86 18.93
N LEU C 445 -16.18 49.55 19.12
CA LEU C 445 -17.51 48.95 19.47
C LEU C 445 -17.72 48.94 21.00
N GLY C 446 -16.76 49.47 21.78
CA GLY C 446 -16.80 49.51 23.27
C GLY C 446 -16.92 48.12 23.87
N LEU C 447 -16.29 47.12 23.26
CA LEU C 447 -16.31 45.71 23.80
C LEU C 447 -15.12 45.51 24.74
N VAL C 448 -14.08 46.29 24.49
CA VAL C 448 -12.87 46.27 25.34
C VAL C 448 -12.26 47.67 25.28
N SER C 449 -11.71 48.08 26.41
CA SER C 449 -10.95 49.33 26.60
C SER C 449 -9.53 49.15 26.08
N ALA C 450 -8.90 50.23 25.63
CA ALA C 450 -7.48 50.21 25.27
C ALA C 450 -6.73 49.44 26.36
N GLU C 451 -6.76 49.86 27.63
CA GLU C 451 -5.83 49.25 28.63
C GLU C 451 -6.10 47.73 28.71
N ASP C 452 -7.38 47.29 28.69
CA ASP C 452 -7.75 45.86 28.79
C ASP C 452 -7.24 45.10 27.55
N PHE C 453 -7.54 45.58 26.34
CA PHE C 453 -7.03 45.00 25.08
C PHE C 453 -5.51 44.78 25.18
N ASP C 454 -4.70 45.75 25.64
CA ASP C 454 -3.22 45.69 25.53
C ASP C 454 -2.70 44.71 26.59
N LYS C 455 -3.51 44.42 27.61
CA LYS C 455 -3.13 43.42 28.64
C LYS C 455 -3.59 42.04 28.20
N TRP C 456 -4.72 41.94 27.50
CA TRP C 456 -5.40 40.67 27.14
C TRP C 456 -4.94 40.09 25.80
N VAL C 457 -4.65 40.92 24.79
CA VAL C 457 -4.29 40.44 23.42
C VAL C 457 -2.81 40.66 23.14
N VAL C 458 -2.01 39.88 23.83
CA VAL C 458 -0.52 39.96 23.84
C VAL C 458 -0.09 38.62 23.26
N PRO C 459 0.44 38.52 22.01
CA PRO C 459 0.85 37.21 21.49
C PRO C 459 1.73 36.37 22.42
N ALA C 460 2.69 36.97 23.14
CA ALA C 460 3.58 36.23 24.08
C ALA C 460 2.80 35.56 25.22
N ASP C 461 1.62 36.05 25.56
CA ASP C 461 0.81 35.44 26.64
C ASP C 461 -0.20 34.46 26.07
N MET C 462 -0.19 34.23 24.75
CA MET C 462 -1.16 33.31 24.10
C MET C 462 -0.47 31.97 23.82
N VAL C 463 0.73 31.76 24.30
CA VAL C 463 1.47 30.50 24.03
C VAL C 463 1.47 29.58 25.24
N GLY C 464 0.57 29.80 26.20
CA GLY C 464 0.33 28.89 27.33
C GLY C 464 -1.11 28.98 27.82
N SER C 465 -1.42 28.23 28.86
CA SER C 465 -2.75 28.28 29.53
C SER C 465 -2.94 29.64 30.21
N LEU C 466 -4.18 29.89 30.61
CA LEU C 466 -4.54 31.08 31.42
C LEU C 466 -3.70 31.06 32.71
N LYS C 467 -3.25 32.26 33.11
CA LYS C 467 -2.41 32.61 34.29
C LYS C 467 -0.93 32.48 33.92
N ALA D 5 45.69 16.58 -7.54
CA ALA D 5 44.63 15.50 -7.36
C ALA D 5 43.24 16.07 -7.65
N PHE D 6 43.02 17.33 -7.33
CA PHE D 6 41.75 18.08 -7.54
C PHE D 6 42.04 19.26 -8.45
N ARG D 7 41.03 19.73 -9.19
CA ARG D 7 41.09 21.05 -9.85
C ARG D 7 39.91 21.91 -9.38
N ILE D 8 39.97 23.20 -9.68
CA ILE D 8 38.91 24.16 -9.26
C ILE D 8 37.90 24.31 -10.38
N GLU D 9 36.64 24.07 -10.06
CA GLU D 9 35.51 24.46 -10.92
C GLU D 9 34.66 25.47 -10.14
N LYS D 10 33.80 26.20 -10.80
CA LYS D 10 32.98 27.24 -10.14
C LYS D 10 31.54 27.07 -10.60
N ASP D 11 30.63 27.34 -9.68
CA ASP D 11 29.23 27.62 -10.00
C ASP D 11 28.87 28.95 -9.33
N THR D 12 27.59 29.30 -9.36
CA THR D 12 27.15 30.63 -8.85
C THR D 12 27.37 30.66 -7.33
N MET D 13 27.60 29.55 -6.65
CA MET D 13 27.78 29.59 -5.19
C MET D 13 29.25 29.63 -4.78
N GLY D 14 30.18 29.43 -5.70
CA GLY D 14 31.59 29.50 -5.38
C GLY D 14 32.41 28.42 -6.02
N GLU D 15 33.64 28.28 -5.53
CA GLU D 15 34.66 27.33 -6.01
C GLU D 15 34.45 25.98 -5.36
N VAL D 16 34.62 24.92 -6.16
CA VAL D 16 34.54 23.51 -5.70
C VAL D 16 35.76 22.77 -6.24
N GLN D 17 36.40 22.02 -5.37
CA GLN D 17 37.49 21.10 -5.75
C GLN D 17 36.86 19.85 -6.34
N VAL D 18 37.20 19.59 -7.59
CA VAL D 18 36.69 18.45 -8.39
C VAL D 18 37.82 17.48 -8.73
N PRO D 19 37.59 16.15 -8.58
CA PRO D 19 38.60 15.15 -8.93
C PRO D 19 39.15 15.51 -10.31
N ALA D 20 40.49 15.67 -10.40
CA ALA D 20 41.13 16.41 -11.51
C ALA D 20 40.89 15.72 -12.86
N ASP D 21 40.72 14.40 -12.84
CA ASP D 21 40.55 13.56 -14.06
C ASP D 21 39.09 13.46 -14.51
N LYS D 22 38.11 13.91 -13.72
CA LYS D 22 36.68 13.68 -14.05
C LYS D 22 36.13 14.83 -14.89
N TYR D 23 35.23 14.51 -15.80
CA TYR D 23 34.62 15.52 -16.67
C TYR D 23 33.50 16.33 -16.00
N TRP D 24 32.99 15.88 -14.86
CA TRP D 24 31.94 16.68 -14.21
C TRP D 24 32.53 17.94 -13.59
N ALA D 25 31.71 18.82 -13.00
CA ALA D 25 32.20 20.12 -12.53
C ALA D 25 31.57 20.43 -11.18
N ALA D 26 31.35 21.69 -10.84
CA ALA D 26 31.11 22.07 -9.44
C ALA D 26 29.82 21.45 -8.91
N GLN D 27 28.74 21.52 -9.68
CA GLN D 27 27.42 21.14 -9.12
C GLN D 27 27.36 19.62 -8.96
N THR D 28 27.90 18.88 -9.91
CA THR D 28 27.99 17.42 -9.74
C THR D 28 28.74 17.08 -8.44
N GLU D 29 29.89 17.74 -8.22
CA GLU D 29 30.74 17.41 -7.07
C GLU D 29 30.01 17.77 -5.77
N ARG D 30 29.30 18.91 -5.74
CA ARG D 30 28.49 19.28 -4.54
C ARG D 30 27.51 18.13 -4.28
N SER D 31 26.73 17.72 -5.26
CA SER D 31 25.70 16.67 -5.07
C SER D 31 26.33 15.37 -4.61
N ARG D 32 27.45 14.97 -5.22
CA ARG D 32 28.16 13.73 -4.85
C ARG D 32 28.49 13.73 -3.35
N ASN D 33 28.87 14.91 -2.84
CA ASN D 33 29.28 15.04 -1.43
C ASN D 33 28.10 15.33 -0.50
N ASN D 34 27.03 15.90 -1.03
CA ASN D 34 25.96 16.43 -0.13
C ASN D 34 24.80 15.45 0.00
N PHE D 35 24.77 14.38 -0.79
CA PHE D 35 23.66 13.38 -0.76
C PHE D 35 24.27 11.98 -0.62
N LYS D 36 24.86 11.68 0.52
CA LYS D 36 25.50 10.38 0.81
C LYS D 36 24.39 9.45 1.32
N ILE D 37 23.55 9.03 0.41
CA ILE D 37 22.29 8.33 0.73
C ILE D 37 22.16 7.15 -0.23
N GLY D 38 22.19 5.97 0.33
CA GLY D 38 22.19 4.71 -0.43
C GLY D 38 23.50 4.49 -1.16
N PRO D 39 23.51 3.45 -2.01
CA PRO D 39 24.74 3.10 -2.73
C PRO D 39 25.12 4.21 -3.72
N ALA D 40 26.41 4.33 -3.97
CA ALA D 40 26.97 5.39 -4.83
C ALA D 40 26.36 5.26 -6.23
N ALA D 41 26.11 6.38 -6.90
CA ALA D 41 25.83 6.45 -8.34
C ALA D 41 24.55 5.65 -8.68
N SER D 42 23.56 5.70 -7.77
CA SER D 42 22.32 4.88 -7.89
C SER D 42 21.35 5.41 -8.94
N MET D 43 21.55 6.62 -9.45
CA MET D 43 20.64 7.10 -10.51
C MET D 43 20.62 6.09 -11.66
N PRO D 44 19.45 5.57 -12.09
CA PRO D 44 19.45 4.52 -13.10
C PRO D 44 20.17 4.90 -14.39
N HIS D 45 20.99 3.98 -14.89
CA HIS D 45 21.69 4.25 -16.16
C HIS D 45 20.69 4.54 -17.27
N GLU D 46 19.48 3.98 -17.23
CA GLU D 46 18.45 4.28 -18.26
C GLU D 46 18.13 5.76 -18.29
N ILE D 47 18.16 6.46 -17.14
CA ILE D 47 17.89 7.92 -17.09
C ILE D 47 19.06 8.67 -17.74
N ILE D 48 20.29 8.24 -17.48
CA ILE D 48 21.47 8.86 -18.11
C ILE D 48 21.40 8.66 -19.64
N GLU D 49 21.08 7.46 -20.10
CA GLU D 49 20.95 7.20 -21.53
C GLU D 49 19.87 8.10 -22.13
N ALA D 50 18.71 8.22 -21.48
CA ALA D 50 17.62 9.07 -21.97
C ALA D 50 18.06 10.54 -22.07
N PHE D 51 18.85 10.97 -21.10
CA PHE D 51 19.45 12.32 -21.10
C PHE D 51 20.36 12.46 -22.32
N GLY D 52 21.16 11.44 -22.63
CA GLY D 52 22.02 11.57 -23.81
C GLY D 52 21.19 11.83 -25.05
N TYR D 53 20.09 11.13 -25.22
CA TYR D 53 19.23 11.36 -26.41
C TYR D 53 18.63 12.76 -26.38
N LEU D 54 18.07 13.20 -25.24
CA LEU D 54 17.34 14.48 -25.23
C LEU D 54 18.31 15.69 -25.29
N LYS D 55 19.51 15.59 -24.74
CA LYS D 55 20.50 16.70 -24.82
C LYS D 55 20.97 16.81 -26.28
N LYS D 56 21.20 15.67 -26.92
CA LYS D 56 21.54 15.72 -28.35
C LYS D 56 20.39 16.34 -29.11
N ALA D 57 19.14 15.92 -28.87
CA ALA D 57 17.96 16.45 -29.56
C ALA D 57 17.83 17.96 -29.36
N ALA D 58 18.06 18.44 -28.14
CA ALA D 58 17.88 19.87 -27.85
C ALA D 58 18.89 20.67 -28.68
N ALA D 59 20.13 20.18 -28.77
CA ALA D 59 21.20 20.89 -29.50
C ALA D 59 20.81 20.94 -30.99
N PHE D 60 20.40 19.82 -31.53
CA PHE D 60 19.95 19.74 -32.94
C PHE D 60 18.77 20.68 -33.16
N ALA D 61 17.77 20.74 -32.27
CA ALA D 61 16.59 21.61 -32.46
C ALA D 61 16.99 23.09 -32.36
N ASN D 62 17.85 23.40 -31.40
CA ASN D 62 18.31 24.79 -31.15
C ASN D 62 19.04 25.29 -32.43
N THR D 63 19.86 24.44 -33.01
CA THR D 63 20.60 24.84 -34.25
C THR D 63 19.62 25.06 -35.39
N ASP D 64 18.67 24.15 -35.61
CA ASP D 64 17.66 24.33 -36.67
C ASP D 64 16.90 25.62 -36.45
N LEU D 65 16.66 26.04 -35.19
CA LEU D 65 15.81 27.24 -34.93
C LEU D 65 16.72 28.48 -34.75
N GLY D 66 18.01 28.37 -35.07
CA GLY D 66 18.91 29.52 -35.25
C GLY D 66 19.45 30.09 -33.96
N VAL D 67 19.39 29.35 -32.87
CA VAL D 67 19.87 29.90 -31.57
C VAL D 67 21.10 29.16 -31.05
N LEU D 68 21.67 28.19 -31.77
CA LEU D 68 22.92 27.51 -31.34
C LEU D 68 23.76 27.30 -32.58
N PRO D 69 25.04 27.68 -32.61
CA PRO D 69 25.86 27.37 -33.79
C PRO D 69 26.04 25.87 -34.04
N ALA D 70 26.01 25.45 -35.31
CA ALA D 70 26.22 24.04 -35.71
C ALA D 70 27.52 23.49 -35.09
N GLU D 71 28.59 24.29 -34.96
CA GLU D 71 29.88 23.78 -34.42
C GLU D 71 29.69 23.36 -32.96
N LYS D 72 28.82 24.06 -32.21
CA LYS D 72 28.55 23.70 -30.80
C LYS D 72 27.63 22.48 -30.78
N ARG D 73 26.63 22.45 -31.64
CA ARG D 73 25.77 21.26 -31.82
C ARG D 73 26.62 20.00 -32.03
N ASP D 74 27.59 20.07 -32.95
CA ASP D 74 28.37 18.88 -33.29
C ASP D 74 29.18 18.42 -32.09
N LEU D 75 29.75 19.34 -31.29
CA LEU D 75 30.53 18.91 -30.11
C LEU D 75 29.58 18.26 -29.08
N ILE D 76 28.48 18.92 -28.79
CA ILE D 76 27.46 18.36 -27.85
C ILE D 76 27.01 16.97 -28.33
N GLY D 77 26.68 16.85 -29.62
CA GLY D 77 26.27 15.58 -30.26
C GLY D 77 27.31 14.48 -30.08
N GLN D 78 28.59 14.81 -30.29
CA GLN D 78 29.66 13.81 -30.12
C GLN D 78 29.74 13.34 -28.67
N ALA D 79 29.66 14.24 -27.69
CA ALA D 79 29.75 13.86 -26.27
C ALA D 79 28.51 13.00 -25.95
N CYS D 80 27.37 13.37 -26.48
CA CYS D 80 26.14 12.57 -26.24
C CYS D 80 26.26 11.16 -26.84
N ASP D 81 26.84 11.07 -28.02
CA ASP D 81 27.03 9.76 -28.67
C ASP D 81 27.94 8.88 -27.78
N GLU D 82 28.98 9.45 -27.18
CA GLU D 82 29.89 8.74 -26.27
C GLU D 82 29.08 8.24 -25.05
N ILE D 83 28.22 9.10 -24.49
CA ILE D 83 27.40 8.67 -23.31
C ILE D 83 26.56 7.45 -23.75
N LEU D 84 25.94 7.57 -24.89
CA LEU D 84 25.04 6.52 -25.45
C LEU D 84 25.80 5.22 -25.73
N ALA D 85 27.05 5.34 -26.19
CA ALA D 85 27.88 4.15 -26.45
C ALA D 85 28.59 3.64 -25.20
N ARG D 86 28.27 4.15 -24.00
CA ARG D 86 28.71 3.54 -22.74
C ARG D 86 30.22 3.75 -22.53
N LYS D 87 30.69 4.96 -22.88
CA LYS D 87 32.11 5.34 -22.78
C LYS D 87 32.36 6.24 -21.56
N LEU D 88 31.31 6.81 -20.97
CA LEU D 88 31.45 7.81 -19.91
C LEU D 88 30.61 7.41 -18.70
N ASP D 89 30.37 6.12 -18.49
CA ASP D 89 29.57 5.69 -17.30
C ASP D 89 30.16 6.21 -15.98
N ASP D 90 31.48 6.26 -15.85
CA ASP D 90 32.15 6.68 -14.60
C ASP D 90 32.08 8.20 -14.43
N GLN D 91 31.37 8.92 -15.30
CA GLN D 91 31.22 10.38 -15.16
C GLN D 91 29.88 10.75 -14.50
N PHE D 92 29.12 9.75 -14.03
CA PHE D 92 27.76 9.99 -13.46
C PHE D 92 27.69 9.37 -12.08
N PRO D 93 28.10 10.11 -11.03
CA PRO D 93 28.28 9.54 -9.70
C PRO D 93 27.12 9.79 -8.74
N LEU D 94 26.03 10.37 -9.22
CA LEU D 94 24.95 10.89 -8.35
C LEU D 94 23.88 9.83 -8.03
N VAL D 95 23.20 10.06 -6.91
CA VAL D 95 22.21 9.12 -6.34
C VAL D 95 20.80 9.49 -6.80
N ILE D 96 19.90 8.53 -6.65
CA ILE D 96 18.43 8.72 -6.78
C ILE D 96 18.04 9.81 -5.79
N TRP D 97 18.54 9.70 -4.57
CA TRP D 97 18.02 10.43 -3.39
C TRP D 97 18.66 11.82 -3.34
N GLN D 98 18.55 12.55 -4.42
CA GLN D 98 19.08 13.90 -4.56
C GLN D 98 17.93 14.89 -4.47
N THR D 99 18.06 16.09 -4.99
CA THR D 99 16.90 16.99 -5.20
C THR D 99 15.78 16.27 -5.94
N GLY D 100 14.52 16.55 -5.62
CA GLY D 100 13.41 15.78 -6.20
C GLY D 100 13.06 16.19 -7.61
N SER D 101 13.72 17.19 -8.19
CA SER D 101 13.50 17.54 -9.62
C SER D 101 14.53 16.85 -10.52
N GLY D 102 15.60 16.31 -9.93
CA GLY D 102 16.76 15.83 -10.70
C GLY D 102 17.59 16.96 -11.29
N THR D 103 17.56 18.18 -10.74
CA THR D 103 18.46 19.28 -11.15
C THR D 103 19.90 18.76 -11.16
N GLN D 104 20.30 18.04 -10.14
CA GLN D 104 21.75 17.74 -10.00
C GLN D 104 22.14 16.79 -11.13
N SER D 105 21.33 15.81 -11.47
CA SER D 105 21.69 14.92 -12.61
C SER D 105 21.57 15.71 -13.91
N ASN D 106 20.65 16.63 -14.07
CA ASN D 106 20.61 17.49 -15.27
C ASN D 106 21.94 18.25 -15.39
N MET D 107 22.41 18.85 -14.31
CA MET D 107 23.66 19.61 -14.32
C MET D 107 24.85 18.67 -14.48
N ASN D 108 24.76 17.40 -14.06
CA ASN D 108 25.80 16.37 -14.32
C ASN D 108 25.92 16.17 -15.83
N LEU D 109 24.82 16.05 -16.53
CA LEU D 109 24.86 15.96 -18.01
C LEU D 109 25.50 17.23 -18.57
N ASN D 110 25.06 18.39 -18.13
CA ASN D 110 25.47 19.67 -18.73
C ASN D 110 26.98 19.83 -18.52
N GLU D 111 27.47 19.53 -17.33
CA GLU D 111 28.90 19.73 -16.97
C GLU D 111 29.75 18.73 -17.74
N VAL D 112 29.36 17.48 -17.73
CA VAL D 112 30.18 16.43 -18.41
C VAL D 112 30.21 16.72 -19.89
N ILE D 113 29.08 17.05 -20.50
CA ILE D 113 29.05 17.34 -21.94
C ILE D 113 29.91 18.59 -22.23
N ALA D 114 29.80 19.62 -21.41
CA ALA D 114 30.60 20.83 -21.63
C ALA D 114 32.09 20.51 -21.57
N ASN D 115 32.55 19.82 -20.53
CA ASN D 115 34.00 19.57 -20.35
C ASN D 115 34.45 18.58 -21.42
N ARG D 116 33.64 17.58 -21.74
CA ARG D 116 34.10 16.55 -22.68
C ARG D 116 34.13 17.23 -24.04
N ALA D 117 33.17 18.06 -24.38
CA ALA D 117 33.19 18.83 -25.65
C ALA D 117 34.50 19.60 -25.76
N HIS D 118 34.93 20.25 -24.70
CA HIS D 118 36.19 21.05 -24.66
C HIS D 118 37.37 20.15 -25.10
N VAL D 119 37.44 18.95 -24.54
CA VAL D 119 38.55 18.01 -24.85
C VAL D 119 38.39 17.50 -26.29
N ILE D 120 37.19 17.17 -26.73
CA ILE D 120 36.95 16.77 -28.15
C ILE D 120 37.45 17.86 -29.10
N ASN D 121 37.31 19.11 -28.71
CA ASN D 121 37.68 20.26 -29.57
C ASN D 121 39.20 20.55 -29.51
N GLY D 122 39.97 19.83 -28.72
CA GLY D 122 41.43 20.02 -28.65
C GLY D 122 41.87 20.70 -27.38
N GLY D 123 40.95 20.96 -26.43
CA GLY D 123 41.31 21.61 -25.16
C GLY D 123 41.77 20.66 -24.08
N LYS D 124 42.07 21.21 -22.90
CA LYS D 124 42.48 20.45 -21.70
C LYS D 124 41.47 20.66 -20.59
N LEU D 125 41.16 19.60 -19.86
CA LEU D 125 40.41 19.66 -18.59
C LEU D 125 41.10 20.64 -17.64
N GLY D 126 40.36 21.54 -16.97
CA GLY D 126 40.88 22.60 -16.08
C GLY D 126 40.82 23.96 -16.76
N GLU D 127 40.54 23.98 -18.06
CA GLU D 127 40.42 25.22 -18.85
C GLU D 127 38.93 25.56 -18.92
N LYS D 128 38.58 26.82 -19.10
CA LYS D 128 37.20 27.28 -19.36
C LYS D 128 36.75 26.62 -20.65
N SER D 129 35.63 25.90 -20.60
CA SER D 129 35.18 25.19 -21.81
C SER D 129 34.69 26.17 -22.85
N ILE D 130 34.94 25.85 -24.11
CA ILE D 130 34.32 26.54 -25.26
C ILE D 130 32.77 26.45 -25.23
N ILE D 131 32.22 25.44 -24.52
CA ILE D 131 30.75 25.16 -24.45
C ILE D 131 30.35 25.46 -23.01
N HIS D 132 29.35 26.33 -22.83
CA HIS D 132 28.87 26.68 -21.47
C HIS D 132 27.81 25.69 -21.02
N PRO D 133 27.94 25.07 -19.84
CA PRO D 133 26.96 24.07 -19.39
C PRO D 133 25.52 24.61 -19.32
N ASN D 134 25.33 25.85 -18.87
CA ASN D 134 23.99 26.49 -18.84
C ASN D 134 23.61 27.13 -20.18
N ASP D 135 24.43 28.02 -20.72
CA ASP D 135 24.02 28.85 -21.87
C ASP D 135 23.93 27.99 -23.15
N ASP D 136 24.78 26.97 -23.26
CA ASP D 136 24.91 26.15 -24.51
C ASP D 136 24.27 24.76 -24.30
N VAL D 137 24.78 23.94 -23.39
CA VAL D 137 24.31 22.53 -23.29
C VAL D 137 22.85 22.52 -22.81
N ASN D 138 22.51 23.48 -21.96
CA ASN D 138 21.15 23.56 -21.37
C ASN D 138 20.29 24.59 -22.08
N LYS D 139 20.71 25.13 -23.24
CA LYS D 139 19.94 26.18 -23.91
C LYS D 139 18.50 25.71 -24.12
N SER D 140 17.53 26.57 -23.81
CA SER D 140 16.09 26.34 -24.06
C SER D 140 15.55 25.26 -23.12
N GLN D 141 16.26 24.92 -22.05
CA GLN D 141 15.89 23.78 -21.15
C GLN D 141 15.80 24.18 -19.69
N SER D 142 15.15 23.30 -18.91
CA SER D 142 15.21 23.29 -17.44
C SER D 142 15.45 21.85 -17.00
N SER D 143 15.85 21.63 -15.74
CA SER D 143 15.70 20.31 -15.13
C SER D 143 14.22 19.89 -15.18
N ASN D 144 13.32 20.87 -15.13
CA ASN D 144 11.91 20.57 -14.85
C ASN D 144 11.26 19.91 -16.04
N ASP D 145 11.73 20.18 -17.28
CA ASP D 145 11.22 19.50 -18.48
C ASP D 145 12.20 18.43 -18.94
N THR D 146 13.50 18.59 -18.75
CA THR D 146 14.45 17.52 -19.14
C THR D 146 14.28 16.25 -18.30
N TYR D 147 14.14 16.32 -16.98
CA TYR D 147 14.10 15.09 -16.19
C TYR D 147 12.84 14.32 -16.53
N PRO D 148 11.64 14.95 -16.54
CA PRO D 148 10.46 14.20 -16.99
C PRO D 148 10.60 13.59 -18.38
N THR D 149 11.22 14.34 -19.29
CA THR D 149 11.46 13.77 -20.63
C THR D 149 12.34 12.52 -20.52
N ALA D 150 13.42 12.55 -19.71
CA ALA D 150 14.28 11.38 -19.52
C ALA D 150 13.45 10.23 -18.94
N MET D 151 12.58 10.55 -17.99
CA MET D 151 11.74 9.50 -17.34
C MET D 151 10.85 8.83 -18.38
N HIS D 152 10.20 9.57 -19.27
CA HIS D 152 9.28 8.96 -20.26
C HIS D 152 10.07 8.22 -21.34
N ILE D 153 11.20 8.77 -21.79
CA ILE D 153 12.02 8.02 -22.77
C ILE D 153 12.40 6.67 -22.16
N ALA D 154 12.98 6.69 -20.98
CA ALA D 154 13.48 5.46 -20.33
C ALA D 154 12.33 4.50 -20.04
N ALA D 155 11.24 5.02 -19.56
CA ALA D 155 10.06 4.18 -19.20
C ALA D 155 9.47 3.53 -20.44
N TYR D 156 9.23 4.33 -21.45
CA TYR D 156 8.57 3.85 -22.69
C TYR D 156 9.49 2.84 -23.36
N LYS D 157 10.77 3.17 -23.48
CA LYS D 157 11.78 2.24 -24.07
C LYS D 157 11.71 0.91 -23.32
N LYS D 158 11.78 0.90 -21.99
CA LYS D 158 11.85 -0.35 -21.27
C LYS D 158 10.56 -1.14 -21.47
N VAL D 159 9.41 -0.47 -21.42
CA VAL D 159 8.12 -1.20 -21.51
C VAL D 159 8.02 -1.84 -22.90
N VAL D 160 8.29 -1.08 -23.95
CA VAL D 160 8.05 -1.63 -25.33
C VAL D 160 9.18 -2.58 -25.75
N GLU D 161 10.43 -2.37 -25.31
CA GLU D 161 11.57 -3.18 -25.77
C GLU D 161 11.77 -4.38 -24.86
N ALA D 162 11.43 -4.32 -23.56
CA ALA D 162 11.73 -5.40 -22.59
C ALA D 162 10.44 -6.00 -22.03
N THR D 163 9.59 -5.21 -21.37
CA THR D 163 8.47 -5.78 -20.62
C THR D 163 7.43 -6.41 -21.58
N ILE D 164 6.93 -5.69 -22.56
CA ILE D 164 5.86 -6.23 -23.44
C ILE D 164 6.36 -7.48 -24.14
N PRO D 165 7.55 -7.50 -24.79
CA PRO D 165 7.98 -8.75 -25.45
C PRO D 165 8.15 -9.95 -24.52
N ALA D 166 8.58 -9.71 -23.27
CA ALA D 166 8.76 -10.80 -22.30
C ALA D 166 7.38 -11.35 -21.89
N VAL D 167 6.42 -10.44 -21.68
CA VAL D 167 5.06 -10.90 -21.28
C VAL D 167 4.41 -11.63 -22.47
N GLU D 168 4.65 -11.14 -23.67
CA GLU D 168 4.11 -11.77 -24.89
C GLU D 168 4.71 -13.19 -25.02
N ARG D 169 6.00 -13.34 -24.81
CA ARG D 169 6.66 -14.66 -24.95
C ARG D 169 6.01 -15.65 -23.97
N LEU D 170 5.76 -15.23 -22.73
CA LEU D 170 5.15 -16.15 -21.72
C LEU D 170 3.70 -16.40 -22.09
N GLN D 171 2.98 -15.37 -22.50
CA GLN D 171 1.60 -15.55 -22.92
C GLN D 171 1.53 -16.60 -24.03
N LYS D 172 2.40 -16.51 -25.04
CA LYS D 172 2.36 -17.50 -26.15
C LYS D 172 2.62 -18.91 -25.63
N THR D 173 3.55 -19.11 -24.70
CA THR D 173 3.79 -20.43 -24.09
C THR D 173 2.54 -20.92 -23.37
N LEU D 174 1.93 -20.08 -22.57
CA LEU D 174 0.73 -20.51 -21.84
C LEU D 174 -0.38 -20.91 -22.83
N ALA D 175 -0.56 -20.15 -23.90
CA ALA D 175 -1.58 -20.48 -24.92
C ALA D 175 -1.19 -21.79 -25.63
N ALA D 176 0.10 -22.02 -25.85
CA ALA D 176 0.54 -23.27 -26.50
C ALA D 176 0.24 -24.43 -25.58
N LYS D 177 0.51 -24.27 -24.29
CA LYS D 177 0.21 -25.32 -23.28
C LYS D 177 -1.29 -25.53 -23.19
N ALA D 178 -2.12 -24.50 -23.30
CA ALA D 178 -3.59 -24.66 -23.30
C ALA D 178 -4.00 -25.61 -24.44
N ALA D 179 -3.40 -25.46 -25.62
CA ALA D 179 -3.74 -26.35 -26.77
C ALA D 179 -3.14 -27.74 -26.53
N GLU D 180 -1.91 -27.84 -25.99
CA GLU D 180 -1.21 -29.12 -25.80
C GLU D 180 -2.03 -29.98 -24.86
N PHE D 181 -2.65 -29.36 -23.87
CA PHE D 181 -3.34 -30.08 -22.78
C PHE D 181 -4.87 -30.06 -22.96
N LYS D 182 -5.36 -29.82 -24.16
CA LYS D 182 -6.81 -29.63 -24.38
C LYS D 182 -7.64 -30.90 -24.13
N ASP D 183 -7.01 -32.08 -24.12
CA ASP D 183 -7.70 -33.38 -23.92
C ASP D 183 -7.33 -33.99 -22.58
N VAL D 184 -6.60 -33.27 -21.72
CA VAL D 184 -6.25 -33.78 -20.36
C VAL D 184 -7.35 -33.37 -19.38
N VAL D 185 -8.24 -34.27 -19.02
CA VAL D 185 -9.33 -33.95 -18.07
C VAL D 185 -8.88 -34.11 -16.60
N LYS D 186 -9.02 -33.04 -15.85
CA LYS D 186 -8.57 -33.00 -14.44
C LYS D 186 -9.72 -32.48 -13.56
N ILE D 187 -9.53 -32.54 -12.25
CA ILE D 187 -10.53 -31.97 -11.33
C ILE D 187 -10.28 -30.49 -11.06
N GLY D 188 -11.34 -29.73 -11.16
CA GLY D 188 -11.41 -28.34 -10.71
C GLY D 188 -11.35 -28.29 -9.20
N ARG D 189 -10.86 -27.17 -8.68
CA ARG D 189 -10.91 -26.88 -7.23
C ARG D 189 -11.42 -25.47 -7.03
N THR D 190 -12.38 -25.31 -6.14
CA THR D 190 -12.90 -23.98 -5.79
C THR D 190 -12.86 -23.94 -4.28
N HIS D 191 -12.38 -22.84 -3.72
CA HIS D 191 -12.21 -22.72 -2.26
C HIS D 191 -11.12 -23.67 -1.76
N LEU D 192 -10.31 -24.26 -2.65
CA LEU D 192 -9.31 -25.33 -2.41
C LEU D 192 -10.02 -26.68 -2.31
N MET D 193 -11.32 -26.73 -2.46
CA MET D 193 -12.09 -27.96 -2.31
C MET D 193 -12.42 -28.57 -3.67
N ASP D 194 -12.51 -29.90 -3.63
CA ASP D 194 -12.83 -30.71 -4.83
C ASP D 194 -14.09 -30.13 -5.51
N ALA D 195 -14.02 -29.93 -6.82
CA ALA D 195 -15.13 -29.38 -7.62
C ALA D 195 -15.44 -30.33 -8.80
N THR D 196 -15.83 -29.79 -9.92
CA THR D 196 -16.19 -30.52 -11.17
C THR D 196 -15.03 -30.42 -12.16
N PRO D 197 -15.08 -31.23 -13.23
CA PRO D 197 -13.92 -31.33 -14.12
C PRO D 197 -13.71 -30.12 -15.01
N LEU D 198 -12.45 -29.96 -15.38
CA LEU D 198 -12.09 -29.06 -16.50
C LEU D 198 -10.86 -29.63 -17.14
N THR D 199 -10.49 -29.20 -18.34
CA THR D 199 -9.25 -29.73 -18.90
C THR D 199 -8.07 -28.92 -18.38
N LEU D 200 -6.93 -29.57 -18.25
CA LEU D 200 -5.68 -28.83 -17.90
C LEU D 200 -5.48 -27.73 -18.95
N GLY D 201 -5.87 -27.98 -20.19
CA GLY D 201 -5.77 -26.92 -21.22
C GLY D 201 -6.67 -25.73 -20.95
N GLN D 202 -7.90 -25.96 -20.52
CA GLN D 202 -8.81 -24.89 -20.08
C GLN D 202 -8.13 -24.10 -18.98
N GLU D 203 -7.61 -24.79 -17.95
CA GLU D 203 -7.00 -24.06 -16.82
C GLU D 203 -5.90 -23.14 -17.35
N PHE D 204 -5.01 -23.67 -18.19
CA PHE D 204 -3.91 -22.88 -18.80
C PHE D 204 -4.47 -21.77 -19.70
N SER D 205 -5.63 -21.98 -20.34
CA SER D 205 -6.27 -20.94 -21.17
C SER D 205 -6.63 -19.74 -20.30
N GLY D 206 -6.96 -19.96 -19.02
CA GLY D 206 -7.23 -18.81 -18.13
C GLY D 206 -5.95 -18.01 -17.91
N TYR D 207 -4.81 -18.66 -17.68
CA TYR D 207 -3.53 -17.94 -17.46
C TYR D 207 -3.19 -17.16 -18.71
N ALA D 208 -3.34 -17.81 -19.87
CA ALA D 208 -2.99 -17.14 -21.14
C ALA D 208 -3.89 -15.91 -21.31
N ALA D 209 -5.18 -16.02 -21.00
CA ALA D 209 -6.11 -14.88 -21.16
C ALA D 209 -5.72 -13.74 -20.21
N GLN D 210 -5.32 -14.09 -18.98
CA GLN D 210 -4.87 -13.08 -17.98
C GLN D 210 -3.78 -12.24 -18.59
N LEU D 211 -2.79 -12.87 -19.20
CA LEU D 211 -1.67 -12.07 -19.77
C LEU D 211 -2.10 -11.34 -21.01
N SER D 212 -3.01 -11.87 -21.81
CA SER D 212 -3.52 -11.11 -22.97
C SER D 212 -4.25 -9.83 -22.50
N PHE D 213 -5.10 -9.91 -21.47
CA PHE D 213 -5.79 -8.71 -20.93
C PHE D 213 -4.74 -7.76 -20.38
N GLY D 214 -3.72 -8.27 -19.70
CA GLY D 214 -2.68 -7.43 -19.11
C GLY D 214 -1.89 -6.65 -20.14
N LEU D 215 -1.53 -7.34 -21.22
CA LEU D 215 -0.86 -6.69 -22.38
C LEU D 215 -1.69 -5.55 -22.91
N THR D 216 -2.98 -5.77 -23.17
CA THR D 216 -3.91 -4.72 -23.63
C THR D 216 -3.89 -3.56 -22.62
N ALA D 217 -3.95 -3.87 -21.33
CA ALA D 217 -3.98 -2.80 -20.30
C ALA D 217 -2.69 -1.98 -20.33
N ILE D 218 -1.53 -2.59 -20.53
CA ILE D 218 -0.24 -1.85 -20.61
C ILE D 218 -0.29 -1.00 -21.87
N LYS D 219 -0.65 -1.62 -23.00
CA LYS D 219 -0.63 -0.87 -24.28
C LYS D 219 -1.57 0.33 -24.24
N ASN D 220 -2.69 0.23 -23.53
CA ASN D 220 -3.64 1.35 -23.41
C ASN D 220 -2.96 2.58 -22.82
N THR D 221 -1.96 2.37 -21.98
CA THR D 221 -1.28 3.46 -21.23
C THR D 221 -0.19 4.12 -22.07
N LEU D 222 0.17 3.60 -23.23
CA LEU D 222 1.32 4.12 -24.01
C LEU D 222 1.05 5.47 -24.64
N PRO D 223 -0.17 5.82 -25.04
CA PRO D 223 -0.36 7.15 -25.63
C PRO D 223 -0.04 8.32 -24.67
N HIS D 224 -0.35 8.17 -23.40
CA HIS D 224 0.00 9.19 -22.39
C HIS D 224 1.52 9.17 -22.19
N LEU D 225 2.11 7.99 -22.09
CA LEU D 225 3.54 7.81 -21.73
C LEU D 225 4.47 8.36 -22.82
N ARG D 226 4.04 8.33 -24.08
CA ARG D 226 4.91 8.80 -25.19
C ARG D 226 4.98 10.33 -25.21
N GLN D 227 4.17 11.05 -24.43
CA GLN D 227 4.15 12.50 -24.39
C GLN D 227 5.33 13.03 -23.59
N LEU D 228 6.12 13.94 -24.16
CA LEU D 228 7.34 14.48 -23.54
C LEU D 228 7.17 15.94 -23.08
N ALA D 229 7.68 16.25 -21.90
CA ALA D 229 7.59 17.59 -21.29
C ALA D 229 8.51 18.59 -21.98
N LEU D 230 9.48 18.12 -22.76
CA LEU D 230 10.58 18.99 -23.23
C LEU D 230 10.01 20.16 -24.03
N GLY D 231 10.37 21.37 -23.57
CA GLY D 231 9.78 22.61 -24.10
C GLY D 231 9.00 23.38 -23.04
N GLY D 232 8.62 22.74 -21.92
CA GLY D 232 7.90 23.46 -20.86
C GLY D 232 8.82 24.32 -20.01
N THR D 233 10.13 24.12 -20.13
CA THR D 233 11.17 24.77 -19.31
C THR D 233 10.75 24.89 -17.85
N ALA D 234 10.88 26.05 -17.22
CA ALA D 234 10.89 26.22 -15.76
C ALA D 234 9.53 25.82 -15.16
N VAL D 235 8.43 26.36 -15.69
CA VAL D 235 7.07 26.21 -15.07
C VAL D 235 6.03 25.69 -16.04
N GLY D 236 6.39 25.40 -17.28
CA GLY D 236 5.46 24.82 -18.28
C GLY D 236 5.14 25.77 -19.41
N THR D 237 5.50 27.02 -19.26
CA THR D 237 5.17 28.09 -20.24
C THR D 237 6.07 28.01 -21.49
N GLY D 238 7.23 27.35 -21.45
CA GLY D 238 8.14 27.44 -22.62
C GLY D 238 8.88 28.76 -22.64
N LEU D 239 8.91 29.50 -21.54
CA LEU D 239 9.84 30.63 -21.36
C LEU D 239 11.23 30.26 -21.88
N ASN D 240 11.80 31.15 -22.74
CA ASN D 240 13.18 31.03 -23.25
C ASN D 240 13.30 29.87 -24.23
N THR D 241 12.21 29.39 -24.78
CA THR D 241 12.29 28.46 -25.93
C THR D 241 12.02 29.23 -27.21
N PRO D 242 12.70 28.88 -28.31
CA PRO D 242 12.29 29.38 -29.62
C PRO D 242 10.91 28.83 -30.05
N LYS D 243 10.13 29.62 -30.81
CA LYS D 243 8.84 29.17 -31.37
C LYS D 243 9.10 27.88 -32.16
N GLY D 244 8.30 26.84 -31.90
CA GLY D 244 8.41 25.54 -32.61
C GLY D 244 9.37 24.53 -31.99
N TYR D 245 10.09 24.88 -30.92
CA TYR D 245 11.09 23.98 -30.27
C TYR D 245 10.42 22.70 -29.76
N ASP D 246 9.26 22.84 -29.12
CA ASP D 246 8.61 21.68 -28.45
C ASP D 246 8.41 20.55 -29.46
N VAL D 247 7.86 20.87 -30.62
CA VAL D 247 7.56 19.84 -31.65
C VAL D 247 8.87 19.36 -32.28
N LYS D 248 9.78 20.28 -32.57
CA LYS D 248 11.00 19.89 -33.29
C LYS D 248 11.87 19.01 -32.39
N VAL D 249 11.99 19.34 -31.09
CA VAL D 249 12.88 18.52 -30.24
C VAL D 249 12.25 17.13 -29.99
N ALA D 250 10.91 17.03 -29.90
CA ALA D 250 10.24 15.72 -29.78
C ALA D 250 10.50 14.87 -31.05
N GLU D 251 10.50 15.51 -32.20
CA GLU D 251 10.77 14.84 -33.51
C GLU D 251 12.20 14.27 -33.51
N TYR D 252 13.20 15.04 -33.07
CA TYR D 252 14.58 14.52 -32.96
C TYR D 252 14.66 13.36 -31.97
N ILE D 253 13.97 13.47 -30.81
CA ILE D 253 14.02 12.32 -29.86
C ILE D 253 13.40 11.08 -30.52
N ALA D 254 12.31 11.24 -31.22
CA ALA D 254 11.63 10.11 -31.88
C ALA D 254 12.59 9.51 -32.91
N LYS D 255 13.25 10.36 -33.69
CA LYS D 255 14.23 9.86 -34.70
C LYS D 255 15.37 9.12 -34.04
N PHE D 256 16.01 9.69 -33.01
CA PHE D 256 17.22 9.07 -32.41
C PHE D 256 16.87 7.75 -31.71
N THR D 257 15.73 7.69 -31.00
CA THR D 257 15.33 6.47 -30.27
C THR D 257 14.60 5.45 -31.15
N GLY D 258 14.02 5.86 -32.26
CA GLY D 258 13.19 4.98 -33.09
C GLY D 258 11.85 4.71 -32.47
N LEU D 259 11.41 5.59 -31.56
CA LEU D 259 10.16 5.37 -30.78
C LEU D 259 9.24 6.56 -31.00
N PRO D 260 7.91 6.35 -30.92
CA PRO D 260 6.93 7.34 -31.34
C PRO D 260 6.61 8.45 -30.34
N PHE D 261 7.64 9.14 -29.87
CA PHE D 261 7.46 10.29 -28.95
C PHE D 261 6.81 11.47 -29.65
N ILE D 262 5.99 12.21 -28.90
CA ILE D 262 5.36 13.49 -29.31
C ILE D 262 5.48 14.48 -28.13
N THR D 263 5.37 15.75 -28.39
CA THR D 263 5.37 16.80 -27.37
C THR D 263 4.10 16.61 -26.54
N ALA D 264 4.21 16.88 -25.26
CA ALA D 264 3.07 16.73 -24.33
C ALA D 264 2.00 17.76 -24.69
N GLU D 265 0.73 17.35 -24.63
CA GLU D 265 -0.43 18.20 -24.92
C GLU D 265 -0.54 19.34 -23.90
N ASN D 266 -0.15 19.11 -22.64
CA ASN D 266 -0.27 20.15 -21.60
C ASN D 266 0.99 20.10 -20.74
N LYS D 267 1.86 21.09 -20.91
CA LYS D 267 3.18 21.09 -20.24
C LYS D 267 3.05 21.32 -18.73
N PHE D 268 1.94 21.87 -18.27
CA PHE D 268 1.68 22.08 -16.81
C PHE D 268 1.44 20.70 -16.19
N GLU D 269 0.58 19.89 -16.82
CA GLU D 269 0.38 18.47 -16.41
C GLU D 269 1.71 17.72 -16.47
N ALA D 270 2.56 18.04 -17.43
CA ALA D 270 3.78 17.25 -17.71
C ALA D 270 4.88 17.58 -16.71
N LEU D 271 4.78 18.71 -16.00
CA LEU D 271 5.79 19.13 -14.99
C LEU D 271 5.28 18.90 -13.57
N ALA D 272 4.00 19.23 -13.34
CA ALA D 272 3.41 19.26 -11.99
C ALA D 272 2.94 17.88 -11.54
N THR D 273 3.00 16.87 -12.40
CA THR D 273 2.54 15.51 -12.12
C THR D 273 3.45 14.49 -12.80
N HIS D 274 3.39 13.25 -12.35
CA HIS D 274 3.88 12.11 -13.12
C HIS D 274 2.69 11.15 -13.30
N ASP D 275 1.55 11.70 -13.68
CA ASP D 275 0.33 10.87 -13.79
C ASP D 275 0.53 9.77 -14.83
N ALA D 276 1.28 9.99 -15.91
CA ALA D 276 1.50 8.94 -16.93
C ALA D 276 2.28 7.75 -16.33
N ILE D 277 3.22 8.06 -15.43
CA ILE D 277 3.96 6.99 -14.72
C ILE D 277 3.01 6.23 -13.80
N VAL D 278 2.14 6.94 -13.11
CA VAL D 278 1.11 6.28 -12.25
C VAL D 278 0.25 5.37 -13.14
N GLU D 279 -0.17 5.87 -14.29
CA GLU D 279 -1.09 5.16 -15.21
C GLU D 279 -0.41 3.85 -15.66
N THR D 280 0.76 3.95 -16.27
CA THR D 280 1.46 2.79 -16.81
C THR D 280 1.84 1.84 -15.68
N HIS D 281 2.35 2.39 -14.56
CA HIS D 281 2.73 1.48 -13.46
C HIS D 281 1.52 0.71 -12.96
N GLY D 282 0.32 1.32 -12.95
CA GLY D 282 -0.89 0.59 -12.53
C GLY D 282 -1.09 -0.65 -13.40
N ALA D 283 -0.81 -0.54 -14.68
CA ALA D 283 -0.97 -1.67 -15.60
C ALA D 283 0.13 -2.71 -15.38
N LEU D 284 1.37 -2.30 -15.10
CA LEU D 284 2.44 -3.25 -14.69
C LEU D 284 2.01 -4.01 -13.43
N LYS D 285 1.41 -3.29 -12.50
CA LYS D 285 0.98 -3.91 -11.23
C LYS D 285 -0.16 -4.91 -11.51
N GLN D 286 -1.11 -4.57 -12.38
CA GLN D 286 -2.16 -5.51 -12.78
C GLN D 286 -1.52 -6.81 -13.32
N VAL D 287 -0.60 -6.68 -14.28
CA VAL D 287 0.13 -7.87 -14.81
C VAL D 287 0.83 -8.62 -13.67
N ALA D 288 1.48 -7.91 -12.76
CA ALA D 288 2.16 -8.58 -11.64
C ALA D 288 1.19 -9.34 -10.77
N MET D 289 -0.01 -8.82 -10.49
CA MET D 289 -0.92 -9.59 -9.63
C MET D 289 -1.35 -10.86 -10.41
N SER D 290 -1.53 -10.75 -11.72
CA SER D 290 -1.92 -11.93 -12.54
C SER D 290 -0.79 -12.99 -12.53
N LEU D 291 0.43 -12.50 -12.68
CA LEU D 291 1.61 -13.39 -12.67
C LEU D 291 1.75 -14.07 -11.31
N PHE D 292 1.46 -13.35 -10.23
CA PHE D 292 1.52 -13.95 -8.88
C PHE D 292 0.63 -15.19 -8.88
N LYS D 293 -0.64 -15.00 -9.27
CA LYS D 293 -1.67 -16.05 -9.24
C LYS D 293 -1.22 -17.23 -10.12
N ILE D 294 -0.72 -16.94 -11.31
CA ILE D 294 -0.30 -18.01 -12.26
C ILE D 294 0.84 -18.81 -11.63
N ALA D 295 1.83 -18.12 -11.12
CA ALA D 295 3.00 -18.79 -10.50
C ALA D 295 2.54 -19.60 -9.30
N ASN D 296 1.66 -19.04 -8.48
CA ASN D 296 1.21 -19.73 -7.25
C ASN D 296 0.43 -20.98 -7.65
N ASP D 297 -0.41 -20.88 -8.65
CA ASP D 297 -1.13 -22.09 -9.14
C ASP D 297 -0.16 -23.16 -9.63
N ILE D 298 0.84 -22.76 -10.36
CA ILE D 298 1.79 -23.78 -10.93
C ILE D 298 2.51 -24.47 -9.78
N ARG D 299 2.93 -23.75 -8.73
CA ARG D 299 3.60 -24.47 -7.62
C ARG D 299 2.58 -25.30 -6.85
N LEU D 300 1.33 -24.89 -6.69
CA LEU D 300 0.36 -25.76 -6.00
C LEU D 300 0.16 -27.04 -6.84
N LEU D 301 0.03 -26.86 -8.13
CA LEU D 301 -0.24 -28.03 -9.01
C LEU D 301 0.95 -28.98 -9.02
N ALA D 302 2.15 -28.44 -8.88
CA ALA D 302 3.41 -29.24 -8.89
C ALA D 302 3.73 -29.81 -7.52
N SER D 303 3.01 -29.42 -6.49
CA SER D 303 3.38 -29.78 -5.09
C SER D 303 3.52 -31.28 -4.92
N GLY D 304 4.48 -31.66 -4.11
CA GLY D 304 4.68 -33.08 -3.77
C GLY D 304 6.16 -33.41 -3.68
N PRO D 305 6.68 -34.47 -4.33
CA PRO D 305 5.97 -35.20 -5.39
C PRO D 305 5.02 -36.28 -4.93
N ARG D 306 4.99 -36.62 -3.65
CA ARG D 306 4.18 -37.76 -3.14
C ARG D 306 3.10 -37.29 -2.17
N SER D 307 3.31 -36.22 -1.41
CA SER D 307 2.40 -35.84 -0.31
C SER D 307 1.75 -34.49 -0.53
N GLY D 308 1.64 -34.06 -1.79
CA GLY D 308 0.88 -32.85 -2.16
C GLY D 308 -0.22 -33.07 -3.16
N ILE D 309 -0.33 -32.18 -4.13
CA ILE D 309 -1.33 -32.28 -5.24
C ILE D 309 -0.69 -33.07 -6.39
N GLY D 310 0.40 -32.58 -6.98
CA GLY D 310 1.20 -33.42 -7.90
C GLY D 310 0.54 -33.64 -9.27
N GLU D 311 -0.31 -32.73 -9.74
CA GLU D 311 -1.01 -32.91 -11.03
C GLU D 311 -0.08 -32.58 -12.19
N ILE D 312 0.95 -31.75 -12.01
CA ILE D 312 1.86 -31.41 -13.14
C ILE D 312 3.29 -31.73 -12.72
N LEU D 313 4.15 -31.87 -13.72
CA LEU D 313 5.59 -32.07 -13.60
C LEU D 313 6.20 -30.80 -14.17
N ILE D 314 7.10 -30.21 -13.42
CA ILE D 314 7.85 -29.02 -13.89
C ILE D 314 9.32 -29.37 -14.06
N PRO D 315 10.06 -28.61 -14.88
CA PRO D 315 11.49 -28.81 -14.97
C PRO D 315 12.15 -28.70 -13.61
N GLU D 316 13.07 -29.61 -13.40
CA GLU D 316 13.88 -29.74 -12.16
C GLU D 316 15.27 -29.14 -12.42
N ASN D 317 15.50 -27.90 -11.97
CA ASN D 317 16.65 -27.13 -12.48
C ASN D 317 17.84 -27.15 -11.52
N GLU D 318 17.64 -27.37 -10.23
CA GLU D 318 18.74 -27.28 -9.26
C GLU D 318 18.29 -27.97 -7.99
N PRO D 319 19.23 -28.42 -7.12
CA PRO D 319 18.88 -28.93 -5.82
C PRO D 319 18.07 -27.88 -5.05
N GLY D 320 17.03 -28.32 -4.36
CA GLY D 320 16.16 -27.39 -3.63
C GLY D 320 16.55 -27.17 -2.17
N SER D 321 17.40 -28.00 -1.58
CA SER D 321 17.66 -27.93 -0.14
C SER D 321 19.13 -28.19 0.09
N SER D 322 19.68 -27.54 1.09
CA SER D 322 21.04 -27.86 1.61
C SER D 322 21.03 -29.10 2.52
N ILE D 323 19.88 -29.49 3.05
CA ILE D 323 19.76 -30.56 4.08
C ILE D 323 18.91 -31.72 3.53
N MET D 324 17.82 -31.44 2.79
CA MET D 324 16.89 -32.52 2.35
C MET D 324 17.39 -33.04 1.00
N PRO D 325 18.03 -34.23 0.98
CA PRO D 325 18.78 -34.63 -0.19
C PRO D 325 17.85 -35.11 -1.29
N GLY D 326 17.97 -34.57 -2.49
CA GLY D 326 17.10 -34.97 -3.61
C GLY D 326 15.85 -34.12 -3.72
N LYS D 327 15.66 -33.16 -2.83
CA LYS D 327 14.49 -32.26 -2.89
C LYS D 327 14.66 -31.31 -4.07
N VAL D 328 13.55 -30.99 -4.73
CA VAL D 328 13.55 -30.02 -5.86
C VAL D 328 12.33 -29.12 -5.67
N ASN D 329 12.51 -27.82 -5.85
CA ASN D 329 11.47 -26.84 -5.51
C ASN D 329 11.07 -26.06 -6.74
N PRO D 330 9.86 -25.49 -6.73
CA PRO D 330 9.37 -24.65 -7.83
C PRO D 330 9.96 -23.23 -7.72
N THR D 331 11.28 -23.13 -7.95
CA THR D 331 12.05 -21.92 -7.60
C THR D 331 11.77 -20.80 -8.60
N GLN D 332 11.48 -21.11 -9.86
CA GLN D 332 11.09 -20.05 -10.82
C GLN D 332 9.74 -19.44 -10.38
N CYS D 333 8.81 -20.25 -9.88
CA CYS D 333 7.52 -19.72 -9.38
C CYS D 333 7.81 -18.73 -8.23
N GLU D 334 8.75 -19.07 -7.35
CA GLU D 334 9.07 -18.26 -6.16
C GLU D 334 9.63 -16.92 -6.62
N ALA D 335 10.55 -16.91 -7.56
CA ALA D 335 11.12 -15.65 -8.08
C ALA D 335 10.00 -14.77 -8.62
N MET D 336 9.06 -15.35 -9.37
CA MET D 336 7.93 -14.60 -9.95
C MET D 336 7.07 -14.01 -8.84
N THR D 337 6.70 -14.79 -7.83
CA THR D 337 5.85 -14.27 -6.71
C THR D 337 6.58 -13.18 -5.94
N MET D 338 7.89 -13.27 -5.81
CA MET D 338 8.64 -12.22 -5.07
C MET D 338 8.69 -10.94 -5.91
N VAL D 339 8.95 -11.06 -7.20
CA VAL D 339 8.94 -9.89 -8.12
C VAL D 339 7.55 -9.25 -8.05
N ALA D 340 6.48 -10.03 -8.05
CA ALA D 340 5.15 -9.44 -7.96
C ALA D 340 4.94 -8.64 -6.67
N ALA D 341 5.41 -9.16 -5.54
CA ALA D 341 5.32 -8.48 -4.23
C ALA D 341 6.08 -7.16 -4.30
N GLN D 342 7.24 -7.16 -4.98
CA GLN D 342 8.01 -5.91 -5.12
C GLN D 342 7.24 -4.92 -5.97
N VAL D 343 6.59 -5.36 -7.05
CA VAL D 343 5.85 -4.43 -7.94
C VAL D 343 4.66 -3.80 -7.20
N LEU D 344 3.99 -4.57 -6.32
CA LEU D 344 2.86 -3.95 -5.58
C LEU D 344 3.42 -2.81 -4.70
N GLY D 345 4.48 -3.05 -3.94
CA GLY D 345 5.05 -1.98 -3.08
C GLY D 345 5.52 -0.81 -3.94
N ASN D 346 6.12 -1.08 -5.10
CA ASN D 346 6.52 0.01 -6.01
C ASN D 346 5.29 0.84 -6.42
N ASP D 347 4.15 0.19 -6.58
CA ASP D 347 2.92 0.91 -6.94
C ASP D 347 2.48 1.81 -5.79
N THR D 348 2.58 1.34 -4.54
CA THR D 348 2.29 2.22 -3.38
C THR D 348 3.20 3.47 -3.48
N THR D 349 4.50 3.23 -3.59
CA THR D 349 5.48 4.35 -3.61
C THR D 349 5.15 5.31 -4.76
N ILE D 350 4.91 4.82 -5.95
CA ILE D 350 4.67 5.69 -7.13
C ILE D 350 3.35 6.45 -6.94
N SER D 351 2.31 5.78 -6.41
CA SER D 351 0.99 6.42 -6.26
C SER D 351 1.11 7.52 -5.21
N PHE D 352 1.73 7.23 -4.05
CA PHE D 352 1.93 8.24 -3.00
C PHE D 352 2.70 9.40 -3.59
N ALA D 353 3.87 9.14 -4.16
CA ALA D 353 4.67 10.24 -4.76
C ALA D 353 3.85 11.03 -5.79
N GLY D 354 3.07 10.34 -6.61
CA GLY D 354 2.33 11.02 -7.67
C GLY D 354 1.26 11.95 -7.16
N SER D 355 0.77 11.77 -5.95
CA SER D 355 -0.18 12.71 -5.29
C SER D 355 0.49 13.97 -4.75
N GLN D 356 1.82 14.01 -4.71
CA GLN D 356 2.53 14.97 -3.82
C GLN D 356 3.11 16.16 -4.59
N GLY D 357 2.73 16.37 -5.84
CA GLY D 357 3.13 17.59 -6.55
C GLY D 357 2.70 18.84 -5.81
N HIS D 358 3.46 19.91 -5.95
CA HIS D 358 3.10 21.24 -5.44
C HIS D 358 3.18 22.24 -6.58
N PHE D 359 2.09 22.97 -6.82
CA PHE D 359 2.10 24.11 -7.76
C PHE D 359 2.66 23.60 -9.09
N GLU D 360 3.74 24.18 -9.61
CA GLU D 360 4.17 23.90 -10.99
C GLU D 360 5.03 22.67 -11.08
N LEU D 361 5.41 21.98 -10.00
CA LEU D 361 6.38 20.86 -10.14
C LEU D 361 6.12 19.74 -9.12
N ASN D 362 6.14 18.50 -9.61
CA ASN D 362 6.23 17.28 -8.79
C ASN D 362 7.71 17.07 -8.52
N VAL D 363 8.12 17.14 -7.25
CA VAL D 363 9.54 16.97 -6.84
C VAL D 363 9.71 15.61 -6.15
N PHE D 364 9.22 14.56 -6.81
CA PHE D 364 9.46 13.16 -6.42
C PHE D 364 9.94 12.41 -7.64
N LYS D 365 10.62 13.10 -8.57
CA LYS D 365 10.87 12.51 -9.91
C LYS D 365 11.82 11.31 -9.80
N PRO D 366 12.97 11.40 -9.10
CA PRO D 366 13.88 10.26 -9.15
C PRO D 366 13.31 9.00 -8.51
N VAL D 367 12.57 9.12 -7.41
CA VAL D 367 12.04 7.91 -6.72
C VAL D 367 10.94 7.31 -7.59
N MET D 368 10.13 8.10 -8.27
CA MET D 368 9.13 7.54 -9.20
C MET D 368 9.85 6.86 -10.39
N ALA D 369 10.88 7.48 -10.94
CA ALA D 369 11.61 6.89 -12.08
C ALA D 369 12.26 5.56 -11.68
N ALA D 370 12.97 5.50 -10.55
CA ALA D 370 13.74 4.30 -10.17
C ALA D 370 12.76 3.15 -9.88
N ASN D 371 11.67 3.44 -9.20
CA ASN D 371 10.70 2.37 -8.89
C ASN D 371 10.06 1.90 -10.18
N PHE D 372 9.72 2.81 -11.08
CA PHE D 372 9.06 2.43 -12.34
C PHE D 372 9.97 1.49 -13.12
N LEU D 373 11.23 1.90 -13.30
CA LEU D 373 12.17 1.10 -14.13
C LEU D 373 12.48 -0.24 -13.46
N GLN D 374 12.49 -0.32 -12.14
CA GLN D 374 12.68 -1.62 -11.47
C GLN D 374 11.53 -2.53 -11.85
N SER D 375 10.29 -2.04 -11.74
CA SER D 375 9.12 -2.92 -12.00
C SER D 375 9.19 -3.39 -13.45
N ALA D 376 9.44 -2.45 -14.35
CA ALA D 376 9.42 -2.80 -15.79
C ALA D 376 10.52 -3.82 -16.08
N GLN D 377 11.69 -3.62 -15.53
CA GLN D 377 12.82 -4.55 -15.77
C GLN D 377 12.55 -5.89 -15.11
N LEU D 378 12.14 -5.93 -13.84
CA LEU D 378 12.02 -7.22 -13.15
C LEU D 378 10.88 -8.05 -13.74
N ILE D 379 9.79 -7.43 -14.17
CA ILE D 379 8.70 -8.15 -14.86
C ILE D 379 9.27 -8.77 -16.15
N ALA D 380 10.01 -8.02 -16.94
CA ALA D 380 10.59 -8.52 -18.20
C ALA D 380 11.50 -9.70 -17.88
N ASP D 381 12.41 -9.52 -16.91
CA ASP D 381 13.43 -10.56 -16.66
C ASP D 381 12.78 -11.85 -16.13
N VAL D 382 11.81 -11.70 -15.22
CA VAL D 382 11.23 -12.90 -14.55
C VAL D 382 10.27 -13.62 -15.51
N CYS D 383 9.65 -12.89 -16.44
CA CYS D 383 8.80 -13.56 -17.45
C CYS D 383 9.69 -14.40 -18.39
N ILE D 384 10.82 -13.85 -18.80
CA ILE D 384 11.76 -14.62 -19.67
C ILE D 384 12.26 -15.84 -18.90
N SER D 385 12.67 -15.67 -17.63
CA SER D 385 13.25 -16.75 -16.81
C SER D 385 12.19 -17.84 -16.59
N PHE D 386 10.99 -17.43 -16.25
CA PHE D 386 9.90 -18.36 -15.95
C PHE D 386 9.55 -19.16 -17.20
N ASP D 387 9.49 -18.46 -18.33
CA ASP D 387 9.17 -19.12 -19.62
C ASP D 387 10.25 -20.17 -19.88
N GLU D 388 11.52 -19.76 -19.85
CA GLU D 388 12.62 -20.64 -20.27
C GLU D 388 12.75 -21.87 -19.37
N HIS D 389 12.68 -21.65 -18.08
CA HIS D 389 13.08 -22.62 -17.05
C HIS D 389 11.91 -23.26 -16.34
N CYS D 390 10.67 -22.92 -16.69
CA CYS D 390 9.49 -23.57 -16.09
C CYS D 390 8.40 -23.77 -17.12
N ALA D 391 7.76 -22.72 -17.62
CA ALA D 391 6.47 -22.88 -18.31
C ALA D 391 6.63 -23.75 -19.56
N THR D 392 7.70 -23.57 -20.36
CA THR D 392 7.89 -24.35 -21.61
C THR D 392 7.98 -25.84 -21.33
N GLY D 393 8.37 -26.30 -20.15
CA GLY D 393 8.57 -27.74 -19.88
C GLY D 393 7.49 -28.35 -19.00
N ILE D 394 6.42 -27.64 -18.73
CA ILE D 394 5.32 -28.23 -17.92
C ILE D 394 4.73 -29.42 -18.67
N GLN D 395 4.47 -30.49 -17.92
CA GLN D 395 3.76 -31.65 -18.51
C GLN D 395 2.80 -32.18 -17.45
N PRO D 396 1.74 -32.89 -17.84
CA PRO D 396 0.79 -33.47 -16.88
C PRO D 396 1.42 -34.67 -16.18
N ASN D 397 1.05 -34.90 -14.93
CA ASN D 397 1.31 -36.18 -14.23
C ASN D 397 0.03 -36.99 -14.39
N THR D 398 -0.12 -37.71 -15.51
CA THR D 398 -1.45 -38.22 -15.93
C THR D 398 -2.06 -39.16 -14.90
N PRO D 399 -1.34 -40.17 -14.33
CA PRO D 399 -1.97 -41.10 -13.37
C PRO D 399 -2.51 -40.36 -12.13
N ARG D 400 -1.77 -39.37 -11.68
CA ARG D 400 -2.20 -38.58 -10.51
C ARG D 400 -3.44 -37.75 -10.86
N ILE D 401 -3.42 -37.10 -12.01
CA ILE D 401 -4.61 -36.37 -12.49
C ILE D 401 -5.81 -37.30 -12.52
N GLN D 402 -5.65 -38.49 -13.05
CA GLN D 402 -6.79 -39.39 -13.24
C GLN D 402 -7.35 -39.79 -11.87
N HIS D 403 -6.48 -40.10 -10.92
CA HIS D 403 -6.93 -40.49 -9.56
C HIS D 403 -7.73 -39.35 -8.92
N LEU D 404 -7.18 -38.14 -9.00
CA LEU D 404 -7.78 -36.98 -8.32
C LEU D 404 -9.09 -36.64 -9.00
N LEU D 405 -9.18 -36.84 -10.31
CA LEU D 405 -10.45 -36.65 -11.02
C LEU D 405 -11.53 -37.62 -10.57
N ASP D 406 -11.19 -38.90 -10.59
CA ASP D 406 -12.21 -39.92 -10.30
C ASP D 406 -12.60 -39.88 -8.83
N SER D 407 -11.76 -39.30 -7.96
CA SER D 407 -11.97 -39.28 -6.50
C SER D 407 -12.98 -38.21 -6.10
N SER D 408 -13.23 -37.19 -6.91
CA SER D 408 -14.05 -36.06 -6.45
C SER D 408 -15.50 -36.48 -6.23
N LEU D 409 -16.05 -36.16 -5.08
CA LEU D 409 -17.49 -36.40 -4.83
C LEU D 409 -18.33 -35.39 -5.61
N MET D 410 -17.73 -34.28 -6.05
CA MET D 410 -18.54 -33.25 -6.75
C MET D 410 -18.75 -33.60 -8.22
N LEU D 411 -18.35 -34.78 -8.68
CA LEU D 411 -18.84 -35.33 -9.96
C LEU D 411 -20.36 -35.53 -9.84
N VAL D 412 -20.91 -35.58 -8.63
CA VAL D 412 -22.38 -35.74 -8.44
C VAL D 412 -23.17 -34.60 -9.07
N THR D 413 -22.51 -33.46 -9.35
CA THR D 413 -23.14 -32.26 -9.96
C THR D 413 -23.76 -32.61 -11.32
N ALA D 414 -23.25 -33.67 -11.95
CA ALA D 414 -23.78 -34.09 -13.26
C ALA D 414 -25.20 -34.58 -13.07
N LEU D 415 -25.59 -34.97 -11.86
CA LEU D 415 -26.95 -35.53 -11.63
C LEU D 415 -28.00 -34.43 -11.39
N ASN D 416 -27.63 -33.17 -11.18
CA ASN D 416 -28.61 -32.14 -10.81
C ASN D 416 -29.83 -32.10 -11.72
N THR D 417 -29.63 -32.04 -13.04
CA THR D 417 -30.79 -31.90 -13.96
C THR D 417 -31.55 -33.21 -14.09
N HIS D 418 -31.04 -34.33 -13.58
CA HIS D 418 -31.79 -35.63 -13.59
C HIS D 418 -32.58 -35.82 -12.28
N ILE D 419 -32.00 -35.56 -11.11
CA ILE D 419 -32.66 -35.93 -9.82
C ILE D 419 -32.84 -34.72 -8.91
N GLY D 420 -32.32 -33.55 -9.26
CA GLY D 420 -32.48 -32.35 -8.45
C GLY D 420 -31.37 -32.19 -7.44
N TYR D 421 -31.14 -30.97 -7.01
CA TYR D 421 -30.02 -30.61 -6.11
C TYR D 421 -30.08 -31.42 -4.80
N GLU D 422 -31.25 -31.50 -4.16
CA GLU D 422 -31.33 -32.09 -2.81
C GLU D 422 -30.97 -33.58 -2.91
N ASN D 423 -31.52 -34.28 -3.88
CA ASN D 423 -31.23 -35.74 -4.01
C ASN D 423 -29.75 -35.96 -4.28
N ALA D 424 -29.14 -35.15 -5.14
CA ALA D 424 -27.72 -35.30 -5.47
C ALA D 424 -26.90 -35.03 -4.20
N ALA D 425 -27.26 -34.02 -3.41
CA ALA D 425 -26.55 -33.72 -2.15
C ALA D 425 -26.56 -34.94 -1.22
N LYS D 426 -27.68 -35.61 -1.08
CA LYS D 426 -27.77 -36.80 -0.21
C LYS D 426 -26.76 -37.84 -0.68
N ILE D 427 -26.55 -38.04 -1.99
CA ILE D 427 -25.59 -39.06 -2.49
C ILE D 427 -24.19 -38.68 -2.02
N ALA D 428 -23.77 -37.44 -2.30
CA ALA D 428 -22.39 -37.03 -1.97
C ALA D 428 -22.20 -37.03 -0.45
N LYS D 429 -23.17 -36.54 0.29
CA LYS D 429 -22.97 -36.50 1.77
C LYS D 429 -22.88 -37.92 2.32
N THR D 430 -23.65 -38.85 1.76
CA THR D 430 -23.69 -40.24 2.27
C THR D 430 -22.37 -40.90 1.93
N ALA D 431 -21.83 -40.69 0.72
CA ALA D 431 -20.51 -41.27 0.35
C ALA D 431 -19.41 -40.71 1.25
N HIS D 432 -19.44 -39.41 1.51
CA HIS D 432 -18.45 -38.75 2.41
C HIS D 432 -18.52 -39.38 3.79
N LYS D 433 -19.71 -39.50 4.38
CA LYS D 433 -19.79 -40.05 5.75
C LYS D 433 -19.33 -41.49 5.80
N ASN D 434 -19.65 -42.27 4.79
CA ASN D 434 -19.44 -43.73 4.84
C ASN D 434 -18.05 -44.12 4.34
N GLY D 435 -17.33 -43.23 3.61
CA GLY D 435 -16.08 -43.62 2.98
C GLY D 435 -16.28 -44.42 1.73
N THR D 436 -17.42 -44.26 1.08
CA THR D 436 -17.81 -45.04 -0.08
C THR D 436 -17.77 -44.18 -1.33
N THR D 437 -18.12 -44.78 -2.46
CA THR D 437 -18.21 -44.08 -3.75
C THR D 437 -19.61 -43.51 -3.97
N LEU D 438 -19.67 -42.49 -4.82
CA LEU D 438 -20.96 -41.92 -5.22
C LEU D 438 -21.88 -43.00 -5.77
N ARG D 439 -21.33 -43.89 -6.58
CA ARG D 439 -22.15 -44.91 -7.28
C ARG D 439 -22.78 -45.87 -6.26
N GLU D 440 -21.97 -46.33 -5.30
CA GLU D 440 -22.44 -47.23 -4.21
C GLU D 440 -23.60 -46.59 -3.46
N GLU D 441 -23.55 -45.29 -3.19
CA GLU D 441 -24.61 -44.66 -2.39
C GLU D 441 -25.80 -44.25 -3.25
N ALA D 442 -25.61 -43.89 -4.51
CA ALA D 442 -26.76 -43.61 -5.38
C ALA D 442 -27.66 -44.85 -5.37
N ILE D 443 -27.02 -46.02 -5.43
CA ILE D 443 -27.76 -47.30 -5.46
C ILE D 443 -28.38 -47.61 -4.10
N ASN D 444 -27.58 -47.51 -3.06
CA ASN D 444 -28.06 -47.87 -1.70
C ASN D 444 -29.20 -46.93 -1.24
N LEU D 445 -29.20 -45.66 -1.64
CA LEU D 445 -30.21 -44.68 -1.19
C LEU D 445 -31.47 -44.83 -2.06
N GLY D 446 -31.37 -45.57 -3.15
CA GLY D 446 -32.54 -45.81 -4.03
C GLY D 446 -32.84 -44.58 -4.88
N LEU D 447 -31.82 -43.74 -5.12
CA LEU D 447 -32.05 -42.42 -5.75
C LEU D 447 -31.68 -42.49 -7.23
N VAL D 448 -30.72 -43.31 -7.63
CA VAL D 448 -30.30 -43.46 -9.06
C VAL D 448 -30.01 -44.93 -9.26
N SER D 449 -30.52 -45.52 -10.32
CA SER D 449 -30.12 -46.91 -10.64
C SER D 449 -28.66 -46.94 -11.02
N ALA D 450 -28.03 -48.10 -10.81
CA ALA D 450 -26.64 -48.32 -11.23
C ALA D 450 -26.50 -47.96 -12.69
N GLU D 451 -27.51 -48.31 -13.46
CA GLU D 451 -27.47 -48.10 -14.94
C GLU D 451 -27.55 -46.61 -15.28
N ASP D 452 -28.49 -45.85 -14.73
CA ASP D 452 -28.57 -44.39 -14.99
C ASP D 452 -27.28 -43.72 -14.45
N PHE D 453 -26.76 -44.13 -13.30
CA PHE D 453 -25.57 -43.45 -12.73
C PHE D 453 -24.45 -43.52 -13.75
N ASP D 454 -24.23 -44.71 -14.32
CA ASP D 454 -23.11 -44.91 -15.24
C ASP D 454 -23.30 -44.09 -16.53
N LYS D 455 -24.53 -43.87 -16.98
CA LYS D 455 -24.80 -43.01 -18.19
C LYS D 455 -24.59 -41.53 -17.86
N TRP D 456 -24.99 -41.12 -16.66
CA TRP D 456 -25.22 -39.67 -16.33
C TRP D 456 -23.93 -39.04 -15.76
N VAL D 457 -22.99 -39.81 -15.20
CA VAL D 457 -21.80 -39.27 -14.47
C VAL D 457 -20.56 -39.66 -15.25
N VAL D 458 -20.21 -38.84 -16.24
CA VAL D 458 -19.05 -39.11 -17.13
C VAL D 458 -18.16 -37.88 -17.17
N PRO D 459 -16.99 -37.86 -16.49
CA PRO D 459 -16.19 -36.64 -16.40
C PRO D 459 -15.86 -35.99 -17.74
N ALA D 460 -15.61 -36.77 -18.80
CA ALA D 460 -15.26 -36.19 -20.11
C ALA D 460 -16.44 -35.41 -20.72
N ASP D 461 -17.64 -35.61 -20.22
CA ASP D 461 -18.85 -34.95 -20.77
C ASP D 461 -19.16 -33.71 -19.95
N MET D 462 -18.34 -33.42 -18.93
CA MET D 462 -18.62 -32.32 -17.97
C MET D 462 -17.72 -31.10 -18.23
N VAL D 463 -17.05 -31.01 -19.39
CA VAL D 463 -16.05 -29.93 -19.62
C VAL D 463 -16.55 -29.01 -20.73
N GLY D 464 -17.84 -29.03 -21.05
CA GLY D 464 -18.39 -28.16 -22.11
C GLY D 464 -17.96 -28.62 -23.49
N SER D 465 -18.00 -27.72 -24.49
CA SER D 465 -17.39 -27.86 -25.86
C SER D 465 -18.27 -27.15 -26.88
C1 GOL E . -30.06 -3.66 1.94
O1 GOL E . -29.71 -2.61 1.05
C2 GOL E . -28.80 -4.36 2.43
O2 GOL E . -27.95 -3.47 3.16
C3 GOL E . -28.06 -4.96 1.27
O3 GOL E . -27.12 -5.91 1.71
C1 GOL F . -0.59 46.86 -10.96
O1 GOL F . -1.47 46.75 -12.07
C2 GOL F . 0.69 46.12 -11.24
O2 GOL F . 0.46 44.76 -11.57
C3 GOL F . 1.67 46.15 -10.09
O3 GOL F . 2.96 45.83 -10.59
C1 GOL G . 12.78 37.90 -23.52
O1 GOL G . 13.15 39.22 -23.88
C2 GOL G . 11.82 37.91 -22.35
O2 GOL G . 10.64 38.65 -22.68
C3 GOL G . 11.52 36.51 -21.85
O3 GOL G . 10.48 35.87 -22.58
C1 GOL H . -32.81 -10.13 -25.43
O1 GOL H . -33.41 -9.01 -26.07
C2 GOL H . -32.40 -11.13 -26.48
O2 GOL H . -33.46 -11.26 -27.44
C3 GOL H . -32.12 -12.50 -25.89
O3 GOL H . -31.61 -13.36 -26.89
C1 GOL I . -2.53 39.94 -12.52
O1 GOL I . -1.13 39.87 -12.32
C2 GOL I . -2.84 40.65 -13.81
O2 GOL I . -2.49 39.80 -14.91
C3 GOL I . -4.27 41.15 -13.92
O3 GOL I . -5.20 40.27 -13.27
C1 GOL J . 24.21 50.30 -1.83
O1 GOL J . 22.86 50.33 -2.30
C2 GOL J . 25.18 50.55 -2.95
O2 GOL J . 24.74 49.92 -4.15
C3 GOL J . 26.59 50.11 -2.60
O3 GOL J . 27.56 50.90 -3.30
C1 GOL K . 8.33 43.73 -5.66
O1 GOL K . 7.17 43.81 -4.84
C2 GOL K . 8.64 45.02 -6.41
O2 GOL K . 8.86 46.17 -5.57
C3 GOL K . 9.87 44.88 -7.27
O3 GOL K . 9.57 44.11 -8.43
C1 GOL L . -24.23 8.69 -2.52
O1 GOL L . -23.12 8.18 -1.78
C2 GOL L . -25.06 9.62 -1.67
O2 GOL L . -25.20 9.05 -0.36
C3 GOL L . -24.46 11.00 -1.52
O3 GOL L . -25.27 12.00 -2.10
C1 GOL M . -25.52 7.46 14.83
O1 GOL M . -24.87 6.33 15.40
C2 GOL M . -24.64 8.11 13.78
O2 GOL M . -24.42 7.21 12.69
C3 GOL M . -23.31 8.57 14.33
O3 GOL M . -22.61 9.37 13.39
C1 GOL N . -19.76 -34.13 1.70
O1 GOL N . -20.76 -33.23 2.18
C2 GOL N . -18.40 -33.48 1.42
O2 GOL N . -18.41 -32.87 0.13
C3 GOL N . -17.97 -32.45 2.44
O3 GOL N . -16.62 -32.03 2.25
C1 GOL O . -39.21 28.72 28.73
O1 GOL O . -37.95 28.66 28.09
C2 GOL O . -40.33 29.21 27.84
O2 GOL O . -40.58 28.30 26.77
C3 GOL O . -41.58 29.48 28.64
O3 GOL O . -42.77 29.35 27.88
C1 GOL P . -16.17 -0.31 2.07
O1 GOL P . -17.47 0.18 1.76
C2 GOL P . -16.27 -1.52 2.97
O2 GOL P . -17.01 -1.18 4.13
C3 GOL P . -14.93 -2.07 3.36
O3 GOL P . -14.14 -1.01 3.87
C1 GOL Q . 26.78 -9.58 -2.24
O1 GOL Q . 25.72 -10.27 -2.89
C2 GOL Q . 27.70 -9.04 -3.31
O2 GOL Q . 27.06 -7.98 -4.01
C3 GOL Q . 29.07 -8.66 -2.77
O3 GOL Q . 28.96 -7.60 -1.82
C1 GOL R . 19.03 34.41 -4.27
O1 GOL R . 20.01 33.47 -4.68
C2 GOL R . 17.74 33.75 -3.80
O2 GOL R . 17.13 33.17 -4.96
C3 GOL R . 17.87 32.71 -2.71
O3 GOL R . 16.60 32.08 -2.42
C1 GOL S . 22.79 30.41 3.64
O1 GOL S . 23.36 29.10 3.60
C2 GOL S . 22.49 30.81 5.07
O2 GOL S . 23.55 30.42 5.93
C3 GOL S . 21.21 30.21 5.61
O3 GOL S . 20.10 30.55 4.79
C1 GOL T . 26.62 4.55 -14.26
O1 GOL T . 25.73 3.71 -15.01
C2 GOL T . 25.89 5.27 -13.14
O2 GOL T . 25.59 4.33 -12.10
C3 GOL T . 24.67 5.99 -13.64
O3 GOL T . 24.08 6.82 -12.64
C1 GOL U . 18.57 -7.06 -16.82
O1 GOL U . 18.03 -6.74 -15.55
C2 GOL U . 19.64 -8.13 -16.71
O2 GOL U . 20.59 -7.76 -15.70
C3 GOL U . 19.09 -9.50 -16.42
O3 GOL U . 20.00 -10.49 -16.87
C1 GOL V . 25.40 3.92 2.90
O1 GOL V . 24.18 3.76 2.21
C2 GOL V . 26.32 4.83 2.10
O2 GOL V . 26.43 4.35 0.77
C3 GOL V . 25.84 6.28 2.06
O3 GOL V . 26.68 7.11 1.27
C1 GOL W . 12.01 -34.96 -6.65
O1 GOL W . 10.88 -34.19 -6.24
C2 GOL W . 12.33 -36.00 -5.60
O2 GOL W . 12.49 -35.33 -4.34
C3 GOL W . 13.57 -36.84 -5.88
O3 GOL W . 14.61 -36.10 -6.50
#